data_7SVS
#
_entry.id   7SVS
#
_cell.length_a   95.170
_cell.length_b   110.620
_cell.length_c   180.930
_cell.angle_alpha   90.000
_cell.angle_beta   90.000
_cell.angle_gamma   90.000
#
_symmetry.space_group_name_H-M   'P 21 21 21'
#
loop_
_entity.id
_entity.type
_entity.pdbx_description
1 polymer 'Superoxide dismutase'
2 non-polymer 'MANGANESE (II) ION'
3 water water
#
_entity_poly.entity_id   1
_entity_poly.type   'polypeptide(L)'
_entity_poly.pdbx_seq_one_letter_code
;MSVGTFSLPALPYAYDALEPSISAQIMELHHSKHHQTYVTNLNNALKTYSTALAANDVPSQIALQAAIKFNGAGHINHSL
FWENLCPASSPDADPASAPELTAEIAKTWGSLDKFKEAMGKALLGIQGSGWGWLVKEGSGLRIVTTKDQDPVVGGEVPVF
GIDMWEHAYYLQYLNGKAAYVDNIWKVINWKTAEQRFKGDREDAFKILKASL
;
_entity_poly.pdbx_strand_id   A,B,C,D,E,F,G,H
#
loop_
_chem_comp.id
_chem_comp.type
_chem_comp.name
_chem_comp.formula
MN non-polymer 'MANGANESE (II) ION' 'Mn 2'
#
# COMPACT_ATOMS: atom_id res chain seq x y z
N VAL A 3 -30.40 0.10 20.57
CA VAL A 3 -31.25 0.68 19.52
C VAL A 3 -30.49 0.74 18.18
N GLY A 4 -29.29 1.32 18.22
CA GLY A 4 -28.48 1.38 17.02
C GLY A 4 -27.33 0.41 17.09
N THR A 5 -26.11 0.89 16.84
CA THR A 5 -24.93 0.04 16.96
C THR A 5 -24.23 0.20 18.31
N PHE A 6 -24.06 1.44 18.78
CA PHE A 6 -23.47 1.76 20.08
C PHE A 6 -24.36 2.76 20.77
N SER A 7 -24.25 2.82 22.09
CA SER A 7 -25.07 3.77 22.83
C SER A 7 -24.43 4.03 24.18
N LEU A 8 -24.73 5.22 24.73
CA LEU A 8 -24.26 5.56 26.06
C LEU A 8 -24.92 4.67 27.10
N PRO A 9 -24.17 4.00 27.97
CA PRO A 9 -24.81 3.18 28.98
C PRO A 9 -25.23 4.04 30.15
N ALA A 10 -26.30 3.61 30.83
CA ALA A 10 -26.73 4.33 32.03
C ALA A 10 -25.71 4.09 33.15
N LEU A 11 -25.53 5.11 33.99
CA LEU A 11 -24.66 4.93 35.14
C LEU A 11 -25.31 3.97 36.13
N PRO A 12 -24.52 3.20 36.88
CA PRO A 12 -25.13 2.29 37.88
C PRO A 12 -25.47 3.00 39.20
N TYR A 13 -25.50 4.33 39.18
CA TYR A 13 -25.65 5.14 40.37
C TYR A 13 -25.96 6.56 39.94
N ALA A 14 -26.44 7.35 40.88
CA ALA A 14 -26.87 8.71 40.58
C ALA A 14 -25.67 9.65 40.46
N TYR A 15 -25.81 10.65 39.56
CA TYR A 15 -24.72 11.60 39.29
C TYR A 15 -24.08 12.13 40.56
N ASP A 16 -24.86 12.32 41.62
CA ASP A 16 -24.28 12.81 42.87
C ASP A 16 -23.80 11.69 43.80
N ALA A 17 -23.83 10.43 43.35
CA ALA A 17 -23.45 9.33 44.22
C ALA A 17 -21.97 9.37 44.62
N LEU A 18 -21.10 10.02 43.87
CA LEU A 18 -19.70 9.82 44.16
C LEU A 18 -19.14 10.98 44.95
N GLU A 19 -20.03 11.83 45.45
CA GLU A 19 -19.62 12.89 46.31
C GLU A 19 -19.29 12.32 47.69
N PRO A 20 -18.34 12.94 48.40
CA PRO A 20 -17.68 14.16 47.96
C PRO A 20 -16.49 14.01 46.98
N SER A 21 -16.04 12.82 46.60
CA SER A 21 -14.74 12.80 45.90
C SER A 21 -14.86 13.19 44.42
N ILE A 22 -15.98 12.90 43.75
CA ILE A 22 -16.23 13.44 42.42
C ILE A 22 -17.59 14.13 42.41
N SER A 23 -17.61 15.42 42.10
CA SER A 23 -18.83 16.22 42.20
C SER A 23 -19.86 15.78 41.18
N ALA A 24 -21.13 16.00 41.54
CA ALA A 24 -22.22 15.67 40.62
C ALA A 24 -22.12 16.44 39.30
N GLN A 25 -21.56 17.66 39.32
CA GLN A 25 -21.43 18.42 38.09
C GLN A 25 -20.42 17.76 37.16
N ILE A 26 -19.34 17.21 37.71
CA ILE A 26 -18.39 16.51 36.85
C ILE A 26 -19.02 15.24 36.33
N MET A 27 -19.69 14.47 37.19
CA MET A 27 -20.22 13.19 36.74
C MET A 27 -21.17 13.40 35.57
N GLU A 28 -22.04 14.40 35.67
CA GLU A 28 -23.03 14.61 34.63
C GLU A 28 -22.38 15.08 33.32
N LEU A 29 -21.50 16.06 33.40
CA LEU A 29 -20.73 16.48 32.23
C LEU A 29 -19.95 15.32 31.64
N HIS A 30 -19.18 14.63 32.48
CA HIS A 30 -18.29 13.58 32.00
C HIS A 30 -19.07 12.48 31.30
N HIS A 31 -20.27 12.17 31.82
CA HIS A 31 -21.07 11.07 31.28
C HIS A 31 -21.94 11.52 30.11
N SER A 32 -22.73 12.57 30.30
CA SER A 32 -23.71 12.90 29.28
C SER A 32 -23.19 13.83 28.20
N LYS A 33 -22.03 14.48 28.39
CA LYS A 33 -21.40 15.24 27.31
C LYS A 33 -20.16 14.56 26.76
N HIS A 34 -19.17 14.27 27.59
CA HIS A 34 -17.92 13.68 27.10
C HIS A 34 -18.12 12.26 26.57
N HIS A 35 -18.57 11.33 27.41
CA HIS A 35 -18.76 9.96 26.93
C HIS A 35 -19.79 9.89 25.80
N GLN A 36 -20.92 10.57 25.97
CA GLN A 36 -21.91 10.71 24.90
C GLN A 36 -21.27 11.14 23.61
N THR A 37 -20.37 12.13 23.65
CA THR A 37 -19.74 12.55 22.40
C THR A 37 -18.92 11.43 21.76
N TYR A 38 -18.16 10.67 22.57
CA TYR A 38 -17.52 9.48 22.01
C TYR A 38 -18.54 8.56 21.31
N VAL A 39 -19.67 8.25 21.97
CA VAL A 39 -20.61 7.28 21.38
C VAL A 39 -21.17 7.82 20.07
N THR A 40 -21.60 9.06 20.07
CA THR A 40 -22.19 9.62 18.88
C THR A 40 -21.18 9.78 17.75
N ASN A 41 -20.00 10.32 18.05
CA ASN A 41 -19.01 10.49 16.98
C ASN A 41 -18.63 9.14 16.39
N LEU A 42 -18.57 8.11 17.23
CA LEU A 42 -18.32 6.76 16.74
C LEU A 42 -19.46 6.27 15.84
N ASN A 43 -20.71 6.53 16.23
CA ASN A 43 -21.86 6.12 15.42
C ASN A 43 -21.87 6.85 14.08
N ASN A 44 -21.74 8.17 14.09
CA ASN A 44 -21.65 8.91 12.85
C ASN A 44 -20.39 8.61 12.07
N ALA A 45 -19.33 8.16 12.74
CA ALA A 45 -18.11 7.81 12.00
C ALA A 45 -18.31 6.53 11.20
N LEU A 46 -18.98 5.55 11.80
CA LEU A 46 -19.35 4.35 11.05
C LEU A 46 -20.22 4.70 9.83
N LYS A 47 -21.09 5.69 9.95
CA LYS A 47 -21.95 6.02 8.83
C LYS A 47 -21.17 6.73 7.71
N THR A 48 -20.40 7.74 8.05
CA THR A 48 -19.63 8.39 7.00
C THR A 48 -18.61 7.43 6.39
N TYR A 49 -18.15 6.43 7.15
CA TYR A 49 -17.26 5.43 6.57
C TYR A 49 -17.99 4.60 5.52
N SER A 50 -19.23 4.22 5.81
CA SER A 50 -20.00 3.32 4.95
C SER A 50 -20.19 3.93 3.57
N THR A 51 -20.50 5.21 3.51
CA THR A 51 -20.66 5.80 2.20
C THR A 51 -19.31 6.04 1.55
N ALA A 52 -18.29 6.42 2.33
CA ALA A 52 -17.03 6.80 1.70
C ALA A 52 -16.31 5.63 1.04
N LEU A 53 -16.54 4.38 1.45
CA LEU A 53 -15.99 3.32 0.62
C LEU A 53 -16.83 3.10 -0.63
N ALA A 54 -18.16 3.18 -0.51
CA ALA A 54 -19.02 3.15 -1.69
C ALA A 54 -18.53 4.13 -2.76
N ALA A 55 -18.34 5.40 -2.38
CA ALA A 55 -17.76 6.40 -3.28
C ALA A 55 -16.26 6.22 -3.53
N ASN A 56 -15.64 5.11 -3.10
CA ASN A 56 -14.21 4.87 -3.32
C ASN A 56 -13.36 6.07 -2.93
N ASP A 57 -13.81 6.83 -1.93
CA ASP A 57 -13.03 7.93 -1.36
C ASP A 57 -12.07 7.32 -0.35
N VAL A 58 -10.91 6.88 -0.85
CA VAL A 58 -9.86 6.27 -0.04
C VAL A 58 -9.26 7.30 0.92
N PRO A 59 -9.01 8.55 0.52
CA PRO A 59 -8.50 9.53 1.50
C PRO A 59 -9.41 9.76 2.69
N SER A 60 -10.72 9.66 2.53
CA SER A 60 -11.54 9.81 3.71
C SER A 60 -11.83 8.47 4.38
N GLN A 61 -11.71 7.37 3.65
CA GLN A 61 -11.78 6.06 4.31
C GLN A 61 -10.81 5.98 5.48
N ILE A 62 -9.53 6.32 5.26
CA ILE A 62 -8.53 6.12 6.30
C ILE A 62 -8.71 7.11 7.46
N ALA A 63 -9.18 8.34 7.19
CA ALA A 63 -9.44 9.28 8.28
C ALA A 63 -10.64 8.85 9.13
N LEU A 64 -11.66 8.26 8.52
CA LEU A 64 -12.78 7.76 9.29
C LEU A 64 -12.45 6.46 10.01
N GLN A 65 -11.49 5.68 9.49
CA GLN A 65 -10.97 4.53 10.24
C GLN A 65 -10.27 5.00 11.52
N ALA A 66 -9.50 6.08 11.39
CA ALA A 66 -8.95 6.78 12.55
C ALA A 66 -10.03 7.17 13.55
N ALA A 67 -10.99 7.98 13.11
CA ALA A 67 -12.09 8.41 13.98
C ALA A 67 -12.78 7.23 14.65
N ILE A 68 -13.04 6.14 13.91
CA ILE A 68 -13.72 5.00 14.50
C ILE A 68 -12.88 4.41 15.61
N LYS A 69 -11.58 4.24 15.36
CA LYS A 69 -10.67 3.67 16.37
C LYS A 69 -10.60 4.57 17.60
N PHE A 70 -10.53 5.88 17.38
CA PHE A 70 -10.40 6.81 18.49
C PHE A 70 -11.66 6.85 19.33
N ASN A 71 -12.82 7.03 18.68
CA ASN A 71 -14.07 7.13 19.43
C ASN A 71 -14.46 5.78 20.04
N GLY A 72 -14.17 4.68 19.36
CA GLY A 72 -14.39 3.38 19.96
C GLY A 72 -13.59 3.24 21.25
N ALA A 73 -12.35 3.71 21.23
CA ALA A 73 -11.53 3.56 22.42
C ALA A 73 -12.00 4.46 23.55
N GLY A 74 -12.41 5.69 23.22
CA GLY A 74 -13.03 6.53 24.24
C GLY A 74 -14.29 5.91 24.83
N HIS A 75 -15.07 5.24 23.98
CA HIS A 75 -16.26 4.58 24.44
C HIS A 75 -15.94 3.47 25.45
N ILE A 76 -15.08 2.51 25.06
CA ILE A 76 -14.71 1.43 25.97
C ILE A 76 -14.09 1.99 27.26
N ASN A 77 -13.20 2.97 27.13
CA ASN A 77 -12.50 3.44 28.31
C ASN A 77 -13.48 3.96 29.37
N HIS A 78 -14.39 4.84 28.97
CA HIS A 78 -15.33 5.37 29.96
C HIS A 78 -16.33 4.32 30.40
N SER A 79 -16.72 3.40 29.51
CA SER A 79 -17.58 2.31 29.94
C SER A 79 -16.92 1.51 31.07
N LEU A 80 -15.65 1.17 30.91
CA LEU A 80 -14.94 0.52 32.00
C LEU A 80 -14.88 1.41 33.22
N PHE A 81 -14.67 2.72 33.01
CA PHE A 81 -14.52 3.64 34.12
C PHE A 81 -15.70 3.58 35.08
N TRP A 82 -16.91 3.89 34.57
CA TRP A 82 -18.10 3.98 35.39
C TRP A 82 -18.28 2.74 36.26
N GLU A 83 -17.98 1.56 35.71
CA GLU A 83 -18.12 0.35 36.50
C GLU A 83 -17.01 0.16 37.53
N ASN A 84 -15.87 0.86 37.41
CA ASN A 84 -14.84 0.91 38.47
C ASN A 84 -15.24 1.71 39.67
N LEU A 85 -16.34 2.43 39.59
CA LEU A 85 -16.69 3.31 40.68
C LEU A 85 -18.00 2.86 41.30
N CYS A 86 -18.20 3.37 42.50
CA CYS A 86 -19.36 3.09 43.33
C CYS A 86 -19.31 4.06 44.50
N PRO A 87 -20.46 4.34 45.12
CA PRO A 87 -20.45 5.28 46.25
C PRO A 87 -19.54 4.80 47.37
N ALA A 88 -18.93 5.76 48.06
CA ALA A 88 -17.95 5.40 49.09
C ALA A 88 -18.60 4.70 50.26
N SER A 89 -19.93 4.81 50.41
CA SER A 89 -20.63 4.12 51.49
C SER A 89 -20.88 2.65 51.20
N SER A 90 -20.72 2.23 49.95
CA SER A 90 -20.96 0.83 49.61
C SER A 90 -19.86 -0.05 50.20
N PRO A 91 -20.20 -1.29 50.58
CA PRO A 91 -19.15 -2.29 50.85
C PRO A 91 -18.29 -2.57 49.63
N ASP A 92 -18.80 -2.30 48.42
CA ASP A 92 -18.04 -2.53 47.20
C ASP A 92 -16.80 -1.66 47.13
N ALA A 93 -16.82 -0.49 47.79
CA ALA A 93 -15.67 0.40 47.85
C ALA A 93 -14.57 -0.08 48.79
N ASP A 94 -14.81 -1.18 49.55
CA ASP A 94 -13.86 -1.76 50.49
C ASP A 94 -12.99 -2.79 49.79
N PRO A 95 -11.66 -2.63 49.82
CA PRO A 95 -10.76 -3.65 49.24
C PRO A 95 -11.02 -5.07 49.73
N ALA A 96 -11.53 -5.23 50.96
CA ALA A 96 -12.01 -6.51 51.43
C ALA A 96 -13.00 -7.16 50.47
N SER A 97 -13.57 -6.38 49.53
CA SER A 97 -14.43 -6.95 48.49
C SER A 97 -13.64 -7.72 47.46
N ALA A 98 -12.32 -7.57 47.42
CA ALA A 98 -11.45 -8.15 46.40
C ALA A 98 -10.36 -9.00 47.02
N PRO A 99 -10.73 -10.04 47.77
CA PRO A 99 -9.72 -10.77 48.54
C PRO A 99 -8.66 -11.44 47.68
N GLU A 100 -9.03 -12.01 46.54
CA GLU A 100 -8.05 -12.67 45.70
C GLU A 100 -7.11 -11.66 45.05
N LEU A 101 -7.67 -10.52 44.62
CA LEU A 101 -6.86 -9.48 43.99
C LEU A 101 -5.96 -8.78 45.00
N THR A 102 -6.48 -8.44 46.18
CA THR A 102 -5.64 -7.75 47.16
C THR A 102 -4.49 -8.64 47.61
N ALA A 103 -4.70 -9.94 47.65
CA ALA A 103 -3.59 -10.86 47.94
C ALA A 103 -2.50 -10.74 46.89
N GLU A 104 -2.90 -10.82 45.60
CA GLU A 104 -1.92 -10.64 44.54
C GLU A 104 -1.37 -9.21 44.49
N ILE A 105 -2.18 -8.22 44.90
CA ILE A 105 -1.66 -6.85 44.98
C ILE A 105 -0.46 -6.80 45.91
N ALA A 106 -0.63 -7.23 47.16
CA ALA A 106 0.49 -7.16 48.11
C ALA A 106 1.64 -8.07 47.68
N LYS A 107 1.32 -9.24 47.14
CA LYS A 107 2.39 -10.15 46.71
C LYS A 107 3.36 -9.45 45.76
N THR A 108 2.84 -8.51 44.94
CA THR A 108 3.64 -7.83 43.93
C THR A 108 4.35 -6.59 44.47
N TRP A 109 3.61 -5.71 45.15
CA TRP A 109 4.09 -4.39 45.56
C TRP A 109 4.49 -4.32 47.02
N GLY A 110 4.01 -5.24 47.86
CA GLY A 110 4.30 -5.19 49.28
C GLY A 110 3.05 -4.94 50.10
N SER A 111 2.33 -3.87 49.80
CA SER A 111 1.09 -3.54 50.50
C SER A 111 0.06 -2.99 49.52
N LEU A 112 -1.20 -3.00 49.98
CA LEU A 112 -2.20 -2.17 49.31
C LEU A 112 -1.72 -0.73 49.25
N ASP A 113 -1.16 -0.22 50.34
CA ASP A 113 -0.71 1.16 50.34
C ASP A 113 0.46 1.37 49.41
N LYS A 114 1.46 0.48 49.47
CA LYS A 114 2.62 0.62 48.57
C LYS A 114 2.17 0.61 47.11
N PHE A 115 1.05 -0.06 46.81
CA PHE A 115 0.51 -0.06 45.45
C PHE A 115 -0.11 1.29 45.11
N LYS A 116 -0.91 1.85 46.04
CA LYS A 116 -1.56 3.14 45.84
C LYS A 116 -0.55 4.25 45.58
N GLU A 117 0.65 4.18 46.16
CA GLU A 117 1.67 5.18 45.87
C GLU A 117 2.28 4.97 44.49
N ALA A 118 2.44 3.72 44.08
CA ALA A 118 2.94 3.43 42.75
C ALA A 118 1.96 3.91 41.69
N MET A 119 0.69 3.52 41.84
CA MET A 119 -0.36 3.98 40.94
C MET A 119 -0.42 5.50 40.92
N GLY A 120 -0.43 6.11 42.11
CA GLY A 120 -0.50 7.56 42.18
C GLY A 120 0.64 8.24 41.43
N LYS A 121 1.84 7.69 41.53
CA LYS A 121 2.96 8.36 40.87
C LYS A 121 2.91 8.14 39.36
N ALA A 122 2.32 7.02 38.92
CA ALA A 122 2.09 6.83 37.48
C ALA A 122 0.99 7.76 36.98
N LEU A 123 -0.13 7.83 37.72
CA LEU A 123 -1.20 8.78 37.39
C LEU A 123 -0.64 10.19 37.25
N LEU A 124 0.08 10.67 38.25
CA LEU A 124 0.53 12.06 38.21
C LEU A 124 1.60 12.28 37.17
N GLY A 125 2.29 11.22 36.74
CA GLY A 125 3.35 11.37 35.76
C GLY A 125 2.91 11.45 34.32
N ILE A 126 1.62 11.27 34.02
CA ILE A 126 1.13 11.44 32.66
C ILE A 126 1.27 12.90 32.26
N GLN A 127 1.91 13.15 31.12
CA GLN A 127 1.96 14.50 30.56
C GLN A 127 0.81 14.64 29.55
N GLY A 128 -0.08 15.59 29.80
CA GLY A 128 -1.22 15.74 28.91
C GLY A 128 -2.36 14.84 29.29
N SER A 129 -3.20 14.43 28.35
CA SER A 129 -4.37 13.63 28.68
C SER A 129 -4.06 12.14 28.67
N GLY A 130 -4.76 11.39 29.49
CA GLY A 130 -4.57 9.95 29.46
C GLY A 130 -5.15 9.27 30.69
N TRP A 131 -4.88 7.95 30.75
CA TRP A 131 -5.46 7.02 31.71
C TRP A 131 -4.37 6.26 32.46
N GLY A 132 -4.72 5.79 33.65
CA GLY A 132 -3.89 4.85 34.37
C GLY A 132 -4.65 3.59 34.70
N TRP A 133 -4.06 2.43 34.47
CA TRP A 133 -4.76 1.19 34.70
C TRP A 133 -3.97 0.26 35.61
N LEU A 134 -4.69 -0.50 36.41
CA LEU A 134 -4.19 -1.78 36.88
C LEU A 134 -4.60 -2.83 35.85
N VAL A 135 -3.62 -3.58 35.33
CA VAL A 135 -3.90 -4.62 34.34
C VAL A 135 -3.42 -5.97 34.84
N LYS A 136 -3.97 -7.02 34.21
CA LYS A 136 -3.55 -8.40 34.42
C LYS A 136 -2.80 -8.85 33.16
N GLU A 137 -1.47 -8.96 33.25
CA GLU A 137 -0.63 -9.37 32.12
C GLU A 137 -0.01 -10.71 32.49
N GLY A 138 -0.56 -11.78 31.90
CA GLY A 138 -0.20 -13.13 32.34
C GLY A 138 -1.04 -13.47 33.54
N SER A 139 -0.39 -14.02 34.57
CA SER A 139 -1.01 -14.17 35.88
C SER A 139 -0.59 -13.07 36.84
N GLY A 140 0.35 -12.18 36.41
CA GLY A 140 0.74 -11.04 37.22
C GLY A 140 -0.07 -9.78 36.90
N LEU A 141 0.06 -8.80 37.77
CA LEU A 141 -0.55 -7.49 37.58
C LEU A 141 0.54 -6.45 37.40
N ARG A 142 0.30 -5.45 36.55
CA ARG A 142 1.14 -4.28 36.62
C ARG A 142 0.34 -3.03 36.30
N ILE A 143 0.94 -1.89 36.63
CA ILE A 143 0.39 -0.58 36.38
C ILE A 143 0.91 -0.09 35.04
N VAL A 144 -0.03 0.32 34.16
CA VAL A 144 0.29 0.91 32.86
C VAL A 144 -0.46 2.23 32.73
N THR A 145 0.10 3.12 31.91
CA THR A 145 -0.60 4.33 31.51
C THR A 145 -0.70 4.36 30.00
N THR A 146 -1.78 4.97 29.50
CA THR A 146 -2.01 5.15 28.08
C THR A 146 -2.28 6.62 27.81
N LYS A 147 -1.78 7.12 26.68
CA LYS A 147 -2.07 8.49 26.24
C LYS A 147 -3.47 8.57 25.63
N ASP A 148 -4.16 9.70 25.90
CA ASP A 148 -5.41 10.12 25.26
C ASP A 148 -6.47 9.07 25.44
N GLN A 149 -7.02 8.48 24.38
CA GLN A 149 -7.99 7.40 24.55
C GLN A 149 -7.44 6.04 24.13
N ASP A 150 -6.11 5.88 24.02
CA ASP A 150 -5.55 4.59 23.61
C ASP A 150 -6.07 3.49 24.53
N PRO A 151 -6.59 2.40 23.99
CA PRO A 151 -6.92 1.24 24.83
C PRO A 151 -5.65 0.55 25.30
N VAL A 152 -5.76 -0.20 26.41
CA VAL A 152 -4.60 -0.93 26.90
C VAL A 152 -4.15 -1.94 25.84
N VAL A 153 -2.84 -2.19 25.80
CA VAL A 153 -2.29 -3.13 24.82
C VAL A 153 -2.95 -4.50 24.98
N GLY A 154 -3.40 -5.07 23.86
CA GLY A 154 -3.85 -6.45 23.83
C GLY A 154 -2.86 -7.42 24.47
N GLY A 155 -3.36 -8.48 25.08
CA GLY A 155 -2.57 -9.25 26.02
C GLY A 155 -2.61 -8.74 27.45
N GLU A 156 -2.95 -7.46 27.65
CA GLU A 156 -3.24 -6.91 28.97
C GLU A 156 -4.76 -6.89 29.20
N VAL A 157 -5.15 -7.19 30.44
CA VAL A 157 -6.55 -7.25 30.84
C VAL A 157 -6.77 -6.15 31.87
N PRO A 158 -7.62 -5.17 31.60
CA PRO A 158 -7.80 -4.10 32.57
C PRO A 158 -8.53 -4.59 33.81
N VAL A 159 -8.01 -4.19 34.97
CA VAL A 159 -8.68 -4.44 36.23
C VAL A 159 -9.48 -3.22 36.66
N PHE A 160 -8.82 -2.07 36.75
CA PHE A 160 -9.51 -0.79 36.87
C PHE A 160 -8.65 0.31 36.25
N GLY A 161 -9.32 1.38 35.84
CA GLY A 161 -8.66 2.55 35.29
C GLY A 161 -9.12 3.81 35.98
N ILE A 162 -8.23 4.80 35.97
CA ILE A 162 -8.46 6.10 36.57
C ILE A 162 -8.18 7.13 35.50
N ASP A 163 -9.18 7.95 35.19
CA ASP A 163 -9.09 8.90 34.10
C ASP A 163 -8.35 10.14 34.59
N MET A 164 -7.31 10.54 33.85
CA MET A 164 -6.52 11.72 34.18
C MET A 164 -6.71 12.88 33.20
N TRP A 165 -7.64 12.77 32.28
CA TRP A 165 -8.02 13.97 31.55
C TRP A 165 -8.51 15.04 32.51
N GLU A 166 -8.13 16.27 32.24
CA GLU A 166 -8.58 17.35 33.11
C GLU A 166 -10.12 17.40 33.24
N HIS A 167 -10.85 17.06 32.18
CA HIS A 167 -12.30 17.10 32.33
C HIS A 167 -12.81 16.13 33.38
N ALA A 168 -11.95 15.26 33.92
CA ALA A 168 -12.37 14.31 34.94
C ALA A 168 -12.29 14.88 36.35
N TYR A 169 -11.49 15.92 36.56
CA TYR A 169 -11.27 16.44 37.90
C TYR A 169 -11.30 17.96 38.01
N TYR A 170 -11.17 18.71 36.91
CA TYR A 170 -10.76 20.11 36.98
C TYR A 170 -11.80 20.99 37.64
N LEU A 171 -13.09 20.77 37.37
CA LEU A 171 -14.11 21.66 37.93
C LEU A 171 -14.07 21.66 39.44
N GLN A 172 -13.59 20.58 40.04
CA GLN A 172 -13.58 20.42 41.47
C GLN A 172 -12.22 20.70 42.07
N TYR A 173 -11.17 20.10 41.51
CA TYR A 173 -9.83 20.12 42.07
C TYR A 173 -8.91 21.12 41.41
N LEU A 174 -9.38 21.80 40.36
CA LEU A 174 -8.56 22.71 39.54
C LEU A 174 -7.31 21.94 39.10
N ASN A 175 -6.12 22.49 39.30
CA ASN A 175 -4.91 21.83 38.86
C ASN A 175 -4.34 20.87 39.90
N GLY A 176 -5.01 20.70 41.05
CA GLY A 176 -4.53 19.81 42.06
C GLY A 176 -4.90 18.39 41.74
N LYS A 177 -4.07 17.73 40.92
CA LYS A 177 -4.32 16.34 40.55
C LYS A 177 -4.16 15.41 41.74
N ALA A 178 -3.14 15.67 42.56
CA ALA A 178 -2.86 14.83 43.72
C ALA A 178 -4.08 14.73 44.62
N ALA A 179 -4.75 15.86 44.87
CA ALA A 179 -5.97 15.84 45.66
C ALA A 179 -7.02 14.93 45.05
N TYR A 180 -7.16 14.96 43.71
CA TYR A 180 -8.14 14.12 43.02
C TYR A 180 -7.73 12.66 43.07
N VAL A 181 -6.43 12.37 42.96
CA VAL A 181 -6.05 10.97 42.99
C VAL A 181 -6.25 10.36 44.37
N ASP A 182 -5.87 11.10 45.43
CA ASP A 182 -6.05 10.60 46.78
C ASP A 182 -7.50 10.33 47.07
N ASN A 183 -8.40 11.15 46.53
CA ASN A 183 -9.80 11.00 46.88
C ASN A 183 -10.52 9.96 46.03
N ILE A 184 -9.96 9.58 44.89
CA ILE A 184 -10.72 8.63 44.08
C ILE A 184 -10.61 7.22 44.65
N TRP A 185 -9.61 6.96 45.51
CA TRP A 185 -9.52 5.65 46.16
C TRP A 185 -10.77 5.33 46.99
N LYS A 186 -11.48 6.37 47.47
CA LYS A 186 -12.68 6.18 48.27
C LYS A 186 -13.88 5.68 47.47
N VAL A 187 -13.86 5.81 46.14
CA VAL A 187 -14.99 5.43 45.29
C VAL A 187 -14.58 4.41 44.24
N ILE A 188 -13.39 3.81 44.37
CA ILE A 188 -13.06 2.67 43.53
C ILE A 188 -13.97 1.52 43.89
N ASN A 189 -14.53 0.87 42.88
CA ASN A 189 -15.41 -0.28 43.04
C ASN A 189 -14.55 -1.54 43.00
N TRP A 190 -14.12 -1.98 44.19
CA TRP A 190 -13.24 -3.13 44.25
C TRP A 190 -13.94 -4.45 43.96
N LYS A 191 -15.27 -4.49 44.06
CA LYS A 191 -16.00 -5.67 43.64
C LYS A 191 -15.86 -5.88 42.15
N THR A 192 -15.99 -4.80 41.37
CA THR A 192 -15.72 -4.88 39.94
C THR A 192 -14.28 -5.29 39.67
N ALA A 193 -13.34 -4.65 40.38
CA ALA A 193 -11.93 -5.00 40.27
C ALA A 193 -11.69 -6.49 40.50
N GLU A 194 -12.32 -7.05 41.54
CA GLU A 194 -12.16 -8.49 41.84
C GLU A 194 -12.68 -9.35 40.70
N GLN A 195 -13.89 -9.04 40.19
CA GLN A 195 -14.45 -9.82 39.10
C GLN A 195 -13.55 -9.78 37.88
N ARG A 196 -13.12 -8.59 37.49
CA ARG A 196 -12.26 -8.48 36.32
C ARG A 196 -10.96 -9.25 36.52
N PHE A 197 -10.47 -9.36 37.77
CA PHE A 197 -9.20 -10.05 38.01
C PHE A 197 -9.36 -11.56 37.86
N LYS A 198 -10.52 -12.12 38.22
CA LYS A 198 -10.79 -13.56 38.09
C LYS A 198 -11.16 -14.02 36.66
N THR B 5 26.02 -10.37 -9.84
CA THR B 5 25.67 -10.59 -11.23
C THR B 5 25.57 -12.06 -11.63
N PHE B 6 24.87 -12.24 -12.75
CA PHE B 6 24.70 -13.51 -13.42
C PHE B 6 25.44 -13.46 -14.76
N SER B 7 25.70 -14.64 -15.30
CA SER B 7 26.48 -14.77 -16.53
C SER B 7 25.81 -15.77 -17.46
N LEU B 8 26.05 -15.60 -18.76
CA LEU B 8 25.58 -16.59 -19.72
C LEU B 8 26.31 -17.90 -19.47
N PRO B 9 25.61 -18.98 -19.08
CA PRO B 9 26.29 -20.29 -19.00
C PRO B 9 26.74 -20.75 -20.37
N ALA B 10 27.82 -21.49 -20.45
CA ALA B 10 28.13 -22.03 -21.76
C ALA B 10 27.17 -23.18 -22.10
N LEU B 11 27.21 -23.57 -23.36
CA LEU B 11 26.44 -24.71 -23.79
C LEU B 11 27.23 -25.99 -23.54
N PRO B 12 26.56 -27.08 -23.21
CA PRO B 12 27.25 -28.37 -23.09
C PRO B 12 27.55 -29.04 -24.42
N TYR B 13 27.61 -28.27 -25.50
CA TYR B 13 27.93 -28.77 -26.84
C TYR B 13 28.15 -27.55 -27.72
N ALA B 14 28.67 -27.82 -28.93
CA ALA B 14 28.96 -26.82 -29.95
C ALA B 14 27.66 -26.29 -30.56
N TYR B 15 27.73 -25.09 -31.17
CA TYR B 15 26.54 -24.46 -31.74
C TYR B 15 25.88 -25.31 -32.81
N ASP B 16 26.62 -26.24 -33.42
CA ASP B 16 26.10 -27.10 -34.48
C ASP B 16 25.83 -28.52 -34.02
N ALA B 17 25.81 -28.76 -32.71
CA ALA B 17 25.61 -30.11 -32.22
C ALA B 17 24.18 -30.60 -32.38
N LEU B 18 23.21 -29.71 -32.46
CA LEU B 18 21.82 -30.16 -32.48
C LEU B 18 21.28 -30.28 -33.89
N GLU B 19 22.13 -30.14 -34.91
CA GLU B 19 21.72 -30.39 -36.28
C GLU B 19 21.46 -31.90 -36.49
N PRO B 20 20.51 -32.24 -37.37
CA PRO B 20 19.74 -31.29 -38.17
C PRO B 20 18.54 -30.70 -37.45
N SER B 21 18.21 -31.17 -36.24
CA SER B 21 16.98 -30.75 -35.59
C SER B 21 16.90 -29.23 -35.43
N ILE B 22 17.91 -28.63 -34.81
CA ILE B 22 17.98 -27.18 -34.65
C ILE B 22 19.29 -26.71 -35.25
N SER B 23 19.21 -25.84 -36.27
CA SER B 23 20.37 -25.36 -37.00
C SER B 23 21.36 -24.62 -36.10
N ALA B 24 22.62 -24.61 -36.52
CA ALA B 24 23.63 -23.86 -35.77
C ALA B 24 23.30 -22.37 -35.71
N GLN B 25 22.63 -21.83 -36.73
CA GLN B 25 22.38 -20.41 -36.71
C GLN B 25 21.33 -20.06 -35.66
N ILE B 26 20.29 -20.87 -35.54
CA ILE B 26 19.34 -20.65 -34.46
C ILE B 26 20.04 -20.76 -33.13
N MET B 27 20.83 -21.82 -32.96
CA MET B 27 21.52 -22.06 -31.69
C MET B 27 22.47 -20.94 -31.33
N GLU B 28 23.17 -20.38 -32.32
CA GLU B 28 24.07 -19.28 -32.01
C GLU B 28 23.31 -17.99 -31.67
N LEU B 29 22.22 -17.69 -32.39
CA LEU B 29 21.43 -16.52 -32.06
C LEU B 29 20.64 -16.72 -30.75
N HIS B 30 20.00 -17.88 -30.62
CA HIS B 30 19.19 -18.13 -29.43
C HIS B 30 20.03 -17.96 -28.18
N HIS B 31 21.26 -18.46 -28.21
CA HIS B 31 22.12 -18.50 -27.04
C HIS B 31 22.91 -17.20 -26.87
N SER B 32 23.74 -16.85 -27.85
CA SER B 32 24.60 -15.69 -27.67
C SER B 32 23.89 -14.36 -27.87
N LYS B 33 22.64 -14.33 -28.36
CA LYS B 33 21.89 -13.06 -28.45
C LYS B 33 20.64 -13.04 -27.58
N HIS B 34 19.70 -13.95 -27.77
CA HIS B 34 18.46 -13.90 -27.00
C HIS B 34 18.73 -14.15 -25.52
N HIS B 35 19.28 -15.31 -25.17
CA HIS B 35 19.56 -15.58 -23.77
C HIS B 35 20.51 -14.53 -23.19
N GLN B 36 21.62 -14.26 -23.88
CA GLN B 36 22.50 -13.15 -23.50
C GLN B 36 21.72 -11.91 -23.10
N THR B 37 20.83 -11.43 -23.99
CA THR B 37 20.14 -10.18 -23.71
C THR B 37 19.41 -10.25 -22.39
N TYR B 38 18.80 -11.40 -22.07
CA TYR B 38 18.12 -11.56 -20.78
C TYR B 38 19.07 -11.35 -19.61
N VAL B 39 20.24 -11.98 -19.66
CA VAL B 39 21.29 -11.76 -18.65
C VAL B 39 21.61 -10.29 -18.56
N THR B 40 22.08 -9.70 -19.67
CA THR B 40 22.46 -8.29 -19.66
C THR B 40 21.34 -7.43 -19.09
N ASN B 41 20.11 -7.62 -19.56
CA ASN B 41 19.02 -6.77 -19.09
C ASN B 41 18.62 -7.04 -17.64
N LEU B 42 18.92 -8.24 -17.12
CA LEU B 42 18.73 -8.50 -15.70
C LEU B 42 19.79 -7.79 -14.88
N ASN B 43 21.05 -7.90 -15.31
CA ASN B 43 22.12 -7.20 -14.63
C ASN B 43 21.90 -5.69 -14.66
N ASN B 44 21.56 -5.15 -15.83
CA ASN B 44 21.30 -3.72 -15.89
C ASN B 44 20.05 -3.33 -15.10
N ALA B 45 19.02 -4.18 -15.07
CA ALA B 45 17.84 -3.85 -14.27
C ALA B 45 18.17 -3.77 -12.80
N LEU B 46 19.00 -4.69 -12.31
CA LEU B 46 19.40 -4.65 -10.91
C LEU B 46 20.12 -3.35 -10.59
N LYS B 47 21.20 -3.04 -11.33
CA LYS B 47 21.93 -1.79 -11.13
C LYS B 47 20.98 -0.60 -11.11
N THR B 48 20.24 -0.41 -12.20
CA THR B 48 19.35 0.73 -12.32
C THR B 48 18.19 0.68 -11.33
N TYR B 49 17.91 -0.47 -10.69
CA TYR B 49 16.87 -0.45 -9.66
C TYR B 49 17.38 0.21 -8.39
N SER B 50 18.66 0.02 -8.06
CA SER B 50 19.24 0.71 -6.91
C SER B 50 19.16 2.23 -7.07
N THR B 51 19.65 2.77 -8.19
CA THR B 51 19.65 4.22 -8.38
C THR B 51 18.22 4.79 -8.32
N ALA B 52 17.23 4.07 -8.88
CA ALA B 52 15.85 4.52 -8.74
C ALA B 52 15.34 4.38 -7.32
N LEU B 53 16.01 3.56 -6.50
CA LEU B 53 15.68 3.43 -5.10
C LEU B 53 16.20 4.63 -4.30
N ALA B 54 17.38 5.14 -4.68
CA ALA B 54 17.95 6.31 -4.04
C ALA B 54 16.96 7.48 -4.16
N ALA B 55 16.70 7.94 -5.39
CA ALA B 55 15.58 8.85 -5.59
C ALA B 55 14.30 8.12 -5.24
N ASN B 56 13.17 8.80 -5.26
CA ASN B 56 11.90 8.16 -4.94
C ASN B 56 11.06 7.94 -6.20
N ASP B 57 11.70 7.55 -7.30
CA ASP B 57 10.95 7.28 -8.53
C ASP B 57 10.27 5.93 -8.36
N VAL B 58 9.10 5.96 -7.71
CA VAL B 58 8.34 4.73 -7.52
C VAL B 58 7.86 4.13 -8.83
N PRO B 59 7.37 4.91 -9.82
CA PRO B 59 7.03 4.28 -11.11
C PRO B 59 8.18 3.48 -11.70
N SER B 60 9.38 4.06 -11.66
CA SER B 60 10.58 3.36 -12.10
C SER B 60 10.81 2.09 -11.29
N GLN B 61 10.81 2.19 -9.95
CA GLN B 61 11.02 1.02 -9.09
C GLN B 61 9.99 -0.06 -9.39
N ILE B 62 8.75 0.36 -9.65
CA ILE B 62 7.71 -0.59 -10.02
C ILE B 62 8.01 -1.20 -11.37
N ALA B 63 8.44 -0.39 -12.33
CA ALA B 63 8.73 -0.92 -13.67
C ALA B 63 10.00 -1.76 -13.67
N LEU B 64 10.95 -1.46 -12.79
CA LEU B 64 12.18 -2.22 -12.76
C LEU B 64 12.02 -3.51 -12.00
N GLN B 65 11.05 -3.59 -11.09
CA GLN B 65 10.72 -4.89 -10.54
C GLN B 65 10.17 -5.81 -11.62
N ALA B 66 9.33 -5.28 -12.50
CA ALA B 66 8.89 -6.05 -13.66
C ALA B 66 10.07 -6.55 -14.49
N ALA B 67 11.03 -5.67 -14.81
CA ALA B 67 12.16 -6.05 -15.64
C ALA B 67 13.06 -7.08 -14.96
N ILE B 68 13.23 -6.99 -13.63
CA ILE B 68 14.02 -7.98 -12.91
C ILE B 68 13.36 -9.35 -12.97
N LYS B 69 12.04 -9.39 -12.74
CA LYS B 69 11.28 -10.63 -12.81
C LYS B 69 11.37 -11.26 -14.19
N PHE B 70 11.15 -10.45 -15.24
CA PHE B 70 11.04 -10.98 -16.59
C PHE B 70 12.36 -11.55 -17.08
N ASN B 71 13.45 -10.79 -16.94
CA ASN B 71 14.75 -11.24 -17.45
C ASN B 71 15.32 -12.38 -16.64
N GLY B 72 15.14 -12.33 -15.31
CA GLY B 72 15.50 -13.47 -14.48
C GLY B 72 14.77 -14.72 -14.91
N ALA B 73 13.47 -14.61 -15.16
CA ALA B 73 12.71 -15.77 -15.61
C ALA B 73 13.22 -16.25 -16.96
N GLY B 74 13.39 -15.34 -17.92
CA GLY B 74 13.99 -15.71 -19.19
C GLY B 74 15.35 -16.36 -19.00
N HIS B 75 16.10 -15.89 -18.01
CA HIS B 75 17.41 -16.47 -17.71
C HIS B 75 17.28 -17.90 -17.22
N ILE B 76 16.39 -18.15 -16.24
CA ILE B 76 16.20 -19.50 -15.74
C ILE B 76 15.70 -20.42 -16.85
N ASN B 77 14.73 -19.95 -17.65
CA ASN B 77 14.08 -20.81 -18.63
C ASN B 77 15.09 -21.30 -19.67
N HIS B 78 15.91 -20.39 -20.19
CA HIS B 78 16.85 -20.79 -21.21
C HIS B 78 17.95 -21.65 -20.62
N SER B 79 18.35 -21.37 -19.39
CA SER B 79 19.38 -22.17 -18.73
C SER B 79 18.90 -23.60 -18.52
N LEU B 80 17.67 -23.78 -18.05
CA LEU B 80 17.06 -25.10 -18.02
C LEU B 80 16.99 -25.71 -19.42
N PHE B 81 16.64 -24.88 -20.41
CA PHE B 81 16.36 -25.40 -21.74
C PHE B 81 17.59 -26.05 -22.35
N TRP B 82 18.76 -25.37 -22.28
CA TRP B 82 19.94 -25.90 -22.96
C TRP B 82 20.38 -27.24 -22.40
N GLU B 83 19.95 -27.57 -21.19
CA GLU B 83 20.26 -28.87 -20.60
C GLU B 83 19.26 -29.96 -20.94
N ASN B 84 18.00 -29.62 -21.26
CA ASN B 84 17.10 -30.63 -21.83
C ASN B 84 17.59 -31.15 -23.15
N LEU B 85 18.63 -30.57 -23.74
CA LEU B 85 18.98 -30.88 -25.11
C LEU B 85 20.36 -31.53 -25.17
N CYS B 86 20.50 -32.49 -26.08
CA CYS B 86 21.77 -33.12 -26.37
C CYS B 86 21.78 -33.49 -27.85
N PRO B 87 22.97 -33.69 -28.45
CA PRO B 87 23.01 -34.13 -29.84
C PRO B 87 22.24 -35.43 -30.02
N ALA B 88 21.67 -35.60 -31.22
CA ALA B 88 20.82 -36.77 -31.47
C ALA B 88 21.59 -38.08 -31.34
N SER B 89 22.87 -38.10 -31.77
CA SER B 89 23.66 -39.33 -31.67
C SER B 89 23.78 -39.81 -30.24
N SER B 90 23.77 -38.90 -29.27
CA SER B 90 24.11 -39.24 -27.89
C SER B 90 23.14 -40.27 -27.30
N PRO B 91 23.63 -41.16 -26.44
CA PRO B 91 22.72 -42.06 -25.71
C PRO B 91 21.76 -41.33 -24.79
N ASP B 92 22.04 -40.08 -24.42
CA ASP B 92 21.08 -39.33 -23.61
C ASP B 92 19.83 -38.97 -24.39
N ALA B 93 19.90 -38.92 -25.73
CA ALA B 93 18.70 -38.76 -26.53
C ALA B 93 17.75 -39.93 -26.35
N ASP B 94 18.24 -41.06 -25.86
CA ASP B 94 17.47 -42.29 -25.85
C ASP B 94 16.66 -42.37 -24.56
N PRO B 95 15.33 -42.43 -24.67
CA PRO B 95 14.45 -42.54 -23.48
C PRO B 95 14.88 -43.60 -22.48
N ALA B 96 15.66 -44.57 -22.96
CA ALA B 96 16.21 -45.60 -22.08
C ALA B 96 17.11 -45.00 -21.01
N SER B 97 17.68 -43.82 -21.26
CA SER B 97 18.42 -43.11 -20.23
C SER B 97 17.53 -42.67 -19.07
N ALA B 98 16.21 -42.70 -19.22
CA ALA B 98 15.29 -42.19 -18.20
C ALA B 98 14.32 -43.32 -17.82
N PRO B 99 14.78 -44.28 -17.05
CA PRO B 99 13.96 -45.49 -16.83
C PRO B 99 12.80 -45.23 -15.88
N GLU B 100 13.09 -44.65 -14.72
CA GLU B 100 12.03 -44.33 -13.80
C GLU B 100 11.03 -43.36 -14.43
N LEU B 101 11.55 -42.30 -15.06
CA LEU B 101 10.68 -41.26 -15.60
C LEU B 101 9.77 -41.80 -16.69
N THR B 102 10.34 -42.51 -17.67
CA THR B 102 9.51 -43.04 -18.75
C THR B 102 8.49 -44.03 -18.21
N ALA B 103 8.82 -44.77 -17.14
CA ALA B 103 7.84 -45.64 -16.52
C ALA B 103 6.65 -44.84 -16.01
N GLU B 104 6.92 -43.75 -15.27
CA GLU B 104 5.86 -42.96 -14.67
C GLU B 104 5.12 -42.16 -15.75
N ILE B 105 5.82 -41.79 -16.82
CA ILE B 105 5.17 -41.25 -17.99
C ILE B 105 4.17 -42.26 -18.55
N ALA B 106 4.58 -43.54 -18.61
CA ALA B 106 3.71 -44.56 -19.21
C ALA B 106 2.48 -44.82 -18.34
N LYS B 107 2.61 -44.78 -17.02
CA LYS B 107 1.42 -44.99 -16.21
C LYS B 107 0.58 -43.72 -16.06
N THR B 108 1.04 -42.58 -16.59
CA THR B 108 0.26 -41.35 -16.58
C THR B 108 -0.46 -41.12 -17.91
N TRP B 109 0.29 -41.01 -19.00
CA TRP B 109 -0.35 -40.99 -20.32
C TRP B 109 -0.57 -42.45 -20.69
N GLY B 110 -0.75 -42.80 -21.94
CA GLY B 110 -0.72 -44.22 -22.19
C GLY B 110 0.71 -44.77 -22.29
N SER B 111 1.33 -44.45 -23.40
CA SER B 111 2.70 -44.79 -23.73
C SER B 111 3.49 -43.49 -23.83
N LEU B 112 4.78 -43.64 -24.13
CA LEU B 112 5.60 -42.49 -24.44
C LEU B 112 5.04 -41.75 -25.66
N ASP B 113 4.52 -42.48 -26.64
CA ASP B 113 3.95 -41.81 -27.82
C ASP B 113 2.68 -41.04 -27.49
N LYS B 114 1.86 -41.54 -26.57
CA LYS B 114 0.69 -40.76 -26.19
C LYS B 114 1.13 -39.49 -25.46
N PHE B 115 2.16 -39.60 -24.61
CA PHE B 115 2.72 -38.44 -23.95
C PHE B 115 3.24 -37.44 -24.96
N LYS B 116 3.91 -37.90 -26.01
CA LYS B 116 4.44 -36.97 -27.01
C LYS B 116 3.33 -36.27 -27.79
N GLU B 117 2.29 -37.01 -28.18
CA GLU B 117 1.19 -36.36 -28.87
C GLU B 117 0.54 -35.31 -28.00
N ALA B 118 0.42 -35.59 -26.70
CA ALA B 118 -0.22 -34.68 -25.75
C ALA B 118 0.60 -33.40 -25.56
N MET B 119 1.90 -33.56 -25.30
CA MET B 119 2.78 -32.40 -25.15
C MET B 119 2.86 -31.59 -26.44
N GLY B 120 2.83 -32.26 -27.60
CA GLY B 120 2.85 -31.53 -28.85
C GLY B 120 1.56 -30.79 -29.10
N LYS B 121 0.45 -31.33 -28.62
CA LYS B 121 -0.83 -30.63 -28.71
C LYS B 121 -0.81 -29.41 -27.79
N ALA B 122 -0.25 -29.55 -26.60
CA ALA B 122 -0.04 -28.40 -25.76
C ALA B 122 0.85 -27.38 -26.46
N LEU B 123 2.03 -27.80 -26.91
CA LEU B 123 2.99 -26.86 -27.49
C LEU B 123 2.35 -26.08 -28.64
N LEU B 124 1.66 -26.76 -29.56
CA LEU B 124 1.13 -26.07 -30.73
C LEU B 124 -0.08 -25.21 -30.40
N GLY B 125 -0.68 -25.40 -29.23
CA GLY B 125 -1.83 -24.61 -28.86
C GLY B 125 -1.52 -23.34 -28.14
N ILE B 126 -0.24 -23.08 -27.89
CA ILE B 126 0.17 -21.84 -27.25
C ILE B 126 -0.08 -20.71 -28.23
N GLN B 127 -0.84 -19.71 -27.79
CA GLN B 127 -1.03 -18.53 -28.59
C GLN B 127 0.02 -17.49 -28.22
N GLY B 128 0.62 -16.89 -29.25
CA GLY B 128 1.73 -16.01 -29.01
C GLY B 128 2.94 -16.81 -28.56
N SER B 129 3.73 -16.19 -27.68
CA SER B 129 4.98 -16.76 -27.19
C SER B 129 4.73 -17.54 -25.92
N GLY B 130 5.53 -18.59 -25.73
CA GLY B 130 5.48 -19.33 -24.48
C GLY B 130 6.34 -20.58 -24.50
N TRP B 131 6.21 -21.32 -23.41
CA TRP B 131 6.98 -22.50 -23.13
C TRP B 131 6.02 -23.64 -22.82
N GLY B 132 6.41 -24.86 -23.16
CA GLY B 132 5.75 -26.06 -22.69
C GLY B 132 6.69 -26.87 -21.81
N TRP B 133 6.19 -27.27 -20.66
CA TRP B 133 6.98 -27.97 -19.66
C TRP B 133 6.33 -29.29 -19.30
N LEU B 134 7.15 -30.32 -19.12
CA LEU B 134 6.77 -31.49 -18.34
C LEU B 134 7.28 -31.28 -16.92
N VAL B 135 6.36 -31.35 -15.94
CA VAL B 135 6.65 -31.03 -14.55
C VAL B 135 6.32 -32.20 -13.61
N LYS B 136 6.86 -32.10 -12.38
CA LYS B 136 6.48 -32.91 -11.23
C LYS B 136 5.53 -32.09 -10.36
N GLU B 137 4.39 -32.69 -9.99
CA GLU B 137 3.38 -32.08 -9.12
C GLU B 137 3.01 -33.12 -8.06
N GLY B 138 3.73 -33.11 -6.94
CA GLY B 138 3.53 -34.15 -5.96
C GLY B 138 4.05 -35.48 -6.46
N SER B 139 3.15 -36.45 -6.59
CA SER B 139 3.55 -37.81 -6.97
C SER B 139 3.44 -38.10 -8.47
N GLY B 140 2.67 -37.31 -9.22
CA GLY B 140 2.45 -37.56 -10.63
C GLY B 140 3.00 -36.47 -11.55
N LEU B 141 2.81 -36.69 -12.83
CA LEU B 141 3.33 -35.80 -13.87
C LEU B 141 2.20 -35.04 -14.55
N ARG B 142 2.46 -33.80 -14.94
CA ARG B 142 1.52 -33.02 -15.70
C ARG B 142 2.25 -32.21 -16.77
N ILE B 143 1.58 -32.03 -17.92
CA ILE B 143 2.00 -31.08 -18.95
C ILE B 143 1.38 -29.72 -18.64
N VAL B 144 2.19 -28.68 -18.64
CA VAL B 144 1.71 -27.32 -18.43
C VAL B 144 2.30 -26.42 -19.51
N THR B 145 1.65 -25.28 -19.74
CA THR B 145 2.23 -24.27 -20.60
C THR B 145 2.29 -22.97 -19.84
N THR B 146 3.25 -22.12 -20.20
CA THR B 146 3.38 -20.79 -19.64
C THR B 146 3.50 -19.80 -20.79
N LYS B 147 3.03 -18.58 -20.56
CA LYS B 147 3.20 -17.55 -21.57
C LYS B 147 4.54 -16.87 -21.38
N ASP B 148 5.08 -16.32 -22.48
CA ASP B 148 6.25 -15.46 -22.46
C ASP B 148 7.41 -16.09 -21.71
N GLN B 149 7.93 -15.41 -20.69
CA GLN B 149 9.01 -16.01 -19.92
C GLN B 149 8.58 -16.41 -18.53
N ASP B 150 7.27 -16.46 -18.26
CA ASP B 150 6.76 -16.86 -16.96
C ASP B 150 7.40 -18.18 -16.54
N PRO B 151 7.75 -18.33 -15.27
CA PRO B 151 8.24 -19.62 -14.77
C PRO B 151 7.06 -20.52 -14.41
N VAL B 152 7.39 -21.80 -14.21
CA VAL B 152 6.37 -22.74 -13.73
C VAL B 152 5.93 -22.30 -12.34
N VAL B 153 4.64 -22.47 -12.05
CA VAL B 153 4.06 -22.06 -10.78
C VAL B 153 4.75 -22.75 -9.62
N GLY B 154 4.44 -22.33 -8.39
CA GLY B 154 5.01 -22.96 -7.22
C GLY B 154 4.48 -24.36 -7.00
N GLY B 155 5.31 -25.19 -6.39
CA GLY B 155 4.97 -26.57 -6.15
C GLY B 155 5.29 -27.50 -7.29
N GLU B 156 5.56 -26.97 -8.49
CA GLU B 156 5.88 -27.76 -9.65
C GLU B 156 7.38 -27.72 -9.92
N VAL B 157 7.99 -28.90 -10.00
CA VAL B 157 9.40 -29.05 -10.34
C VAL B 157 9.51 -29.32 -11.84
N PRO B 158 10.29 -28.53 -12.58
CA PRO B 158 10.38 -28.72 -14.04
C PRO B 158 11.30 -29.88 -14.43
N VAL B 159 10.76 -30.80 -15.22
CA VAL B 159 11.55 -31.93 -15.69
C VAL B 159 12.24 -31.55 -17.00
N PHE B 160 11.47 -31.17 -18.02
CA PHE B 160 12.08 -30.56 -19.20
C PHE B 160 11.09 -29.61 -19.87
N GLY B 161 11.64 -28.63 -20.58
CA GLY B 161 10.82 -27.66 -21.27
C GLY B 161 11.21 -27.57 -22.74
N ILE B 162 10.29 -27.04 -23.53
CA ILE B 162 10.54 -26.75 -24.94
C ILE B 162 10.13 -25.30 -25.20
N ASP B 163 11.06 -24.49 -25.73
CA ASP B 163 10.77 -23.11 -26.13
C ASP B 163 9.86 -23.11 -27.34
N MET B 164 8.74 -22.38 -27.27
CA MET B 164 7.85 -22.21 -28.42
C MET B 164 7.81 -20.80 -28.97
N TRP B 165 8.61 -19.87 -28.43
CA TRP B 165 8.84 -18.59 -29.10
C TRP B 165 9.29 -18.81 -30.52
N GLU B 166 8.88 -17.91 -31.41
CA GLU B 166 9.24 -18.07 -32.81
C GLU B 166 10.74 -18.06 -33.03
N HIS B 167 11.49 -17.27 -32.23
CA HIS B 167 12.95 -17.24 -32.38
C HIS B 167 13.58 -18.59 -32.08
N ALA B 168 12.83 -19.54 -31.53
CA ALA B 168 13.38 -20.86 -31.33
C ALA B 168 13.48 -21.66 -32.61
N TYR B 169 12.72 -21.30 -33.64
CA TYR B 169 12.65 -22.22 -34.74
C TYR B 169 12.50 -21.57 -36.11
N TYR B 170 12.15 -20.28 -36.12
CA TYR B 170 11.58 -19.70 -37.33
C TYR B 170 12.59 -19.73 -38.48
N LEU B 171 13.87 -19.46 -38.21
CA LEU B 171 14.84 -19.33 -39.28
C LEU B 171 14.96 -20.61 -40.09
N GLN B 172 14.69 -21.75 -39.47
CA GLN B 172 14.81 -23.06 -40.08
C GLN B 172 13.47 -23.64 -40.51
N TYR B 173 12.40 -23.37 -39.79
CA TYR B 173 11.12 -23.98 -40.05
C TYR B 173 10.05 -22.97 -40.48
N LEU B 174 10.35 -21.67 -40.49
CA LEU B 174 9.35 -20.64 -40.76
C LEU B 174 8.15 -20.86 -39.83
N ASN B 175 6.91 -20.78 -40.33
CA ASN B 175 5.72 -20.94 -39.50
C ASN B 175 5.41 -22.40 -39.20
N GLY B 176 6.28 -23.31 -39.65
CA GLY B 176 6.06 -24.73 -39.51
C GLY B 176 6.44 -25.25 -38.14
N LYS B 177 5.73 -24.78 -37.11
CA LYS B 177 6.05 -25.24 -35.77
C LYS B 177 5.73 -26.72 -35.58
N ALA B 178 4.86 -27.30 -36.43
CA ALA B 178 4.64 -28.74 -36.34
C ALA B 178 5.92 -29.51 -36.56
N ALA B 179 6.66 -29.15 -37.62
CA ALA B 179 7.92 -29.83 -37.93
C ALA B 179 9.00 -29.57 -36.88
N TYR B 180 9.02 -28.37 -36.27
CA TYR B 180 9.96 -28.11 -35.19
C TYR B 180 9.69 -29.03 -34.00
N VAL B 181 8.43 -29.19 -33.61
CA VAL B 181 8.12 -30.03 -32.46
C VAL B 181 8.41 -31.49 -32.78
N ASP B 182 8.13 -31.93 -34.01
CA ASP B 182 8.46 -33.31 -34.37
C ASP B 182 9.96 -33.56 -34.27
N ASN B 183 10.76 -32.59 -34.69
CA ASN B 183 12.20 -32.84 -34.73
C ASN B 183 12.88 -32.66 -33.37
N ILE B 184 12.33 -31.83 -32.49
CA ILE B 184 13.06 -31.58 -31.24
C ILE B 184 13.10 -32.81 -30.35
N TRP B 185 12.21 -33.80 -30.55
CA TRP B 185 12.31 -35.00 -29.72
C TRP B 185 13.63 -35.73 -29.95
N LYS B 186 14.21 -35.60 -31.15
CA LYS B 186 15.48 -36.24 -31.46
C LYS B 186 16.63 -35.67 -30.64
N VAL B 187 16.41 -34.60 -29.87
CA VAL B 187 17.50 -33.94 -29.17
C VAL B 187 17.09 -33.62 -27.74
N ILE B 188 16.04 -34.28 -27.24
CA ILE B 188 15.63 -34.11 -25.84
C ILE B 188 16.53 -34.97 -24.98
N ASN B 189 17.12 -34.38 -23.95
CA ASN B 189 18.11 -35.06 -23.12
C ASN B 189 17.37 -35.79 -22.01
N TRP B 190 17.09 -37.07 -22.22
CA TRP B 190 16.36 -37.79 -21.20
C TRP B 190 17.20 -38.07 -19.95
N LYS B 191 18.52 -37.88 -20.01
CA LYS B 191 19.34 -38.00 -18.81
C LYS B 191 19.13 -36.81 -17.88
N THR B 192 19.06 -35.60 -18.44
CA THR B 192 18.72 -34.44 -17.64
C THR B 192 17.31 -34.59 -17.09
N ALA B 193 16.37 -34.96 -17.96
CA ALA B 193 15.00 -35.19 -17.51
C ALA B 193 14.96 -36.20 -16.35
N GLU B 194 15.69 -37.32 -16.48
CA GLU B 194 15.67 -38.33 -15.43
C GLU B 194 16.30 -37.83 -14.14
N GLN B 195 17.39 -37.06 -14.24
CA GLN B 195 18.02 -36.54 -13.02
C GLN B 195 17.13 -35.50 -12.34
N ARG B 196 16.38 -34.73 -13.10
CA ARG B 196 15.47 -33.77 -12.49
C ARG B 196 14.28 -34.47 -11.87
N PHE B 197 13.79 -35.53 -12.53
CA PHE B 197 12.67 -36.30 -11.98
C PHE B 197 12.95 -36.77 -10.55
N LYS B 198 14.22 -36.96 -10.20
CA LYS B 198 14.61 -37.26 -8.82
C LYS B 198 15.40 -36.08 -8.20
N VAL C 3 -27.40 6.91 15.30
CA VAL C 3 -27.07 5.70 16.08
C VAL C 3 -26.31 4.62 15.29
N GLY C 4 -25.61 5.03 14.23
CA GLY C 4 -24.68 4.15 13.53
C GLY C 4 -25.32 3.04 12.72
N THR C 5 -26.61 3.18 12.41
CA THR C 5 -27.32 2.22 11.59
C THR C 5 -28.20 3.01 10.65
N PHE C 6 -28.18 2.61 9.39
CA PHE C 6 -29.08 3.11 8.38
C PHE C 6 -30.42 2.40 8.51
N SER C 7 -31.42 2.88 7.80
CA SER C 7 -32.76 2.32 7.91
C SER C 7 -33.52 2.50 6.60
N LEU C 8 -34.56 1.67 6.42
CA LEU C 8 -35.35 1.65 5.19
C LEU C 8 -36.27 2.85 5.07
N PRO C 9 -36.03 3.77 4.14
CA PRO C 9 -36.93 4.92 4.01
C PRO C 9 -38.31 4.48 3.56
N ALA C 10 -39.34 5.01 4.21
CA ALA C 10 -40.67 4.75 3.71
C ALA C 10 -40.78 5.35 2.31
N LEU C 11 -41.55 4.68 1.45
CA LEU C 11 -41.77 5.19 0.11
C LEU C 11 -42.59 6.47 0.13
N PRO C 12 -42.49 7.29 -0.94
CA PRO C 12 -43.37 8.46 -1.07
C PRO C 12 -44.75 8.18 -1.64
N TYR C 13 -45.18 6.91 -1.71
CA TYR C 13 -46.45 6.53 -2.30
C TYR C 13 -46.75 5.08 -1.93
N ALA C 14 -47.97 4.62 -2.21
CA ALA C 14 -48.32 3.23 -1.94
C ALA C 14 -47.77 2.31 -3.03
N TYR C 15 -47.72 1.01 -2.73
CA TYR C 15 -47.02 0.08 -3.60
C TYR C 15 -47.67 -0.05 -4.97
N ASP C 16 -48.93 0.35 -5.11
CA ASP C 16 -49.61 0.30 -6.40
C ASP C 16 -49.61 1.62 -7.15
N ALA C 17 -49.00 2.67 -6.60
CA ALA C 17 -49.13 3.99 -7.22
C ALA C 17 -48.53 4.06 -8.62
N LEU C 18 -47.60 3.16 -8.95
CA LEU C 18 -46.89 3.27 -10.21
C LEU C 18 -47.44 2.33 -11.25
N GLU C 19 -48.57 1.68 -10.97
CA GLU C 19 -49.25 0.86 -11.96
C GLU C 19 -49.85 1.74 -13.05
N PRO C 20 -49.92 1.24 -14.28
CA PRO C 20 -49.51 -0.07 -14.79
C PRO C 20 -48.03 -0.20 -15.10
N SER C 21 -47.24 0.83 -14.83
CA SER C 21 -45.84 0.82 -15.26
C SER C 21 -45.02 -0.18 -14.45
N ILE C 22 -45.16 -0.14 -13.13
CA ILE C 22 -44.50 -1.09 -12.26
C ILE C 22 -45.53 -1.62 -11.28
N SER C 23 -45.62 -2.95 -11.18
CA SER C 23 -46.70 -3.59 -10.44
C SER C 23 -46.50 -3.50 -8.92
N ALA C 24 -47.62 -3.55 -8.18
CA ALA C 24 -47.58 -3.39 -6.74
C ALA C 24 -46.85 -4.53 -6.06
N GLN C 25 -46.73 -5.66 -6.75
CA GLN C 25 -45.94 -6.76 -6.24
C GLN C 25 -44.45 -6.44 -6.34
N ILE C 26 -44.01 -6.01 -7.52
CA ILE C 26 -42.60 -5.64 -7.67
C ILE C 26 -42.23 -4.56 -6.65
N MET C 27 -43.07 -3.53 -6.53
CA MET C 27 -42.74 -2.45 -5.63
C MET C 27 -42.63 -2.94 -4.20
N GLU C 28 -43.53 -3.84 -3.80
CA GLU C 28 -43.48 -4.30 -2.40
C GLU C 28 -42.27 -5.21 -2.17
N LEU C 29 -41.93 -6.06 -3.16
CA LEU C 29 -40.77 -6.93 -3.01
C LEU C 29 -39.47 -6.15 -3.16
N HIS C 30 -39.45 -5.19 -4.08
CA HIS C 30 -38.26 -4.39 -4.29
C HIS C 30 -37.96 -3.56 -3.05
N HIS C 31 -39.00 -3.04 -2.38
CA HIS C 31 -38.77 -2.13 -1.26
C HIS C 31 -38.50 -2.88 0.05
N SER C 32 -39.44 -3.71 0.49
CA SER C 32 -39.38 -4.33 1.81
C SER C 32 -38.58 -5.62 1.84
N LYS C 33 -38.11 -6.09 0.68
CA LYS C 33 -37.30 -7.31 0.63
C LYS C 33 -35.91 -7.01 0.08
N HIS C 34 -35.82 -6.57 -1.17
CA HIS C 34 -34.51 -6.27 -1.73
C HIS C 34 -33.84 -5.12 -0.99
N HIS C 35 -34.44 -3.92 -1.05
CA HIS C 35 -33.84 -2.78 -0.36
C HIS C 35 -33.68 -3.04 1.13
N GLN C 36 -34.70 -3.63 1.76
CA GLN C 36 -34.60 -3.93 3.18
C GLN C 36 -33.36 -4.77 3.48
N THR C 37 -33.10 -5.80 2.68
CA THR C 37 -31.94 -6.67 2.93
C THR C 37 -30.62 -5.90 2.77
N TYR C 38 -30.54 -4.97 1.82
CA TYR C 38 -29.32 -4.16 1.75
C TYR C 38 -29.07 -3.40 3.04
N VAL C 39 -30.13 -2.82 3.63
CA VAL C 39 -29.96 -2.05 4.85
C VAL C 39 -29.55 -2.96 6.00
N THR C 40 -30.33 -4.03 6.23
CA THR C 40 -30.09 -4.99 7.29
C THR C 40 -28.66 -5.52 7.26
N ASN C 41 -28.18 -5.95 6.09
CA ASN C 41 -26.81 -6.46 6.04
C ASN C 41 -25.81 -5.33 6.29
N LEU C 42 -26.08 -4.14 5.77
CA LEU C 42 -25.20 -2.99 5.98
C LEU C 42 -24.99 -2.72 7.47
N ASN C 43 -26.05 -2.91 8.26
CA ASN C 43 -25.94 -2.70 9.70
C ASN C 43 -25.20 -3.84 10.37
N ASN C 44 -25.54 -5.08 10.00
CA ASN C 44 -24.84 -6.25 10.55
C ASN C 44 -23.33 -6.17 10.33
N ALA C 45 -22.91 -5.50 9.24
CA ALA C 45 -21.49 -5.42 8.97
C ALA C 45 -20.86 -4.23 9.64
N LEU C 46 -21.58 -3.12 9.74
CA LEU C 46 -21.04 -1.97 10.45
C LEU C 46 -20.84 -2.31 11.91
N LYS C 47 -21.71 -3.18 12.45
CA LYS C 47 -21.61 -3.61 13.84
C LYS C 47 -20.20 -4.15 14.15
N THR C 48 -19.83 -5.22 13.43
CA THR C 48 -18.60 -5.94 13.77
C THR C 48 -17.35 -5.24 13.26
N TYR C 49 -17.48 -4.33 12.31
CA TYR C 49 -16.30 -3.68 11.75
C TYR C 49 -15.51 -2.95 12.83
N SER C 50 -16.20 -2.32 13.78
CA SER C 50 -15.53 -1.57 14.85
C SER C 50 -14.64 -2.48 15.69
N THR C 51 -15.20 -3.61 16.14
CA THR C 51 -14.40 -4.60 16.86
C THR C 51 -13.16 -4.99 16.06
N ALA C 52 -13.38 -5.61 14.90
CA ALA C 52 -12.28 -6.14 14.11
C ALA C 52 -11.34 -5.06 13.62
N LEU C 53 -11.67 -3.79 13.80
CA LEU C 53 -10.70 -2.76 13.46
C LEU C 53 -9.71 -2.54 14.59
N ALA C 54 -10.20 -2.48 15.83
CA ALA C 54 -9.34 -2.27 17.00
C ALA C 54 -8.68 -3.57 17.46
N ALA C 55 -9.32 -4.73 17.19
CA ALA C 55 -8.72 -6.05 17.38
C ALA C 55 -7.73 -6.42 16.29
N ASN C 56 -7.33 -5.44 15.46
CA ASN C 56 -6.47 -5.58 14.28
C ASN C 56 -6.64 -6.89 13.50
N ASP C 57 -7.87 -7.42 13.45
CA ASP C 57 -8.20 -8.61 12.65
C ASP C 57 -8.36 -8.20 11.18
N VAL C 58 -7.22 -7.93 10.54
CA VAL C 58 -7.18 -7.46 9.17
C VAL C 58 -7.83 -8.45 8.19
N PRO C 59 -7.76 -9.79 8.41
CA PRO C 59 -8.58 -10.71 7.60
C PRO C 59 -10.05 -10.34 7.51
N SER C 60 -10.77 -10.26 8.65
CA SER C 60 -12.19 -9.95 8.58
C SER C 60 -12.45 -8.44 8.49
N GLN C 61 -11.44 -7.61 8.79
CA GLN C 61 -11.49 -6.21 8.37
C GLN C 61 -11.79 -6.11 6.89
N ILE C 62 -11.12 -6.93 6.09
CA ILE C 62 -11.26 -6.90 4.64
C ILE C 62 -12.62 -7.49 4.22
N ALA C 63 -12.97 -8.65 4.77
CA ALA C 63 -14.25 -9.26 4.46
C ALA C 63 -15.41 -8.29 4.69
N LEU C 64 -15.40 -7.61 5.84
CA LEU C 64 -16.48 -6.69 6.21
C LEU C 64 -16.48 -5.44 5.33
N GLN C 65 -15.32 -4.84 5.09
CA GLN C 65 -15.26 -3.72 4.15
C GLN C 65 -16.02 -4.03 2.86
N ALA C 66 -15.95 -5.28 2.40
CA ALA C 66 -16.62 -5.67 1.16
C ALA C 66 -18.15 -5.69 1.32
N ALA C 67 -18.65 -6.32 2.39
CA ALA C 67 -20.08 -6.32 2.63
C ALA C 67 -20.61 -4.90 2.82
N ILE C 68 -19.74 -3.99 3.26
CA ILE C 68 -20.18 -2.64 3.50
C ILE C 68 -20.15 -1.83 2.22
N LYS C 69 -19.12 -1.99 1.41
CA LYS C 69 -19.15 -1.36 0.09
C LYS C 69 -20.41 -1.78 -0.64
N PHE C 70 -20.70 -3.08 -0.62
CA PHE C 70 -21.79 -3.60 -1.42
C PHE C 70 -23.14 -3.15 -0.89
N ASN C 71 -23.48 -3.50 0.35
CA ASN C 71 -24.77 -3.12 0.88
C ASN C 71 -24.89 -1.60 1.10
N GLY C 72 -23.78 -0.94 1.42
CA GLY C 72 -23.79 0.51 1.43
C GLY C 72 -24.20 1.09 0.09
N ALA C 73 -23.69 0.54 -1.00
CA ALA C 73 -24.10 1.03 -2.30
C ALA C 73 -25.49 0.56 -2.68
N GLY C 74 -25.91 -0.62 -2.21
CA GLY C 74 -27.28 -1.03 -2.46
C GLY C 74 -28.25 -0.03 -1.90
N HIS C 75 -27.96 0.47 -0.71
CA HIS C 75 -28.85 1.36 0.02
C HIS C 75 -28.91 2.74 -0.64
N ILE C 76 -27.77 3.30 -1.02
CA ILE C 76 -27.76 4.58 -1.72
C ILE C 76 -28.59 4.51 -3.00
N ASN C 77 -28.33 3.50 -3.83
CA ASN C 77 -28.91 3.48 -5.17
C ASN C 77 -30.42 3.32 -5.10
N HIS C 78 -30.91 2.40 -4.28
CA HIS C 78 -32.36 2.26 -4.16
C HIS C 78 -33.00 3.49 -3.51
N SER C 79 -32.29 4.18 -2.60
CA SER C 79 -32.88 5.38 -2.00
C SER C 79 -32.98 6.50 -3.03
N LEU C 80 -32.00 6.62 -3.92
CA LEU C 80 -32.15 7.59 -5.00
C LEU C 80 -33.30 7.19 -5.91
N PHE C 81 -33.50 5.88 -6.10
CA PHE C 81 -34.44 5.40 -7.10
C PHE C 81 -35.88 5.69 -6.69
N TRP C 82 -36.21 5.53 -5.40
CA TRP C 82 -37.60 5.69 -4.98
C TRP C 82 -38.05 7.15 -5.12
N GLU C 83 -37.13 8.10 -5.07
CA GLU C 83 -37.49 9.47 -5.34
C GLU C 83 -37.48 9.82 -6.82
N ASN C 84 -36.77 9.07 -7.67
CA ASN C 84 -36.88 9.30 -9.12
C ASN C 84 -38.27 9.02 -9.64
N LEU C 85 -39.10 8.28 -8.90
CA LEU C 85 -40.37 7.78 -9.42
C LEU C 85 -41.55 8.50 -8.78
N CYS C 86 -42.63 8.59 -9.53
CA CYS C 86 -43.86 9.18 -9.01
C CYS C 86 -45.01 8.64 -9.82
N PRO C 87 -46.25 8.82 -9.36
CA PRO C 87 -47.39 8.24 -10.10
C PRO C 87 -47.53 8.89 -11.46
N ALA C 88 -47.80 8.06 -12.47
CA ALA C 88 -47.90 8.52 -13.85
C ALA C 88 -48.86 9.69 -13.99
N SER C 89 -49.92 9.72 -13.18
CA SER C 89 -50.91 10.79 -13.21
C SER C 89 -50.46 12.06 -12.47
N SER C 90 -49.24 12.08 -11.91
CA SER C 90 -48.80 13.28 -11.19
C SER C 90 -48.23 14.32 -12.14
N PRO C 91 -48.38 15.61 -11.84
CA PRO C 91 -47.63 16.60 -12.62
C PRO C 91 -46.13 16.37 -12.55
N ASP C 92 -45.65 15.80 -11.43
CA ASP C 92 -44.21 15.57 -11.28
C ASP C 92 -43.67 14.64 -12.36
N ALA C 93 -44.53 13.92 -13.07
CA ALA C 93 -44.06 13.02 -14.12
C ALA C 93 -44.00 13.70 -15.47
N ASP C 94 -44.32 14.99 -15.55
CA ASP C 94 -44.25 15.73 -16.80
C ASP C 94 -42.88 16.38 -16.91
N PRO C 95 -42.11 16.12 -17.96
CA PRO C 95 -40.79 16.76 -18.09
C PRO C 95 -40.81 18.25 -17.79
N ALA C 96 -41.89 18.94 -18.18
CA ALA C 96 -42.00 20.38 -17.97
C ALA C 96 -41.82 20.76 -16.50
N SER C 97 -41.89 19.78 -15.59
CA SER C 97 -41.50 19.96 -14.20
C SER C 97 -40.00 20.25 -14.02
N ALA C 98 -39.18 20.10 -15.06
CA ALA C 98 -37.74 20.28 -14.99
C ALA C 98 -37.29 21.15 -16.16
N PRO C 99 -37.68 22.42 -16.16
CA PRO C 99 -37.40 23.25 -17.35
C PRO C 99 -35.90 23.51 -17.57
N GLU C 100 -35.13 23.74 -16.51
CA GLU C 100 -33.68 23.90 -16.67
C GLU C 100 -33.01 22.59 -17.13
N LEU C 101 -33.30 21.48 -16.46
CA LEU C 101 -32.70 20.21 -16.82
C LEU C 101 -33.10 19.79 -18.23
N THR C 102 -34.39 19.93 -18.58
CA THR C 102 -34.79 19.45 -19.90
C THR C 102 -34.19 20.30 -20.99
N ALA C 103 -34.10 21.61 -20.77
CA ALA C 103 -33.42 22.46 -21.75
C ALA C 103 -31.95 22.04 -21.92
N GLU C 104 -31.25 21.75 -20.83
CA GLU C 104 -29.89 21.27 -20.94
C GLU C 104 -29.82 19.93 -21.67
N ILE C 105 -30.82 19.06 -21.45
CA ILE C 105 -30.86 17.78 -22.15
C ILE C 105 -30.99 18.00 -23.66
N ALA C 106 -31.98 18.81 -24.05
CA ALA C 106 -32.18 19.11 -25.47
C ALA C 106 -30.91 19.68 -26.10
N LYS C 107 -30.23 20.58 -25.39
CA LYS C 107 -28.98 21.12 -25.91
C LYS C 107 -27.94 20.01 -26.06
N THR C 108 -27.87 19.11 -25.07
CA THR C 108 -26.82 18.10 -25.05
C THR C 108 -27.06 17.04 -26.12
N TRP C 109 -28.20 16.35 -26.05
CA TRP C 109 -28.59 15.43 -27.11
C TRP C 109 -29.31 16.24 -28.17
N GLY C 110 -30.09 15.64 -29.05
CA GLY C 110 -30.84 16.54 -29.93
C GLY C 110 -32.03 17.21 -29.24
N SER C 111 -32.85 16.37 -28.61
CA SER C 111 -34.17 16.70 -28.12
C SER C 111 -34.43 15.79 -26.93
N LEU C 112 -35.58 15.97 -26.29
CA LEU C 112 -35.92 15.05 -25.20
C LEU C 112 -35.99 13.61 -25.71
N ASP C 113 -36.58 13.41 -26.91
CA ASP C 113 -36.77 12.06 -27.43
C ASP C 113 -35.47 11.44 -27.89
N LYS C 114 -34.54 12.24 -28.45
CA LYS C 114 -33.23 11.70 -28.77
C LYS C 114 -32.48 11.29 -27.50
N PHE C 115 -32.79 11.91 -26.36
CA PHE C 115 -32.20 11.49 -25.09
C PHE C 115 -32.80 10.18 -24.61
N LYS C 116 -34.14 10.06 -24.63
CA LYS C 116 -34.76 8.79 -24.30
C LYS C 116 -34.17 7.65 -25.11
N GLU C 117 -34.03 7.85 -26.42
CA GLU C 117 -33.44 6.83 -27.28
C GLU C 117 -32.04 6.43 -26.79
N ALA C 118 -31.19 7.42 -26.48
CA ALA C 118 -29.83 7.10 -26.06
C ALA C 118 -29.81 6.40 -24.70
N MET C 119 -30.61 6.89 -23.77
CA MET C 119 -30.71 6.27 -22.46
C MET C 119 -31.14 4.81 -22.56
N GLY C 120 -32.27 4.56 -23.22
CA GLY C 120 -32.74 3.20 -23.32
C GLY C 120 -31.76 2.29 -24.03
N LYS C 121 -31.02 2.82 -25.00
CA LYS C 121 -29.96 2.02 -25.61
C LYS C 121 -28.91 1.64 -24.57
N ALA C 122 -28.56 2.56 -23.67
CA ALA C 122 -27.63 2.26 -22.59
C ALA C 122 -28.24 1.33 -21.55
N LEU C 123 -29.53 1.49 -21.26
CA LEU C 123 -30.18 0.59 -20.31
C LEU C 123 -30.15 -0.85 -20.84
N LEU C 124 -30.48 -1.02 -22.11
CA LEU C 124 -30.59 -2.37 -22.66
C LEU C 124 -29.24 -3.01 -22.87
N GLY C 125 -28.18 -2.22 -23.04
CA GLY C 125 -26.86 -2.75 -23.33
C GLY C 125 -26.07 -3.22 -22.12
N ILE C 126 -26.58 -2.94 -20.92
CA ILE C 126 -26.02 -3.49 -19.71
C ILE C 126 -26.06 -5.01 -19.81
N GLN C 127 -24.94 -5.65 -19.49
CA GLN C 127 -24.90 -7.11 -19.39
C GLN C 127 -25.10 -7.47 -17.93
N GLY C 128 -26.05 -8.35 -17.67
CA GLY C 128 -26.33 -8.68 -16.28
C GLY C 128 -27.00 -7.52 -15.55
N SER C 129 -26.70 -7.44 -14.26
CA SER C 129 -27.29 -6.47 -13.35
C SER C 129 -26.57 -5.12 -13.44
N GLY C 130 -27.30 -4.06 -13.16
CA GLY C 130 -26.68 -2.75 -13.21
C GLY C 130 -27.74 -1.67 -13.22
N TRP C 131 -27.26 -0.43 -13.40
CA TRP C 131 -28.09 0.76 -13.33
C TRP C 131 -27.75 1.67 -14.49
N GLY C 132 -28.73 2.42 -14.96
CA GLY C 132 -28.49 3.53 -15.88
C GLY C 132 -28.85 4.83 -15.18
N TRP C 133 -28.02 5.86 -15.36
CA TRP C 133 -28.19 7.14 -14.68
C TRP C 133 -28.01 8.25 -15.68
N LEU C 134 -28.78 9.33 -15.49
CA LEU C 134 -28.45 10.64 -15.99
C LEU C 134 -27.64 11.33 -14.90
N VAL C 135 -26.41 11.69 -15.20
CA VAL C 135 -25.60 12.40 -14.22
C VAL C 135 -25.23 13.76 -14.76
N LYS C 136 -24.96 14.69 -13.84
CA LYS C 136 -24.29 15.92 -14.24
C LYS C 136 -22.84 15.81 -13.81
N GLU C 137 -21.95 16.14 -14.74
CA GLU C 137 -20.50 16.08 -14.58
C GLU C 137 -19.96 17.48 -14.92
N GLY C 138 -19.68 18.27 -13.89
CA GLY C 138 -19.31 19.66 -14.08
C GLY C 138 -20.42 20.55 -14.61
N SER C 139 -20.28 21.02 -15.87
CA SER C 139 -21.28 21.81 -16.58
C SER C 139 -22.19 20.99 -17.46
N GLY C 140 -21.70 19.85 -17.96
CA GLY C 140 -22.43 19.04 -18.90
C GLY C 140 -23.15 17.89 -18.23
N LEU C 141 -24.01 17.25 -19.01
CA LEU C 141 -24.71 16.04 -18.59
C LEU C 141 -24.10 14.82 -19.28
N ARG C 142 -24.35 13.65 -18.70
CA ARG C 142 -23.96 12.39 -19.29
C ARG C 142 -24.98 11.31 -18.97
N ILE C 143 -25.01 10.30 -19.83
CA ILE C 143 -25.58 9.01 -19.52
C ILE C 143 -24.44 8.12 -19.10
N VAL C 144 -24.58 7.46 -17.97
CA VAL C 144 -23.60 6.48 -17.54
C VAL C 144 -24.36 5.24 -17.08
N THR C 145 -23.67 4.12 -17.04
CA THR C 145 -24.20 2.92 -16.40
C THR C 145 -23.22 2.46 -15.35
N THR C 146 -23.74 1.75 -14.34
CA THR C 146 -22.89 1.13 -13.35
C THR C 146 -23.27 -0.34 -13.24
N LYS C 147 -22.26 -1.21 -12.98
CA LYS C 147 -22.53 -2.63 -12.88
C LYS C 147 -22.97 -2.95 -11.47
N ASP C 148 -23.85 -3.96 -11.34
CA ASP C 148 -24.30 -4.47 -10.06
C ASP C 148 -24.89 -3.37 -9.19
N GLN C 149 -24.25 -3.06 -8.05
CA GLN C 149 -24.74 -1.98 -7.20
C GLN C 149 -23.83 -0.77 -7.20
N ASP C 150 -22.83 -0.72 -8.08
CA ASP C 150 -21.88 0.38 -8.07
C ASP C 150 -22.59 1.73 -8.06
N PRO C 151 -22.22 2.65 -7.17
CA PRO C 151 -22.86 3.96 -7.12
C PRO C 151 -22.19 4.89 -8.11
N VAL C 152 -22.92 5.96 -8.45
CA VAL C 152 -22.38 6.96 -9.36
C VAL C 152 -21.05 7.46 -8.80
N VAL C 153 -20.02 7.37 -9.63
CA VAL C 153 -18.62 7.68 -9.29
C VAL C 153 -18.50 9.05 -8.65
N GLY C 154 -17.53 9.23 -7.76
CA GLY C 154 -17.29 10.55 -7.19
C GLY C 154 -17.00 11.57 -8.26
N GLY C 155 -17.38 12.82 -7.99
CA GLY C 155 -17.23 13.87 -8.96
C GLY C 155 -18.39 14.02 -9.92
N GLU C 156 -19.23 13.00 -10.04
CA GLU C 156 -20.49 13.08 -10.77
C GLU C 156 -21.64 13.23 -9.77
N VAL C 157 -22.72 13.87 -10.23
CA VAL C 157 -23.91 14.06 -9.42
C VAL C 157 -25.08 13.32 -10.08
N PRO C 158 -25.75 12.41 -9.38
CA PRO C 158 -26.85 11.68 -9.98
C PRO C 158 -28.11 12.53 -10.03
N VAL C 159 -28.76 12.58 -11.22
CA VAL C 159 -30.03 13.25 -11.45
C VAL C 159 -31.19 12.26 -11.34
N PHE C 160 -31.22 11.25 -12.20
CA PHE C 160 -32.10 10.13 -11.93
C PHE C 160 -31.45 8.84 -12.43
N GLY C 161 -31.83 7.74 -11.79
CA GLY C 161 -31.44 6.42 -12.20
C GLY C 161 -32.61 5.52 -12.47
N ILE C 162 -32.37 4.50 -13.27
CA ILE C 162 -33.33 3.45 -13.54
C ILE C 162 -32.64 2.11 -13.25
N ASP C 163 -33.27 1.29 -12.40
CA ASP C 163 -32.68 0.03 -11.96
C ASP C 163 -32.99 -1.05 -12.99
N MET C 164 -31.94 -1.64 -13.59
CA MET C 164 -32.13 -2.69 -14.58
C MET C 164 -31.92 -4.10 -14.04
N TRP C 165 -31.58 -4.28 -12.75
CA TRP C 165 -31.60 -5.61 -12.18
C TRP C 165 -32.94 -6.30 -12.43
N GLU C 166 -32.89 -7.61 -12.63
CA GLU C 166 -34.09 -8.34 -13.04
C GLU C 166 -35.21 -8.17 -12.02
N HIS C 167 -34.88 -8.14 -10.72
CA HIS C 167 -35.95 -8.14 -9.72
C HIS C 167 -36.82 -6.92 -9.83
N ALA C 168 -36.33 -5.88 -10.51
CA ALA C 168 -37.08 -4.64 -10.73
C ALA C 168 -38.19 -4.75 -11.77
N TYR C 169 -38.25 -5.84 -12.56
CA TYR C 169 -39.26 -5.88 -13.62
C TYR C 169 -39.73 -7.30 -13.94
N TYR C 170 -38.97 -8.31 -13.52
CA TYR C 170 -39.14 -9.65 -14.09
C TYR C 170 -40.55 -10.20 -13.88
N LEU C 171 -41.12 -9.99 -12.68
CA LEU C 171 -42.42 -10.58 -12.39
C LEU C 171 -43.48 -10.13 -13.39
N GLN C 172 -43.48 -8.83 -13.71
CA GLN C 172 -44.48 -8.29 -14.61
C GLN C 172 -44.04 -8.38 -16.07
N TYR C 173 -42.76 -8.12 -16.37
CA TYR C 173 -42.32 -7.99 -17.76
C TYR C 173 -41.56 -9.19 -18.29
N LEU C 174 -41.15 -10.12 -17.42
CA LEU C 174 -40.37 -11.32 -17.80
C LEU C 174 -39.05 -10.86 -18.39
N ASN C 175 -38.54 -11.51 -19.41
CA ASN C 175 -37.30 -11.08 -20.04
C ASN C 175 -37.50 -9.84 -20.93
N GLY C 176 -38.67 -9.21 -20.85
CA GLY C 176 -38.98 -8.13 -21.76
C GLY C 176 -38.41 -6.82 -21.29
N LYS C 177 -37.08 -6.67 -21.41
CA LYS C 177 -36.40 -5.51 -20.83
C LYS C 177 -36.87 -4.23 -21.47
N ALA C 178 -37.24 -4.29 -22.75
CA ALA C 178 -37.58 -3.08 -23.49
C ALA C 178 -38.98 -2.60 -23.19
N ALA C 179 -39.91 -3.51 -22.94
CA ALA C 179 -41.21 -3.12 -22.43
C ALA C 179 -41.07 -2.42 -21.09
N TYR C 180 -40.23 -2.95 -20.20
CA TYR C 180 -40.00 -2.32 -18.91
C TYR C 180 -39.57 -0.87 -19.08
N VAL C 181 -38.52 -0.64 -19.87
CA VAL C 181 -37.94 0.69 -19.99
C VAL C 181 -38.96 1.67 -20.55
N ASP C 182 -39.68 1.28 -21.62
CA ASP C 182 -40.66 2.16 -22.25
C ASP C 182 -41.70 2.65 -21.26
N ASN C 183 -42.05 1.83 -20.27
CA ASN C 183 -43.08 2.20 -19.34
C ASN C 183 -42.53 2.93 -18.13
N ILE C 184 -41.23 2.89 -17.89
CA ILE C 184 -40.78 3.59 -16.71
C ILE C 184 -40.67 5.09 -16.99
N TRP C 185 -40.56 5.49 -18.25
CA TRP C 185 -40.61 6.92 -18.58
C TRP C 185 -41.87 7.56 -18.03
N LYS C 186 -43.00 6.86 -18.08
CA LYS C 186 -44.26 7.38 -17.55
C LYS C 186 -44.26 7.59 -16.03
N VAL C 187 -43.26 7.14 -15.28
CA VAL C 187 -43.31 7.35 -13.84
C VAL C 187 -41.99 7.94 -13.35
N ILE C 188 -41.21 8.52 -14.25
CA ILE C 188 -40.05 9.29 -13.84
C ILE C 188 -40.53 10.57 -13.17
N ASN C 189 -40.04 10.85 -11.98
CA ASN C 189 -40.35 12.10 -11.29
C ASN C 189 -39.40 13.17 -11.81
N TRP C 190 -39.87 14.02 -12.71
CA TRP C 190 -39.01 15.08 -13.21
C TRP C 190 -38.82 16.21 -12.21
N LYS C 191 -39.75 16.39 -11.27
CA LYS C 191 -39.51 17.39 -10.25
C LYS C 191 -38.33 16.98 -9.36
N THR C 192 -38.23 15.70 -9.05
CA THR C 192 -37.03 15.25 -8.33
C THR C 192 -35.78 15.48 -9.18
N ALA C 193 -35.91 15.30 -10.49
CA ALA C 193 -34.78 15.45 -11.38
C ALA C 193 -34.28 16.88 -11.39
N GLU C 194 -35.22 17.83 -11.53
CA GLU C 194 -34.88 19.26 -11.53
C GLU C 194 -34.11 19.61 -10.27
N GLN C 195 -34.64 19.19 -9.13
CA GLN C 195 -34.06 19.57 -7.85
C GLN C 195 -32.61 19.12 -7.75
N ARG C 196 -32.33 17.87 -8.16
CA ARG C 196 -30.97 17.37 -8.13
C ARG C 196 -30.09 18.11 -9.11
N PHE C 197 -30.61 18.40 -10.30
CA PHE C 197 -29.86 19.15 -11.30
C PHE C 197 -29.46 20.52 -10.75
N LYS C 198 -30.28 21.11 -9.90
CA LYS C 198 -30.08 22.47 -9.42
C LYS C 198 -29.32 22.57 -8.11
N GLY C 199 -29.24 21.48 -7.33
CA GLY C 199 -28.53 21.46 -6.07
C GLY C 199 -27.23 20.67 -6.14
N ASP C 200 -26.56 20.63 -5.00
CA ASP C 200 -25.24 20.04 -4.87
C ASP C 200 -25.30 18.51 -4.90
N ARG C 201 -24.12 17.86 -4.89
CA ARG C 201 -24.04 16.43 -4.65
C ARG C 201 -24.57 16.07 -3.26
N GLU C 202 -24.10 16.80 -2.23
CA GLU C 202 -24.50 16.51 -0.86
C GLU C 202 -25.99 16.74 -0.63
N ASP C 203 -26.59 17.67 -1.40
CA ASP C 203 -28.04 17.87 -1.33
C ASP C 203 -28.80 16.59 -1.66
N ALA C 204 -28.13 15.58 -2.23
CA ALA C 204 -28.63 14.20 -2.33
C ALA C 204 -27.56 13.16 -1.94
N PHE D 6 28.24 -3.88 -9.65
CA PHE D 6 28.96 -2.88 -8.84
C PHE D 6 30.32 -3.39 -8.35
N SER D 7 31.34 -2.50 -8.33
CA SER D 7 32.72 -2.87 -7.99
C SER D 7 33.45 -1.73 -7.27
N LEU D 8 34.62 -2.07 -6.68
CA LEU D 8 35.37 -1.13 -5.85
C LEU D 8 36.31 -0.29 -6.71
N PRO D 9 36.05 0.99 -6.88
CA PRO D 9 36.94 1.80 -7.72
C PRO D 9 38.31 1.93 -7.08
N ALA D 10 39.33 2.00 -7.92
CA ALA D 10 40.67 2.22 -7.41
C ALA D 10 40.84 3.69 -7.03
N LEU D 11 41.64 3.92 -6.01
CA LEU D 11 41.88 5.29 -5.62
C LEU D 11 42.73 5.97 -6.68
N PRO D 12 42.51 7.27 -6.92
CA PRO D 12 43.40 8.01 -7.84
C PRO D 12 44.83 8.15 -7.32
N TYR D 13 45.14 7.59 -6.17
CA TYR D 13 46.43 7.85 -5.56
C TYR D 13 46.76 6.64 -4.69
N ALA D 14 48.00 6.59 -4.24
CA ALA D 14 48.39 5.54 -3.34
C ALA D 14 47.82 5.80 -1.95
N TYR D 15 47.67 4.71 -1.18
CA TYR D 15 47.11 4.79 0.18
C TYR D 15 47.84 5.78 1.08
N ASP D 16 49.09 6.14 0.79
CA ASP D 16 49.78 7.09 1.65
C ASP D 16 49.94 8.45 0.98
N ALA D 17 49.18 8.72 -0.09
CA ALA D 17 49.31 9.97 -0.83
C ALA D 17 48.62 11.14 -0.14
N LEU D 18 47.70 10.92 0.80
CA LEU D 18 47.03 12.02 1.48
C LEU D 18 47.66 12.37 2.81
N GLU D 19 48.86 11.86 3.08
CA GLU D 19 49.51 12.24 4.34
C GLU D 19 50.13 13.63 4.21
N PRO D 20 50.24 14.37 5.32
CA PRO D 20 49.92 14.04 6.71
C PRO D 20 48.47 14.29 7.17
N SER D 21 47.57 14.66 6.26
CA SER D 21 46.21 14.93 6.69
C SER D 21 45.48 13.64 7.06
N ILE D 22 45.64 12.61 6.26
CA ILE D 22 44.93 11.36 6.46
C ILE D 22 45.95 10.23 6.39
N SER D 23 46.11 9.53 7.53
CA SER D 23 47.10 8.48 7.65
C SER D 23 46.80 7.37 6.66
N ALA D 24 47.87 6.69 6.24
CA ALA D 24 47.68 5.61 5.28
C ALA D 24 46.88 4.48 5.91
N GLN D 25 46.94 4.34 7.24
CA GLN D 25 46.13 3.31 7.87
C GLN D 25 44.66 3.59 7.66
N ILE D 26 44.23 4.82 7.94
CA ILE D 26 42.84 5.21 7.70
C ILE D 26 42.49 4.99 6.23
N MET D 27 43.28 5.57 5.32
CA MET D 27 42.95 5.43 3.91
C MET D 27 42.87 3.96 3.51
N GLU D 28 43.78 3.14 4.00
CA GLU D 28 43.73 1.74 3.57
C GLU D 28 42.47 1.06 4.07
N LEU D 29 42.19 1.17 5.37
CA LEU D 29 40.96 0.58 5.89
C LEU D 29 39.75 1.22 5.24
N HIS D 30 39.75 2.55 5.12
CA HIS D 30 38.55 3.22 4.67
C HIS D 30 38.11 2.71 3.31
N HIS D 31 39.07 2.53 2.40
CA HIS D 31 38.80 2.10 1.04
C HIS D 31 38.76 0.59 0.93
N SER D 32 39.74 -0.10 1.49
CA SER D 32 39.82 -1.54 1.29
C SER D 32 38.80 -2.31 2.13
N LYS D 33 38.27 -1.74 3.23
CA LYS D 33 37.35 -2.56 4.01
C LYS D 33 36.01 -1.91 4.31
N HIS D 34 35.97 -0.63 4.66
CA HIS D 34 34.68 0.01 4.75
C HIS D 34 34.00 0.07 3.38
N HIS D 35 34.62 0.74 2.41
CA HIS D 35 33.98 0.90 1.12
C HIS D 35 33.70 -0.45 0.50
N GLN D 36 34.69 -1.35 0.54
CA GLN D 36 34.51 -2.72 0.06
C GLN D 36 33.22 -3.32 0.57
N THR D 37 33.02 -3.27 1.88
CA THR D 37 31.86 -3.93 2.45
C THR D 37 30.56 -3.30 1.96
N TYR D 38 30.55 -2.00 1.74
CA TYR D 38 29.35 -1.42 1.13
C TYR D 38 29.12 -1.99 -0.27
N VAL D 39 30.20 -2.36 -0.95
CA VAL D 39 30.10 -2.85 -2.32
C VAL D 39 29.60 -4.29 -2.33
N THR D 40 30.36 -5.19 -1.72
CA THR D 40 29.93 -6.57 -1.51
C THR D 40 28.49 -6.67 -1.01
N ASN D 41 28.18 -6.04 0.12
CA ASN D 41 26.82 -6.14 0.62
C ASN D 41 25.81 -5.64 -0.40
N LEU D 42 26.21 -4.70 -1.27
CA LEU D 42 25.26 -4.22 -2.27
C LEU D 42 25.02 -5.28 -3.34
N ASN D 43 26.09 -5.90 -3.81
CA ASN D 43 25.99 -7.02 -4.73
C ASN D 43 25.01 -8.07 -4.21
N ASN D 44 25.40 -8.75 -3.13
CA ASN D 44 24.61 -9.84 -2.57
C ASN D 44 23.14 -9.47 -2.40
N ALA D 45 22.86 -8.30 -1.81
CA ALA D 45 21.46 -7.92 -1.61
C ALA D 45 20.70 -7.88 -2.92
N LEU D 46 21.32 -7.36 -3.99
CA LEU D 46 20.66 -7.32 -5.29
C LEU D 46 20.48 -8.73 -5.87
N LYS D 47 21.52 -9.56 -5.77
CA LYS D 47 21.40 -10.95 -6.21
C LYS D 47 20.19 -11.62 -5.57
N THR D 48 20.20 -11.73 -4.24
CA THR D 48 19.07 -12.27 -3.50
C THR D 48 17.76 -11.52 -3.77
N TYR D 49 17.80 -10.27 -4.23
CA TYR D 49 16.54 -9.54 -4.42
C TYR D 49 15.71 -10.12 -5.54
N SER D 50 16.33 -10.62 -6.61
CA SER D 50 15.52 -11.14 -7.71
C SER D 50 14.87 -12.45 -7.31
N THR D 51 15.60 -13.28 -6.56
CA THR D 51 14.98 -14.47 -6.01
C THR D 51 13.77 -14.12 -5.16
N ALA D 52 13.90 -13.12 -4.30
CA ALA D 52 12.77 -12.74 -3.47
C ALA D 52 11.61 -12.26 -4.31
N LEU D 53 11.89 -11.64 -5.44
CA LEU D 53 10.83 -11.22 -6.37
C LEU D 53 10.13 -12.45 -6.95
N ALA D 54 10.91 -13.35 -7.57
CA ALA D 54 10.41 -14.67 -7.95
C ALA D 54 9.47 -15.22 -6.88
N ALA D 55 10.00 -15.47 -5.68
CA ALA D 55 9.21 -16.15 -4.66
C ALA D 55 8.00 -15.37 -4.17
N ASN D 56 7.79 -14.13 -4.63
CA ASN D 56 6.80 -13.23 -4.02
C ASN D 56 6.92 -13.26 -2.49
N ASP D 57 8.16 -13.38 -2.01
CA ASP D 57 8.50 -13.31 -0.60
C ASP D 57 8.58 -11.83 -0.17
N VAL D 58 7.42 -11.21 -0.02
CA VAL D 58 7.27 -9.78 0.30
C VAL D 58 8.04 -9.37 1.56
N PRO D 59 8.13 -10.20 2.61
CA PRO D 59 9.07 -9.88 3.70
C PRO D 59 10.51 -9.63 3.26
N SER D 60 11.11 -10.56 2.51
CA SER D 60 12.52 -10.43 2.15
C SER D 60 12.76 -9.30 1.16
N GLN D 61 11.75 -8.97 0.35
CA GLN D 61 11.90 -7.84 -0.57
C GLN D 61 12.03 -6.52 0.20
N ILE D 62 11.37 -6.41 1.36
CA ILE D 62 11.43 -5.18 2.15
C ILE D 62 12.75 -5.12 2.93
N ALA D 63 13.20 -6.24 3.48
CA ALA D 63 14.53 -6.31 4.08
C ALA D 63 15.62 -5.91 3.08
N LEU D 64 15.58 -6.51 1.90
CA LEU D 64 16.65 -6.29 0.93
C LEU D 64 16.57 -4.89 0.32
N GLN D 65 15.35 -4.38 0.08
CA GLN D 65 15.19 -3.00 -0.35
C GLN D 65 15.91 -2.04 0.60
N ALA D 66 15.82 -2.30 1.90
CA ALA D 66 16.56 -1.50 2.86
C ALA D 66 18.05 -1.68 2.70
N ALA D 67 18.51 -2.93 2.65
CA ALA D 67 19.95 -3.17 2.54
C ALA D 67 20.49 -2.66 1.22
N ILE D 68 19.64 -2.54 0.21
CA ILE D 68 20.11 -2.07 -1.07
C ILE D 68 20.26 -0.56 -1.05
N LYS D 69 19.30 0.14 -0.43
CA LYS D 69 19.39 1.59 -0.30
C LYS D 69 20.61 2.00 0.51
N PHE D 70 20.89 1.26 1.58
CA PHE D 70 21.94 1.66 2.50
C PHE D 70 23.30 1.45 1.87
N ASN D 71 23.63 0.20 1.53
CA ASN D 71 24.89 -0.05 0.86
C ASN D 71 24.98 0.68 -0.47
N GLY D 72 23.83 0.85 -1.14
CA GLY D 72 23.81 1.64 -2.36
C GLY D 72 24.35 3.03 -2.14
N ALA D 73 23.77 3.74 -1.16
CA ALA D 73 24.23 5.10 -0.88
C ALA D 73 25.67 5.12 -0.37
N GLY D 74 26.01 4.21 0.55
CA GLY D 74 27.38 4.12 1.00
C GLY D 74 28.36 4.07 -0.15
N HIS D 75 28.03 3.29 -1.18
CA HIS D 75 28.92 3.13 -2.33
C HIS D 75 29.00 4.42 -3.14
N ILE D 76 27.89 5.15 -3.26
CA ILE D 76 27.92 6.42 -3.95
C ILE D 76 28.78 7.43 -3.19
N ASN D 77 28.57 7.55 -1.87
CA ASN D 77 29.25 8.58 -1.10
C ASN D 77 30.76 8.37 -1.07
N HIS D 78 31.20 7.13 -0.84
CA HIS D 78 32.64 6.90 -0.79
C HIS D 78 33.29 7.08 -2.14
N SER D 79 32.54 6.85 -3.22
CA SER D 79 33.11 6.99 -4.55
C SER D 79 33.29 8.45 -4.93
N LEU D 80 32.34 9.30 -4.54
CA LEU D 80 32.60 10.72 -4.72
C LEU D 80 33.71 11.18 -3.78
N PHE D 81 33.72 10.66 -2.55
CA PHE D 81 34.74 11.07 -1.59
C PHE D 81 36.13 10.93 -2.18
N TRP D 82 36.48 9.72 -2.66
CA TRP D 82 37.85 9.48 -3.08
C TRP D 82 38.29 10.44 -4.17
N GLU D 83 37.35 11.04 -4.90
CA GLU D 83 37.70 11.89 -6.02
C GLU D 83 37.60 13.36 -5.67
N ASN D 84 37.06 13.70 -4.49
CA ASN D 84 37.24 14.97 -3.80
C ASN D 84 38.61 15.12 -3.20
N LEU D 85 39.39 14.07 -3.14
CA LEU D 85 40.65 14.16 -2.44
C LEU D 85 41.77 14.05 -3.46
N CYS D 86 42.94 14.53 -3.07
CA CYS D 86 44.13 14.52 -3.91
C CYS D 86 45.27 14.93 -3.02
N PRO D 87 46.49 14.50 -3.33
CA PRO D 87 47.64 14.84 -2.48
C PRO D 87 47.77 16.34 -2.33
N ALA D 88 48.05 16.78 -1.09
CA ALA D 88 48.16 18.20 -0.78
C ALA D 88 49.18 18.93 -1.64
N SER D 89 50.08 18.21 -2.31
CA SER D 89 51.08 18.86 -3.14
C SER D 89 50.68 18.92 -4.61
N SER D 90 49.56 18.31 -5.00
CA SER D 90 49.06 18.48 -6.36
C SER D 90 48.48 19.87 -6.56
N PRO D 91 48.63 20.43 -7.76
CA PRO D 91 47.90 21.66 -8.13
C PRO D 91 46.38 21.54 -8.05
N ASP D 92 45.84 20.32 -8.01
CA ASP D 92 44.41 20.16 -7.75
C ASP D 92 44.03 20.50 -6.33
N ALA D 93 45.00 20.59 -5.42
CA ALA D 93 44.65 20.98 -4.07
C ALA D 93 44.61 22.49 -3.91
N ASP D 94 45.10 23.21 -4.91
CA ASP D 94 45.13 24.66 -4.88
C ASP D 94 43.73 25.19 -5.19
N PRO D 95 43.10 25.93 -4.28
CA PRO D 95 41.80 26.52 -4.61
C PRO D 95 41.83 27.30 -5.90
N ALA D 96 43.00 27.84 -6.29
CA ALA D 96 43.08 28.58 -7.54
C ALA D 96 42.77 27.70 -8.74
N SER D 97 42.80 26.38 -8.59
CA SER D 97 42.45 25.51 -9.70
C SER D 97 40.96 25.26 -9.79
N ALA D 98 40.15 26.09 -9.12
CA ALA D 98 38.68 26.04 -9.22
C ALA D 98 38.14 27.47 -9.30
N PRO D 99 38.39 28.19 -10.43
CA PRO D 99 38.07 29.63 -10.49
C PRO D 99 36.58 29.96 -10.43
N GLU D 100 35.76 29.33 -11.29
CA GLU D 100 34.32 29.61 -11.29
C GLU D 100 33.69 29.27 -9.93
N LEU D 101 34.01 28.11 -9.37
CA LEU D 101 33.53 27.74 -8.04
C LEU D 101 33.96 28.75 -6.99
N THR D 102 35.26 29.04 -6.88
CA THR D 102 35.71 29.95 -5.85
C THR D 102 35.07 31.32 -6.00
N ALA D 103 34.91 31.77 -7.25
CA ALA D 103 34.20 33.02 -7.50
C ALA D 103 32.83 33.01 -6.83
N GLU D 104 32.02 32.00 -7.20
CA GLU D 104 30.67 31.88 -6.64
C GLU D 104 30.71 31.62 -5.12
N ILE D 105 31.69 30.83 -4.64
CA ILE D 105 31.84 30.57 -3.20
C ILE D 105 32.06 31.88 -2.45
N ALA D 106 32.94 32.74 -2.98
CA ALA D 106 33.18 34.03 -2.38
C ALA D 106 32.00 34.98 -2.56
N LYS D 107 31.17 34.75 -3.58
CA LYS D 107 29.92 35.49 -3.67
C LYS D 107 29.00 35.14 -2.51
N THR D 108 28.77 33.84 -2.30
CA THR D 108 27.72 33.39 -1.39
C THR D 108 28.04 33.67 0.07
N TRP D 109 29.18 33.17 0.56
CA TRP D 109 29.79 33.58 1.81
C TRP D 109 30.81 34.65 1.51
N GLY D 110 31.39 35.25 2.54
CA GLY D 110 32.30 36.35 2.26
C GLY D 110 33.60 35.94 1.61
N SER D 111 34.45 35.28 2.39
CA SER D 111 35.72 34.73 1.95
C SER D 111 35.55 33.30 1.45
N LEU D 112 36.60 32.78 0.82
CA LEU D 112 36.80 31.35 0.82
C LEU D 112 37.06 30.84 2.24
N ASP D 113 37.64 31.68 3.11
CA ASP D 113 37.81 31.28 4.50
C ASP D 113 36.48 31.24 5.25
N LYS D 114 35.59 32.21 4.98
CA LYS D 114 34.30 32.22 5.66
C LYS D 114 33.46 30.98 5.31
N PHE D 115 33.57 30.50 4.07
CA PHE D 115 32.93 29.25 3.69
C PHE D 115 33.55 28.06 4.41
N LYS D 116 34.86 28.10 4.60
CA LYS D 116 35.52 27.01 5.33
C LYS D 116 35.02 26.93 6.76
N GLU D 117 34.90 28.08 7.45
CA GLU D 117 34.41 28.06 8.83
C GLU D 117 32.93 27.70 8.89
N ALA D 118 32.15 28.16 7.91
CA ALA D 118 30.76 27.76 7.85
C ALA D 118 30.64 26.25 7.67
N MET D 119 31.27 25.71 6.62
CA MET D 119 31.20 24.29 6.31
C MET D 119 31.73 23.42 7.46
N GLY D 120 32.66 23.96 8.25
CA GLY D 120 33.24 23.23 9.37
C GLY D 120 32.34 23.26 10.60
N LYS D 121 31.67 24.39 10.80
CA LYS D 121 30.61 24.46 11.80
C LYS D 121 29.53 23.43 11.50
N ALA D 122 29.18 23.29 10.22
CA ALA D 122 28.20 22.29 9.81
C ALA D 122 28.70 20.87 10.09
N LEU D 123 29.99 20.59 9.85
CA LEU D 123 30.53 19.24 10.02
C LEU D 123 30.64 18.86 11.48
N LEU D 124 31.02 19.82 12.34
CA LEU D 124 31.25 19.54 13.74
C LEU D 124 29.95 19.44 14.54
N GLY D 125 28.83 19.89 13.97
CA GLY D 125 27.55 19.72 14.59
C GLY D 125 26.72 18.55 14.09
N ILE D 126 27.26 17.71 13.20
CA ILE D 126 26.59 16.44 12.91
C ILE D 126 26.59 15.60 14.17
N GLN D 127 25.45 14.98 14.45
CA GLN D 127 25.30 14.11 15.60
C GLN D 127 25.32 12.67 15.10
N GLY D 128 26.23 11.87 15.67
CA GLY D 128 26.43 10.52 15.17
C GLY D 128 27.21 10.53 13.87
N SER D 129 26.85 9.63 12.96
CA SER D 129 27.55 9.45 11.69
C SER D 129 26.93 10.31 10.61
N GLY D 130 27.77 10.88 9.74
CA GLY D 130 27.22 11.77 8.74
C GLY D 130 28.23 12.24 7.72
N TRP D 131 27.77 13.08 6.80
CA TRP D 131 28.58 13.69 5.77
C TRP D 131 28.27 15.18 5.72
N GLY D 132 29.24 15.97 5.26
CA GLY D 132 28.98 17.33 4.85
C GLY D 132 29.21 17.48 3.37
N TRP D 133 28.40 18.29 2.71
CA TRP D 133 28.60 18.51 1.29
C TRP D 133 28.44 19.98 0.99
N LEU D 134 29.22 20.46 0.05
CA LEU D 134 28.90 21.67 -0.70
C LEU D 134 28.15 21.23 -1.95
N VAL D 135 27.03 21.88 -2.24
CA VAL D 135 26.19 21.46 -3.36
C VAL D 135 25.76 22.64 -4.21
N LYS D 136 25.40 22.32 -5.46
CA LYS D 136 24.82 23.26 -6.41
C LYS D 136 23.29 23.11 -6.38
N GLU D 137 22.59 24.17 -5.98
CA GLU D 137 21.12 24.19 -5.97
C GLU D 137 20.61 24.98 -7.18
N GLY D 138 20.80 24.38 -8.35
CA GLY D 138 20.67 25.05 -9.64
C GLY D 138 21.51 26.31 -9.73
N SER D 139 20.94 27.44 -9.32
CA SER D 139 21.59 28.75 -9.35
C SER D 139 21.95 29.14 -7.92
N GLY D 140 23.14 28.74 -7.49
CA GLY D 140 23.63 28.99 -6.14
C GLY D 140 24.21 27.75 -5.49
N LEU D 141 24.89 27.99 -4.35
CA LEU D 141 25.63 26.97 -3.63
C LEU D 141 25.14 26.95 -2.20
N ARG D 142 25.04 25.74 -1.63
CA ARG D 142 24.57 25.57 -0.27
C ARG D 142 25.40 24.51 0.45
N ILE D 143 25.55 24.68 1.77
CA ILE D 143 26.13 23.66 2.63
C ILE D 143 25.01 22.84 3.21
N VAL D 144 25.03 21.52 2.98
CA VAL D 144 24.06 20.62 3.61
C VAL D 144 24.80 19.48 4.30
N THR D 145 24.07 18.78 5.17
CA THR D 145 24.57 17.59 5.86
C THR D 145 23.54 16.47 5.76
N THR D 146 24.02 15.22 5.67
CA THR D 146 23.20 14.03 5.55
C THR D 146 23.56 13.05 6.67
N LYS D 147 22.57 12.37 7.25
CA LYS D 147 22.92 11.42 8.31
C LYS D 147 23.33 10.09 7.69
N ASP D 148 24.14 9.35 8.44
CA ASP D 148 24.60 8.01 8.09
C ASP D 148 25.17 7.93 6.68
N GLN D 149 24.58 7.13 5.80
CA GLN D 149 25.00 7.13 4.40
C GLN D 149 24.02 7.84 3.47
N ASP D 150 23.06 8.60 4.01
CA ASP D 150 22.07 9.27 3.18
C ASP D 150 22.76 10.09 2.11
N PRO D 151 22.36 9.95 0.84
CA PRO D 151 22.97 10.74 -0.23
C PRO D 151 22.22 12.07 -0.35
N VAL D 152 22.81 12.97 -1.13
CA VAL D 152 22.30 14.34 -1.18
C VAL D 152 20.91 14.35 -1.78
N VAL D 153 20.05 15.22 -1.24
CA VAL D 153 18.65 15.33 -1.65
C VAL D 153 18.56 15.52 -3.17
N GLY D 154 17.40 15.19 -3.75
CA GLY D 154 17.23 15.34 -5.18
C GLY D 154 17.28 16.79 -5.63
N GLY D 155 17.79 16.97 -6.85
CA GLY D 155 18.02 18.30 -7.40
C GLY D 155 19.35 18.92 -7.03
N GLU D 156 19.86 18.64 -5.83
CA GLU D 156 21.17 19.12 -5.39
C GLU D 156 22.27 18.27 -6.04
N VAL D 157 23.16 18.93 -6.79
CA VAL D 157 24.33 18.28 -7.39
C VAL D 157 25.51 18.46 -6.43
N PRO D 158 26.18 17.38 -6.04
CA PRO D 158 27.23 17.47 -5.02
C PRO D 158 28.54 17.90 -5.66
N VAL D 159 29.16 18.93 -5.09
CA VAL D 159 30.40 19.46 -5.64
C VAL D 159 31.55 18.73 -4.95
N PHE D 160 31.61 18.81 -3.61
CA PHE D 160 32.49 17.93 -2.83
C PHE D 160 31.88 17.62 -1.46
N GLY D 161 32.25 16.45 -0.92
CA GLY D 161 31.77 16.02 0.37
C GLY D 161 32.91 15.61 1.28
N ILE D 162 32.62 15.63 2.59
CA ILE D 162 33.57 15.31 3.65
C ILE D 162 32.93 14.30 4.59
N ASP D 163 33.53 13.14 4.71
CA ASP D 163 33.03 12.08 5.56
C ASP D 163 33.29 12.38 7.03
N MET D 164 32.25 12.32 7.86
CA MET D 164 32.40 12.53 9.30
C MET D 164 32.08 11.28 10.11
N TRP D 165 31.95 10.13 9.48
CA TRP D 165 31.94 8.92 10.30
C TRP D 165 33.24 8.87 11.09
N GLU D 166 33.16 8.36 12.31
CA GLU D 166 34.36 8.28 13.14
C GLU D 166 35.44 7.45 12.47
N HIS D 167 35.06 6.44 11.67
CA HIS D 167 36.07 5.61 11.01
C HIS D 167 36.91 6.41 10.01
N ALA D 168 36.45 7.59 9.60
CA ALA D 168 37.20 8.44 8.69
C ALA D 168 38.40 9.15 9.35
N TYR D 169 38.46 9.19 10.68
CA TYR D 169 39.48 10.01 11.31
C TYR D 169 39.97 9.50 12.66
N TYR D 170 39.26 8.55 13.28
CA TYR D 170 39.49 8.28 14.71
C TYR D 170 40.90 7.77 14.97
N LEU D 171 41.41 6.85 14.14
CA LEU D 171 42.74 6.32 14.38
C LEU D 171 43.78 7.42 14.47
N GLN D 172 43.59 8.51 13.76
CA GLN D 172 44.62 9.51 13.70
C GLN D 172 44.32 10.70 14.57
N TYR D 173 43.05 11.04 14.75
CA TYR D 173 42.66 12.26 15.46
C TYR D 173 41.89 11.98 16.74
N LEU D 174 41.67 10.72 17.08
CA LEU D 174 40.84 10.31 18.23
C LEU D 174 39.52 11.09 18.18
N ASN D 175 39.10 11.73 19.25
CA ASN D 175 37.85 12.47 19.23
C ASN D 175 37.99 13.89 18.72
N GLY D 176 39.20 14.33 18.34
CA GLY D 176 39.39 15.69 17.90
C GLY D 176 38.87 15.92 16.50
N LYS D 177 37.53 16.06 16.39
CA LYS D 177 36.90 16.29 15.09
C LYS D 177 37.46 17.52 14.39
N ALA D 178 37.72 18.59 15.16
CA ALA D 178 38.14 19.86 14.58
C ALA D 178 39.50 19.73 13.90
N ALA D 179 40.43 19.00 14.52
CA ALA D 179 41.75 18.82 13.92
C ALA D 179 41.64 18.07 12.58
N TYR D 180 40.73 17.09 12.53
CA TYR D 180 40.48 16.36 11.30
C TYR D 180 39.95 17.28 10.20
N VAL D 181 39.05 18.21 10.56
CA VAL D 181 38.46 19.07 9.55
C VAL D 181 39.46 20.12 9.08
N ASP D 182 40.14 20.78 10.03
CA ASP D 182 41.18 21.73 9.67
C ASP D 182 42.11 21.13 8.63
N ASN D 183 42.58 19.92 8.88
CA ASN D 183 43.59 19.30 8.04
C ASN D 183 43.05 18.77 6.72
N ILE D 184 41.79 18.35 6.68
CA ILE D 184 41.33 17.78 5.43
C ILE D 184 41.25 18.84 4.33
N TRP D 185 41.17 20.13 4.67
CA TRP D 185 41.16 21.16 3.63
C TRP D 185 42.39 21.06 2.75
N LYS D 186 43.53 20.70 3.35
CA LYS D 186 44.77 20.48 2.62
C LYS D 186 44.62 19.50 1.47
N VAL D 187 43.64 18.59 1.52
CA VAL D 187 43.60 17.58 0.48
C VAL D 187 42.30 17.61 -0.31
N ILE D 188 41.61 18.73 -0.33
CA ILE D 188 40.42 18.84 -1.18
C ILE D 188 40.87 19.06 -2.62
N ASN D 189 40.33 18.24 -3.52
CA ASN D 189 40.69 18.29 -4.93
C ASN D 189 39.81 19.33 -5.60
N TRP D 190 40.32 20.56 -5.72
CA TRP D 190 39.50 21.62 -6.27
C TRP D 190 39.29 21.48 -7.77
N LYS D 191 40.13 20.71 -8.46
CA LYS D 191 39.87 20.44 -9.86
C LYS D 191 38.61 19.59 -10.01
N THR D 192 38.46 18.58 -9.15
CA THR D 192 37.21 17.84 -9.11
C THR D 192 36.06 18.78 -8.78
N ALA D 193 36.22 19.56 -7.71
CA ALA D 193 35.13 20.44 -7.30
C ALA D 193 34.72 21.39 -8.43
N GLU D 194 35.66 21.74 -9.30
CA GLU D 194 35.38 22.66 -10.40
C GLU D 194 34.68 21.95 -11.56
N GLN D 195 35.17 20.76 -11.94
CA GLN D 195 34.47 20.00 -12.98
C GLN D 195 33.02 19.79 -12.59
N ARG D 196 32.79 19.43 -11.33
CA ARG D 196 31.44 19.12 -10.91
C ARG D 196 30.58 20.36 -10.82
N PHE D 197 31.19 21.54 -10.72
CA PHE D 197 30.39 22.75 -10.68
C PHE D 197 29.73 23.01 -12.04
N LYS D 198 30.51 22.91 -13.11
CA LYS D 198 30.03 23.17 -14.48
C LYS D 198 29.11 22.05 -14.99
N THR E 5 -15.58 -20.14 -47.02
CA THR E 5 -15.15 -20.01 -48.42
C THR E 5 -14.64 -18.61 -48.75
N PHE E 6 -14.51 -17.79 -47.70
CA PHE E 6 -13.93 -16.47 -47.85
C PHE E 6 -12.50 -16.56 -48.34
N SER E 7 -12.15 -15.67 -49.27
CA SER E 7 -10.85 -15.68 -49.93
C SER E 7 -9.98 -14.55 -49.40
N LEU E 8 -8.75 -14.86 -49.01
CA LEU E 8 -7.88 -13.82 -48.47
C LEU E 8 -7.62 -12.77 -49.55
N PRO E 9 -7.94 -11.50 -49.30
CA PRO E 9 -7.68 -10.45 -50.29
C PRO E 9 -6.18 -10.25 -50.49
N ALA E 10 -5.82 -9.88 -51.72
CA ALA E 10 -4.42 -9.60 -52.01
C ALA E 10 -3.98 -8.30 -51.35
N LEU E 11 -2.67 -8.13 -51.25
CA LEU E 11 -2.12 -6.89 -50.71
C LEU E 11 -2.38 -5.74 -51.68
N PRO E 12 -2.47 -4.51 -51.18
CA PRO E 12 -2.64 -3.36 -52.07
C PRO E 12 -1.36 -2.91 -52.78
N TYR E 13 -0.27 -3.67 -52.66
CA TYR E 13 0.99 -3.41 -53.35
C TYR E 13 1.75 -4.72 -53.48
N ALA E 14 2.88 -4.67 -54.18
CA ALA E 14 3.68 -5.86 -54.39
C ALA E 14 4.42 -6.25 -53.11
N TYR E 15 4.70 -7.55 -52.98
CA TYR E 15 5.54 -8.03 -51.89
C TYR E 15 6.86 -7.27 -51.81
N ASP E 16 7.34 -6.74 -52.92
CA ASP E 16 8.61 -6.04 -52.84
C ASP E 16 8.41 -4.55 -52.64
N ALA E 17 7.17 -4.09 -52.48
CA ALA E 17 6.91 -2.65 -52.46
C ALA E 17 7.43 -1.95 -51.20
N LEU E 18 7.66 -2.67 -50.11
CA LEU E 18 8.07 -2.03 -48.86
C LEU E 18 9.56 -2.18 -48.56
N GLU E 19 10.32 -2.83 -49.44
CA GLU E 19 11.77 -2.82 -49.30
C GLU E 19 12.28 -1.39 -49.38
N PRO E 20 13.38 -1.08 -48.69
CA PRO E 20 14.18 -2.03 -47.90
C PRO E 20 13.67 -2.27 -46.46
N SER E 21 12.66 -1.50 -46.02
CA SER E 21 12.20 -1.60 -44.63
C SER E 21 11.78 -3.02 -44.29
N ILE E 22 11.00 -3.65 -45.16
CA ILE E 22 10.44 -4.99 -44.93
C ILE E 22 10.69 -5.82 -46.18
N SER E 23 11.51 -6.86 -46.04
CA SER E 23 11.93 -7.68 -47.16
C SER E 23 10.74 -8.35 -47.83
N ALA E 24 10.90 -8.65 -49.13
CA ALA E 24 9.82 -9.26 -49.89
C ALA E 24 9.49 -10.65 -49.35
N GLN E 25 10.53 -11.39 -48.94
CA GLN E 25 10.33 -12.71 -48.33
C GLN E 25 9.39 -12.59 -47.14
N ILE E 26 9.53 -11.54 -46.34
CA ILE E 26 8.70 -11.40 -45.15
C ILE E 26 7.26 -11.10 -45.55
N MET E 27 7.05 -10.04 -46.32
CA MET E 27 5.72 -9.74 -46.82
C MET E 27 5.06 -11.01 -47.32
N GLU E 28 5.79 -11.81 -48.12
CA GLU E 28 5.14 -12.96 -48.74
C GLU E 28 4.73 -14.00 -47.70
N LEU E 29 5.63 -14.38 -46.80
CA LEU E 29 5.27 -15.33 -45.75
C LEU E 29 4.17 -14.77 -44.86
N HIS E 30 4.32 -13.50 -44.46
CA HIS E 30 3.43 -12.89 -43.47
C HIS E 30 2.00 -12.90 -43.96
N HIS E 31 1.82 -12.70 -45.25
CA HIS E 31 0.53 -12.64 -45.89
C HIS E 31 0.08 -14.03 -46.35
N SER E 32 0.93 -14.74 -47.10
CA SER E 32 0.51 -15.97 -47.76
C SER E 32 0.49 -17.17 -46.86
N LYS E 33 1.31 -17.17 -45.80
CA LYS E 33 1.30 -18.24 -44.80
C LYS E 33 0.66 -17.79 -43.49
N HIS E 34 1.19 -16.74 -42.85
CA HIS E 34 0.75 -16.38 -41.50
C HIS E 34 -0.67 -15.83 -41.51
N HIS E 35 -0.97 -14.89 -42.40
CA HIS E 35 -2.33 -14.34 -42.42
C HIS E 35 -3.31 -15.31 -43.08
N GLN E 36 -2.89 -15.99 -44.15
CA GLN E 36 -3.73 -17.02 -44.77
C GLN E 36 -4.17 -18.09 -43.78
N THR E 37 -3.28 -18.46 -42.83
CA THR E 37 -3.66 -19.43 -41.81
C THR E 37 -4.83 -18.93 -40.97
N TYR E 38 -4.79 -17.66 -40.56
CA TYR E 38 -5.92 -17.08 -39.84
C TYR E 38 -7.22 -17.19 -40.65
N VAL E 39 -7.16 -16.98 -41.96
CA VAL E 39 -8.38 -17.07 -42.76
C VAL E 39 -8.86 -18.51 -42.90
N THR E 40 -7.94 -19.42 -43.26
CA THR E 40 -8.35 -20.81 -43.42
C THR E 40 -8.96 -21.38 -42.14
N ASN E 41 -8.35 -21.08 -40.99
CA ASN E 41 -8.88 -21.59 -39.73
C ASN E 41 -10.19 -20.91 -39.39
N LEU E 42 -10.26 -19.59 -39.59
CA LEU E 42 -11.52 -18.88 -39.50
C LEU E 42 -12.58 -19.56 -40.36
N ASN E 43 -12.26 -19.80 -41.63
CA ASN E 43 -13.17 -20.48 -42.57
C ASN E 43 -13.67 -21.83 -42.03
N ASN E 44 -12.76 -22.69 -41.55
CA ASN E 44 -13.20 -24.01 -41.11
C ASN E 44 -14.11 -23.91 -39.91
N ALA E 45 -13.76 -23.04 -38.96
CA ALA E 45 -14.54 -22.96 -37.73
C ALA E 45 -15.96 -22.51 -38.04
N LEU E 46 -16.09 -21.50 -38.91
CA LEU E 46 -17.40 -20.99 -39.28
C LEU E 46 -18.24 -22.05 -40.01
N LYS E 47 -17.63 -22.83 -40.92
CA LYS E 47 -18.38 -23.85 -41.65
C LYS E 47 -18.76 -25.03 -40.76
N THR E 48 -18.01 -25.25 -39.69
CA THR E 48 -18.22 -26.34 -38.75
C THR E 48 -19.25 -26.01 -37.67
N TYR E 49 -19.51 -24.73 -37.38
CA TYR E 49 -20.26 -24.39 -36.19
C TYR E 49 -21.70 -24.90 -36.25
N SER E 50 -22.35 -24.78 -37.40
CA SER E 50 -23.70 -25.26 -37.55
C SER E 50 -23.81 -26.75 -37.23
N THR E 51 -22.78 -27.53 -37.59
CA THR E 51 -22.76 -28.95 -37.25
C THR E 51 -22.67 -29.17 -35.74
N ALA E 52 -21.66 -28.58 -35.09
CA ALA E 52 -21.48 -28.71 -33.64
C ALA E 52 -22.69 -28.18 -32.89
N LEU E 53 -23.19 -27.01 -33.28
CA LEU E 53 -24.35 -26.42 -32.61
C LEU E 53 -25.58 -27.30 -32.75
N ALA E 54 -25.71 -28.02 -33.87
CA ALA E 54 -26.87 -28.88 -34.04
C ALA E 54 -26.74 -30.17 -33.20
N ALA E 55 -25.54 -30.77 -33.18
CA ALA E 55 -25.27 -31.95 -32.36
C ALA E 55 -25.32 -31.69 -30.87
N ASN E 56 -25.58 -30.46 -30.42
CA ASN E 56 -25.53 -30.13 -29.00
C ASN E 56 -24.19 -30.55 -28.40
N ASP E 57 -23.14 -30.33 -29.20
CA ASP E 57 -21.78 -30.81 -28.95
C ASP E 57 -21.00 -29.69 -28.27
N VAL E 58 -21.18 -29.59 -26.95
CA VAL E 58 -20.65 -28.44 -26.21
C VAL E 58 -19.13 -28.34 -26.29
N PRO E 59 -18.34 -29.42 -26.16
CA PRO E 59 -16.86 -29.22 -26.20
C PRO E 59 -16.34 -28.72 -27.54
N SER E 60 -16.94 -29.14 -28.66
CA SER E 60 -16.51 -28.60 -29.93
C SER E 60 -16.89 -27.13 -30.06
N GLN E 61 -18.04 -26.74 -29.48
CA GLN E 61 -18.47 -25.34 -29.57
C GLN E 61 -17.52 -24.43 -28.80
N ILE E 62 -17.17 -24.80 -27.57
CA ILE E 62 -16.14 -24.06 -26.84
C ILE E 62 -14.92 -23.90 -27.71
N ALA E 63 -14.40 -25.01 -28.25
CA ALA E 63 -13.21 -24.94 -29.09
C ALA E 63 -13.43 -24.03 -30.28
N LEU E 64 -14.60 -24.09 -30.91
CA LEU E 64 -14.83 -23.32 -32.13
C LEU E 64 -15.00 -21.83 -31.84
N GLN E 65 -15.68 -21.48 -30.75
CA GLN E 65 -15.66 -20.09 -30.32
C GLN E 65 -14.23 -19.58 -30.17
N ALA E 66 -13.36 -20.41 -29.60
CA ALA E 66 -11.98 -19.96 -29.43
C ALA E 66 -11.30 -19.78 -30.78
N ALA E 67 -11.48 -20.72 -31.70
CA ALA E 67 -10.88 -20.56 -33.03
C ALA E 67 -11.49 -19.36 -33.76
N ILE E 68 -12.79 -19.12 -33.61
CA ILE E 68 -13.37 -17.93 -34.22
C ILE E 68 -12.74 -16.67 -33.63
N LYS E 69 -12.60 -16.62 -32.31
CA LYS E 69 -12.09 -15.42 -31.64
C LYS E 69 -10.63 -15.17 -31.99
N PHE E 70 -9.75 -16.13 -31.74
CA PHE E 70 -8.34 -15.94 -32.03
C PHE E 70 -8.12 -15.68 -33.52
N ASN E 71 -8.75 -16.46 -34.40
CA ASN E 71 -8.46 -16.32 -35.83
C ASN E 71 -9.08 -15.06 -36.43
N GLY E 72 -10.30 -14.71 -36.03
CA GLY E 72 -10.86 -13.46 -36.49
C GLY E 72 -10.07 -12.26 -36.01
N ALA E 73 -9.68 -12.27 -34.74
CA ALA E 73 -8.76 -11.26 -34.25
C ALA E 73 -7.53 -11.17 -35.15
N GLY E 74 -6.89 -12.34 -35.39
CA GLY E 74 -5.70 -12.37 -36.23
C GLY E 74 -5.94 -11.70 -37.56
N HIS E 75 -7.04 -12.05 -38.20
CA HIS E 75 -7.36 -11.51 -39.52
C HIS E 75 -7.67 -10.01 -39.44
N ILE E 76 -8.34 -9.57 -38.37
CA ILE E 76 -8.58 -8.14 -38.24
C ILE E 76 -7.25 -7.39 -38.17
N ASN E 77 -6.32 -7.86 -37.32
CA ASN E 77 -5.10 -7.10 -37.05
C ASN E 77 -4.26 -6.95 -38.30
N HIS E 78 -4.10 -8.02 -39.06
CA HIS E 78 -3.26 -7.94 -40.24
C HIS E 78 -3.94 -7.16 -41.38
N SER E 79 -5.28 -7.19 -41.47
CA SER E 79 -5.95 -6.36 -42.46
C SER E 79 -5.69 -4.87 -42.20
N LEU E 80 -5.84 -4.45 -40.94
CA LEU E 80 -5.54 -3.08 -40.58
C LEU E 80 -4.06 -2.76 -40.82
N PHE E 81 -3.19 -3.76 -40.59
CA PHE E 81 -1.74 -3.60 -40.75
C PHE E 81 -1.36 -3.36 -42.21
N TRP E 82 -1.80 -4.23 -43.14
CA TRP E 82 -1.47 -4.00 -44.54
C TRP E 82 -1.90 -2.62 -45.00
N GLU E 83 -3.10 -2.17 -44.58
CA GLU E 83 -3.61 -0.87 -44.98
C GLU E 83 -2.78 0.28 -44.41
N ASN E 84 -2.19 0.09 -43.22
CA ASN E 84 -1.25 0.99 -42.57
C ASN E 84 0.06 1.15 -43.29
N LEU E 85 0.34 0.31 -44.27
CA LEU E 85 1.66 0.33 -44.88
C LEU E 85 1.54 0.77 -46.33
N CYS E 86 2.52 1.54 -46.78
CA CYS E 86 2.65 1.88 -48.19
C CYS E 86 4.14 1.98 -48.50
N PRO E 87 4.51 1.88 -49.78
CA PRO E 87 5.92 2.07 -50.15
C PRO E 87 6.45 3.39 -49.62
N ALA E 88 7.72 3.39 -49.22
CA ALA E 88 8.28 4.60 -48.60
C ALA E 88 8.39 5.78 -49.58
N SER E 89 8.35 5.51 -50.88
CA SER E 89 8.37 6.59 -51.85
C SER E 89 7.02 7.28 -51.98
N SER E 90 5.92 6.49 -52.07
CA SER E 90 4.53 6.96 -52.16
C SER E 90 4.25 8.14 -51.23
N PRO E 91 3.46 9.12 -51.67
CA PRO E 91 3.24 10.32 -50.83
C PRO E 91 2.50 10.03 -49.55
N ASP E 92 1.83 8.89 -49.48
CA ASP E 92 1.15 8.44 -48.28
C ASP E 92 2.12 8.06 -47.16
N ALA E 93 3.41 7.87 -47.48
CA ALA E 93 4.44 7.74 -46.46
C ALA E 93 4.82 9.07 -45.84
N ASP E 94 4.39 10.17 -46.44
CA ASP E 94 4.74 11.49 -45.97
C ASP E 94 3.77 11.89 -44.85
N PRO E 95 4.26 12.24 -43.66
CA PRO E 95 3.35 12.69 -42.59
C PRO E 95 2.57 13.95 -42.95
N ALA E 96 2.94 14.66 -44.01
CA ALA E 96 2.13 15.77 -44.47
C ALA E 96 0.75 15.31 -44.91
N SER E 97 0.62 14.04 -45.23
CA SER E 97 -0.65 13.45 -45.62
C SER E 97 -1.63 13.36 -44.47
N ALA E 98 -1.26 13.81 -43.27
CA ALA E 98 -2.10 13.61 -42.07
C ALA E 98 -2.08 14.86 -41.20
N PRO E 99 -2.53 16.00 -41.72
CA PRO E 99 -2.40 17.26 -40.97
C PRO E 99 -3.04 17.25 -39.59
N GLU E 100 -4.26 16.71 -39.47
CA GLU E 100 -5.01 16.78 -38.21
C GLU E 100 -4.43 15.85 -37.15
N LEU E 101 -4.07 14.63 -37.56
CA LEU E 101 -3.49 13.69 -36.62
C LEU E 101 -2.13 14.18 -36.17
N THR E 102 -1.29 14.57 -37.12
CA THR E 102 0.05 15.05 -36.81
C THR E 102 0.03 16.29 -35.91
N ALA E 103 -1.02 17.10 -35.99
CA ALA E 103 -1.20 18.15 -35.01
C ALA E 103 -1.61 17.56 -33.67
N GLU E 104 -2.72 16.82 -33.67
CA GLU E 104 -3.21 16.18 -32.46
C GLU E 104 -2.12 15.35 -31.78
N ILE E 105 -1.26 14.68 -32.58
CA ILE E 105 -0.09 14.01 -32.00
C ILE E 105 0.81 15.03 -31.34
N ALA E 106 1.20 16.05 -32.12
CA ALA E 106 2.15 17.05 -31.65
C ALA E 106 1.62 17.77 -30.42
N LYS E 107 0.31 17.90 -30.29
CA LYS E 107 -0.24 18.42 -29.04
C LYS E 107 0.03 17.47 -27.88
N THR E 108 -0.05 16.16 -28.12
CA THR E 108 -0.04 15.19 -27.02
C THR E 108 1.39 14.89 -26.57
N TRP E 109 2.18 14.31 -27.46
CA TRP E 109 3.63 14.22 -27.31
C TRP E 109 4.20 15.41 -28.07
N GLY E 110 5.22 16.06 -27.48
CA GLY E 110 5.62 17.39 -27.94
C GLY E 110 5.70 17.54 -29.45
N SER E 111 6.41 16.62 -30.11
CA SER E 111 6.66 16.66 -31.56
C SER E 111 6.33 15.30 -32.15
N LEU E 112 6.51 15.19 -33.47
CA LEU E 112 6.41 13.87 -34.10
C LEU E 112 7.49 12.95 -33.59
N ASP E 113 8.73 13.44 -33.49
CA ASP E 113 9.85 12.58 -33.12
C ASP E 113 9.71 12.07 -31.69
N LYS E 114 9.18 12.91 -30.78
CA LYS E 114 9.00 12.49 -29.39
C LYS E 114 7.95 11.39 -29.29
N PHE E 115 6.95 11.40 -30.15
CA PHE E 115 5.94 10.34 -30.16
C PHE E 115 6.51 9.04 -30.74
N LYS E 116 7.36 9.15 -31.76
CA LYS E 116 7.98 7.96 -32.33
C LYS E 116 8.89 7.26 -31.33
N GLU E 117 9.63 8.03 -30.51
CA GLU E 117 10.34 7.41 -29.40
C GLU E 117 9.35 6.73 -28.46
N ALA E 118 8.27 7.44 -28.12
CA ALA E 118 7.28 6.91 -27.20
C ALA E 118 6.74 5.56 -27.66
N MET E 119 6.24 5.49 -28.90
CA MET E 119 5.74 4.23 -29.40
C MET E 119 6.85 3.19 -29.46
N GLY E 120 8.00 3.56 -30.01
CA GLY E 120 9.11 2.63 -30.09
C GLY E 120 9.45 2.04 -28.74
N LYS E 121 9.41 2.85 -27.69
CA LYS E 121 9.63 2.32 -26.35
C LYS E 121 8.54 1.33 -25.96
N ALA E 122 7.28 1.63 -26.30
CA ALA E 122 6.19 0.73 -25.96
C ALA E 122 6.28 -0.57 -26.77
N LEU E 123 6.59 -0.45 -28.06
CA LEU E 123 6.79 -1.62 -28.90
C LEU E 123 7.91 -2.50 -28.33
N LEU E 124 9.04 -1.90 -28.00
CA LEU E 124 10.18 -2.71 -27.64
C LEU E 124 9.98 -3.38 -26.30
N GLY E 125 9.19 -2.76 -25.41
CA GLY E 125 8.86 -3.31 -24.13
C GLY E 125 7.80 -4.39 -24.11
N ILE E 126 7.33 -4.86 -25.25
CA ILE E 126 6.33 -5.92 -25.28
C ILE E 126 7.00 -7.24 -24.89
N GLN E 127 6.39 -7.99 -24.01
CA GLN E 127 6.99 -9.20 -23.47
C GLN E 127 6.37 -10.39 -24.20
N GLY E 128 7.08 -10.91 -25.20
CA GLY E 128 6.46 -11.93 -26.01
C GLY E 128 5.85 -11.36 -27.27
N SER E 129 4.74 -11.90 -27.73
CA SER E 129 4.10 -11.49 -28.98
C SER E 129 3.01 -10.46 -28.72
N GLY E 130 2.89 -9.48 -29.61
CA GLY E 130 1.78 -8.55 -29.53
C GLY E 130 1.90 -7.43 -30.55
N TRP E 131 1.05 -6.42 -30.37
CA TRP E 131 0.98 -5.27 -31.26
C TRP E 131 1.11 -3.98 -30.47
N GLY E 132 1.64 -2.96 -31.13
CA GLY E 132 1.58 -1.61 -30.62
C GLY E 132 0.60 -0.84 -31.48
N TRP E 133 -0.29 -0.10 -30.83
CA TRP E 133 -1.28 0.70 -31.55
C TRP E 133 -1.21 2.12 -31.07
N LEU E 134 -1.27 3.07 -32.01
CA LEU E 134 -1.76 4.41 -31.72
C LEU E 134 -3.27 4.37 -31.89
N VAL E 135 -4.00 4.73 -30.83
CA VAL E 135 -5.45 4.65 -30.85
C VAL E 135 -6.06 6.01 -30.55
N LYS E 136 -7.32 6.16 -30.95
CA LYS E 136 -8.17 7.29 -30.58
C LYS E 136 -9.06 6.85 -29.43
N GLU E 137 -8.80 7.39 -28.22
CA GLU E 137 -9.59 7.06 -27.02
C GLU E 137 -10.30 8.34 -26.58
N GLY E 138 -11.60 8.39 -26.82
CA GLY E 138 -12.36 9.59 -26.52
C GLY E 138 -11.94 10.75 -27.38
N SER E 139 -11.50 11.84 -26.74
CA SER E 139 -11.14 13.06 -27.46
C SER E 139 -9.75 12.96 -28.07
N GLY E 140 -8.78 12.53 -27.27
CA GLY E 140 -7.38 12.54 -27.66
C GLY E 140 -6.84 11.17 -28.09
N LEU E 141 -5.51 11.09 -28.14
CA LEU E 141 -4.78 9.95 -28.65
C LEU E 141 -4.09 9.21 -27.52
N ARG E 142 -3.65 7.98 -27.82
CA ARG E 142 -3.07 7.14 -26.78
C ARG E 142 -2.30 6.00 -27.43
N ILE E 143 -1.19 5.62 -26.79
CA ILE E 143 -0.38 4.48 -27.19
C ILE E 143 -0.76 3.28 -26.33
N VAL E 144 -1.15 2.18 -26.96
CA VAL E 144 -1.43 0.98 -26.20
C VAL E 144 -0.74 -0.19 -26.90
N THR E 145 -0.48 -1.24 -26.15
CA THR E 145 0.01 -2.48 -26.72
C THR E 145 -1.02 -3.56 -26.44
N THR E 146 -1.11 -4.55 -27.31
CA THR E 146 -1.97 -5.71 -27.07
C THR E 146 -1.16 -7.00 -27.12
N LYS E 147 -1.64 -7.97 -26.35
CA LYS E 147 -1.04 -9.29 -26.26
C LYS E 147 -1.50 -10.20 -27.39
N ASP E 148 -0.56 -10.96 -27.97
CA ASP E 148 -0.88 -11.99 -28.94
C ASP E 148 -1.69 -11.45 -30.11
N GLN E 149 -2.94 -11.89 -30.29
CA GLN E 149 -3.79 -11.25 -31.30
C GLN E 149 -4.97 -10.48 -30.69
N ASP E 150 -4.92 -10.19 -29.39
CA ASP E 150 -6.01 -9.48 -28.72
C ASP E 150 -6.36 -8.17 -29.41
N PRO E 151 -7.65 -7.86 -29.56
CA PRO E 151 -8.04 -6.53 -30.04
C PRO E 151 -7.75 -5.47 -28.99
N VAL E 152 -7.73 -4.20 -29.44
CA VAL E 152 -7.65 -3.13 -28.46
C VAL E 152 -8.95 -3.10 -27.67
N VAL E 153 -8.92 -2.41 -26.54
CA VAL E 153 -10.07 -2.46 -25.66
C VAL E 153 -11.21 -1.64 -26.25
N GLY E 154 -12.44 -2.07 -25.96
CA GLY E 154 -13.60 -1.38 -26.49
C GLY E 154 -13.65 0.07 -26.05
N GLY E 155 -14.11 0.93 -26.94
CA GLY E 155 -14.01 2.35 -26.76
C GLY E 155 -12.82 3.00 -27.43
N GLU E 156 -11.79 2.22 -27.75
CA GLU E 156 -10.62 2.69 -28.49
C GLU E 156 -10.75 2.35 -29.97
N VAL E 157 -10.25 3.26 -30.80
CA VAL E 157 -10.32 3.12 -32.25
C VAL E 157 -8.92 3.10 -32.81
N PRO E 158 -8.53 2.07 -33.57
CA PRO E 158 -7.17 2.00 -34.12
C PRO E 158 -6.89 3.15 -35.09
N VAL E 159 -5.76 3.81 -34.92
CA VAL E 159 -5.27 4.73 -35.92
C VAL E 159 -4.23 4.01 -36.77
N PHE E 160 -3.15 3.54 -36.15
CA PHE E 160 -2.32 2.55 -36.84
C PHE E 160 -1.71 1.60 -35.82
N GLY E 161 -1.20 0.47 -36.35
CA GLY E 161 -0.66 -0.59 -35.53
C GLY E 161 0.65 -1.12 -36.09
N ILE E 162 1.44 -1.71 -35.20
CA ILE E 162 2.68 -2.34 -35.63
C ILE E 162 2.76 -3.71 -35.00
N ASP E 163 2.87 -4.73 -35.85
CA ASP E 163 3.07 -6.12 -35.44
C ASP E 163 4.46 -6.27 -34.82
N MET E 164 4.52 -6.72 -33.57
CA MET E 164 5.79 -6.99 -32.89
C MET E 164 6.08 -8.46 -32.69
N TRP E 165 5.14 -9.34 -33.00
CA TRP E 165 5.46 -10.75 -33.18
C TRP E 165 6.78 -10.90 -33.91
N GLU E 166 7.56 -11.89 -33.49
CA GLU E 166 8.88 -12.07 -34.09
C GLU E 166 8.82 -12.38 -35.59
N HIS E 167 7.79 -13.08 -36.07
CA HIS E 167 7.78 -13.38 -37.50
C HIS E 167 7.66 -12.10 -38.32
N ALA E 168 7.14 -11.04 -37.74
CA ALA E 168 7.08 -9.76 -38.47
C ALA E 168 8.45 -9.23 -38.86
N TYR E 169 9.54 -9.71 -38.25
CA TYR E 169 10.83 -9.10 -38.54
C TYR E 169 12.05 -10.03 -38.56
N TYR E 170 11.94 -11.25 -38.03
CA TYR E 170 13.13 -12.03 -37.68
C TYR E 170 13.97 -12.41 -38.90
N LEU E 171 13.33 -12.80 -40.00
CA LEU E 171 14.08 -13.24 -41.18
C LEU E 171 15.04 -12.18 -41.70
N GLN E 172 14.82 -10.94 -41.36
CA GLN E 172 15.62 -9.85 -41.90
C GLN E 172 16.37 -9.08 -40.83
N TYR E 173 15.79 -8.91 -39.65
CA TYR E 173 16.44 -8.18 -38.58
C TYR E 173 16.84 -9.08 -37.42
N LEU E 174 16.47 -10.37 -37.45
CA LEU E 174 16.81 -11.33 -36.38
C LEU E 174 16.38 -10.73 -35.04
N ASN E 175 17.23 -10.72 -34.03
CA ASN E 175 16.75 -10.19 -32.76
C ASN E 175 16.79 -8.67 -32.69
N GLY E 176 17.14 -8.00 -33.80
CA GLY E 176 17.27 -6.55 -33.86
C GLY E 176 15.97 -5.79 -33.98
N LYS E 177 15.14 -5.93 -32.94
CA LYS E 177 13.85 -5.25 -32.86
C LYS E 177 13.97 -3.76 -33.16
N ALA E 178 14.82 -3.06 -32.39
CA ALA E 178 14.89 -1.61 -32.51
C ALA E 178 15.15 -1.17 -33.95
N ALA E 179 15.99 -1.92 -34.68
CA ALA E 179 16.20 -1.62 -36.09
C ALA E 179 14.90 -1.74 -36.88
N TYR E 180 14.17 -2.84 -36.67
CA TYR E 180 12.89 -3.03 -37.34
C TYR E 180 11.95 -1.84 -37.09
N VAL E 181 11.77 -1.50 -35.81
CA VAL E 181 10.94 -0.35 -35.47
C VAL E 181 11.45 0.91 -36.17
N ASP E 182 12.75 1.20 -36.04
CA ASP E 182 13.33 2.37 -36.72
C ASP E 182 13.00 2.42 -38.22
N ASN E 183 13.09 1.29 -38.91
CA ASN E 183 12.81 1.27 -40.34
C ASN E 183 11.32 1.18 -40.70
N ILE E 184 10.44 0.83 -39.74
CA ILE E 184 9.06 0.68 -40.16
C ILE E 184 8.43 2.05 -40.35
N TRP E 185 9.03 3.09 -39.76
CA TRP E 185 8.48 4.43 -39.88
C TRP E 185 8.38 4.90 -41.33
N LYS E 186 9.31 4.46 -42.18
CA LYS E 186 9.29 4.96 -43.56
C LYS E 186 8.12 4.41 -44.36
N VAL E 187 7.49 3.31 -43.94
CA VAL E 187 6.42 2.67 -44.71
C VAL E 187 5.07 2.81 -44.02
N ILE E 188 4.98 3.61 -42.97
CA ILE E 188 3.68 3.90 -42.34
C ILE E 188 2.82 4.70 -43.31
N ASN E 189 1.56 4.28 -43.47
CA ASN E 189 0.63 4.91 -44.41
C ASN E 189 -0.12 6.00 -43.63
N TRP E 190 0.34 7.23 -43.80
CA TRP E 190 -0.28 8.29 -43.02
C TRP E 190 -1.64 8.67 -43.56
N LYS E 191 -1.84 8.58 -44.89
CA LYS E 191 -3.17 8.72 -45.47
C LYS E 191 -4.20 7.88 -44.69
N THR E 192 -3.95 6.56 -44.60
CA THR E 192 -4.85 5.69 -43.86
C THR E 192 -5.03 6.17 -42.44
N ALA E 193 -3.95 6.53 -41.76
CA ALA E 193 -4.08 6.97 -40.38
C ALA E 193 -4.96 8.22 -40.26
N GLU E 194 -4.92 9.12 -41.25
CA GLU E 194 -5.77 10.31 -41.19
C GLU E 194 -7.25 9.92 -41.32
N GLN E 195 -7.57 9.09 -42.31
CA GLN E 195 -8.93 8.60 -42.47
C GLN E 195 -9.45 7.98 -41.18
N ARG E 196 -8.71 7.01 -40.66
CA ARG E 196 -9.10 6.40 -39.39
C ARG E 196 -9.27 7.43 -38.28
N PHE E 197 -8.40 8.46 -38.25
CA PHE E 197 -8.53 9.49 -37.22
C PHE E 197 -9.80 10.33 -37.37
N LYS E 198 -10.27 10.57 -38.59
CA LYS E 198 -11.53 11.34 -38.79
C LYS E 198 -12.78 10.47 -39.06
N PHE F 6 15.17 34.50 37.60
CA PHE F 6 14.10 33.92 36.78
C PHE F 6 12.74 33.85 37.51
N SER F 7 11.79 34.66 37.01
CA SER F 7 10.45 34.75 37.56
C SER F 7 9.42 34.57 36.46
N LEU F 8 8.19 34.33 36.88
CA LEU F 8 7.07 34.42 35.97
C LEU F 8 6.94 35.88 35.54
N PRO F 9 7.01 36.17 34.25
CA PRO F 9 6.77 37.55 33.81
C PRO F 9 5.28 37.89 33.85
N ALA F 10 4.96 39.09 34.34
CA ALA F 10 3.56 39.47 34.44
C ALA F 10 2.91 39.47 33.06
N LEU F 11 1.59 39.36 33.05
CA LEU F 11 0.89 39.42 31.79
C LEU F 11 0.97 40.81 31.16
N PRO F 12 0.85 40.90 29.83
CA PRO F 12 0.61 42.21 29.20
C PRO F 12 -0.74 42.84 29.53
N TYR F 13 -1.56 42.25 30.40
CA TYR F 13 -2.90 42.79 30.65
C TYR F 13 -3.47 42.24 31.95
N ALA F 14 -4.44 42.97 32.50
CA ALA F 14 -5.23 42.53 33.65
C ALA F 14 -5.81 41.14 33.44
N TYR F 15 -6.09 40.43 34.54
CA TYR F 15 -6.59 39.07 34.38
C TYR F 15 -7.98 39.06 33.76
N ASP F 16 -8.72 40.17 33.82
CA ASP F 16 -10.03 40.24 33.19
C ASP F 16 -10.03 41.05 31.89
N ALA F 17 -8.85 41.35 31.33
CA ALA F 17 -8.80 42.14 30.12
C ALA F 17 -9.42 41.41 28.93
N LEU F 18 -9.43 40.08 28.96
CA LEU F 18 -9.86 39.30 27.81
C LEU F 18 -11.31 38.90 27.85
N GLU F 19 -12.08 39.40 28.81
CA GLU F 19 -13.49 39.04 28.92
C GLU F 19 -14.31 39.77 27.85
N PRO F 20 -15.45 39.18 27.44
CA PRO F 20 -15.97 37.88 27.89
C PRO F 20 -15.45 36.67 27.12
N SER F 21 -14.40 36.81 26.32
CA SER F 21 -13.87 35.64 25.61
C SER F 21 -13.22 34.65 26.56
N ILE F 22 -12.40 35.12 27.49
CA ILE F 22 -11.75 34.25 28.46
C ILE F 22 -11.89 34.87 29.83
N SER F 23 -12.42 34.10 30.78
CA SER F 23 -12.70 34.61 32.12
C SER F 23 -11.44 35.01 32.88
N ALA F 24 -11.57 36.05 33.71
CA ALA F 24 -10.51 36.38 34.66
C ALA F 24 -10.11 35.18 35.50
N GLN F 25 -11.10 34.33 35.85
CA GLN F 25 -10.81 33.11 36.57
C GLN F 25 -9.79 32.27 35.83
N ILE F 26 -10.06 31.94 34.57
CA ILE F 26 -9.12 31.08 33.85
C ILE F 26 -7.77 31.76 33.72
N MET F 27 -7.75 33.06 33.42
CA MET F 27 -6.48 33.73 33.16
C MET F 27 -5.57 33.64 34.36
N GLU F 28 -6.12 33.86 35.55
CA GLU F 28 -5.32 33.81 36.77
C GLU F 28 -4.80 32.38 37.04
N LEU F 29 -5.68 31.39 36.94
CA LEU F 29 -5.28 30.00 37.13
C LEU F 29 -4.25 29.58 36.09
N HIS F 30 -4.46 29.95 34.82
CA HIS F 30 -3.53 29.51 33.79
C HIS F 30 -2.17 30.14 33.98
N HIS F 31 -2.14 31.41 34.39
CA HIS F 31 -0.90 32.14 34.55
C HIS F 31 -0.29 31.91 35.94
N SER F 32 -1.06 32.19 36.99
CA SER F 32 -0.48 32.20 38.33
C SER F 32 -0.26 30.81 38.90
N LYS F 33 -0.87 29.78 38.32
CA LYS F 33 -0.69 28.41 38.80
C LYS F 33 -0.13 27.49 37.73
N HIS F 34 -0.81 27.35 36.58
CA HIS F 34 -0.31 26.49 35.51
C HIS F 34 1.04 26.99 34.97
N HIS F 35 1.13 28.25 34.54
CA HIS F 35 2.40 28.74 34.02
C HIS F 35 3.45 28.91 35.12
N GLN F 36 3.02 29.25 36.34
CA GLN F 36 3.95 29.31 37.48
C GLN F 36 4.61 27.98 37.74
N THR F 37 3.86 26.88 37.59
CA THR F 37 4.44 25.56 37.86
C THR F 37 5.61 25.28 36.95
N TYR F 38 5.50 25.67 35.68
CA TYR F 38 6.62 25.55 34.74
C TYR F 38 7.85 26.25 35.28
N VAL F 39 7.70 27.50 35.74
CA VAL F 39 8.86 28.27 36.18
C VAL F 39 9.47 27.66 37.42
N THR F 40 8.63 27.25 38.37
CA THR F 40 9.12 26.64 39.60
C THR F 40 9.83 25.30 39.33
N ASN F 41 9.34 24.54 38.34
CA ASN F 41 9.98 23.26 38.04
C ASN F 41 11.30 23.47 37.31
N LEU F 42 11.33 24.45 36.40
CA LEU F 42 12.60 24.80 35.74
C LEU F 42 13.59 25.37 36.76
N ASN F 43 13.12 26.20 37.69
CA ASN F 43 14.02 26.71 38.71
C ASN F 43 14.56 25.58 39.58
N ASN F 44 13.70 24.61 39.93
CA ASN F 44 14.14 23.52 40.79
C ASN F 44 15.11 22.58 40.07
N ALA F 45 14.82 22.25 38.80
CA ALA F 45 15.65 21.28 38.08
C ALA F 45 17.06 21.82 37.83
N LEU F 46 17.17 23.05 37.35
CA LEU F 46 18.50 23.65 37.15
C LEU F 46 19.26 23.75 38.45
N LYS F 47 18.56 24.07 39.55
CA LYS F 47 19.20 24.23 40.85
C LYS F 47 19.68 22.90 41.41
N THR F 48 18.98 21.80 41.12
CA THR F 48 19.27 20.52 41.73
C THR F 48 19.87 19.49 40.76
N TYR F 49 20.30 19.91 39.57
CA TYR F 49 21.01 18.98 38.68
C TYR F 49 22.41 18.64 39.19
N SER F 50 23.18 19.68 39.58
CA SER F 50 24.56 19.49 40.04
C SER F 50 24.66 18.49 41.20
N THR F 51 23.68 18.49 42.08
CA THR F 51 23.68 17.52 43.17
C THR F 51 23.46 16.11 42.66
N ALA F 52 22.47 15.92 41.79
CA ALA F 52 22.17 14.59 41.28
C ALA F 52 23.32 14.02 40.46
N LEU F 53 24.05 14.87 39.72
CA LEU F 53 25.11 14.38 38.84
C LEU F 53 26.34 13.98 39.64
N ALA F 54 26.71 14.76 40.67
CA ALA F 54 27.85 14.40 41.53
C ALA F 54 27.59 13.12 42.33
N ALA F 55 26.33 12.72 42.48
CA ALA F 55 25.94 11.52 43.22
C ALA F 55 25.73 10.32 42.31
N ASN F 56 25.89 10.47 40.99
CA ASN F 56 25.59 9.42 40.02
C ASN F 56 24.14 8.90 40.16
N ASP F 57 23.23 9.76 40.62
CA ASP F 57 21.82 9.41 40.65
C ASP F 57 21.29 9.45 39.22
N VAL F 58 21.50 8.35 38.48
CA VAL F 58 21.04 8.30 37.08
C VAL F 58 19.51 8.36 36.97
N PRO F 59 18.73 7.62 37.77
CA PRO F 59 17.27 7.83 37.72
C PRO F 59 16.85 9.29 37.84
N SER F 60 17.43 10.06 38.77
CA SER F 60 17.03 11.45 38.94
C SER F 60 17.46 12.32 37.76
N GLN F 61 18.58 12.00 37.13
CA GLN F 61 19.00 12.78 35.99
C GLN F 61 18.07 12.53 34.81
N ILE F 62 17.61 11.29 34.62
CA ILE F 62 16.55 11.03 33.63
C ILE F 62 15.32 11.91 33.93
N ALA F 63 14.98 12.10 35.21
CA ALA F 63 13.81 12.89 35.55
C ALA F 63 14.04 14.37 35.26
N LEU F 64 15.20 14.90 35.66
CA LEU F 64 15.46 16.31 35.42
C LEU F 64 15.52 16.61 33.91
N GLN F 65 16.02 15.67 33.09
CA GLN F 65 15.92 15.85 31.63
C GLN F 65 14.46 15.93 31.19
N ALA F 66 13.62 15.03 31.71
CA ALA F 66 12.19 15.16 31.42
C ALA F 66 11.65 16.47 31.97
N ALA F 67 12.02 16.84 33.21
CA ALA F 67 11.44 18.03 33.82
C ALA F 67 11.86 19.29 33.06
N ILE F 68 13.14 19.39 32.69
CA ILE F 68 13.61 20.52 31.88
C ILE F 68 12.95 20.52 30.52
N LYS F 69 12.70 19.34 29.95
CA LYS F 69 12.11 19.28 28.61
C LYS F 69 10.67 19.75 28.64
N PHE F 70 9.83 19.05 29.41
CA PHE F 70 8.41 19.37 29.44
C PHE F 70 8.19 20.79 29.94
N ASN F 71 8.80 21.15 31.08
CA ASN F 71 8.55 22.48 31.64
C ASN F 71 9.14 23.58 30.76
N GLY F 72 10.31 23.34 30.16
CA GLY F 72 10.87 24.33 29.26
C GLY F 72 9.93 24.65 28.11
N ALA F 73 9.37 23.59 27.50
CA ALA F 73 8.41 23.75 26.41
C ALA F 73 7.15 24.45 26.88
N GLY F 74 6.57 23.98 28.00
CA GLY F 74 5.44 24.68 28.59
C GLY F 74 5.70 26.15 28.81
N HIS F 75 6.88 26.50 29.30
CA HIS F 75 7.16 27.92 29.55
C HIS F 75 7.24 28.71 28.24
N ILE F 76 7.91 28.15 27.23
CA ILE F 76 8.01 28.85 25.95
C ILE F 76 6.62 29.03 25.33
N ASN F 77 5.82 27.95 25.31
CA ASN F 77 4.52 28.02 24.65
C ASN F 77 3.63 29.10 25.26
N HIS F 78 3.43 29.05 26.56
CA HIS F 78 2.55 30.01 27.20
C HIS F 78 3.12 31.42 27.13
N SER F 79 4.45 31.55 27.20
CA SER F 79 5.06 32.85 26.93
C SER F 79 4.59 33.39 25.58
N LEU F 80 4.69 32.57 24.52
CA LEU F 80 4.22 33.02 23.22
C LEU F 80 2.72 33.16 23.20
N PHE F 81 2.01 32.38 24.01
CA PHE F 81 0.56 32.47 24.02
C PHE F 81 0.07 33.85 24.48
N TRP F 82 0.51 34.32 25.66
CA TRP F 82 -0.08 35.56 26.17
C TRP F 82 0.15 36.72 25.21
N GLU F 83 1.28 36.70 24.50
CA GLU F 83 1.60 37.78 23.58
C GLU F 83 0.65 37.81 22.38
N ASN F 84 0.16 36.63 21.92
CA ASN F 84 -0.88 36.51 20.87
C ASN F 84 -2.19 36.99 21.29
N LEU F 85 -2.36 37.60 22.46
CA LEU F 85 -3.69 37.96 22.91
C LEU F 85 -3.70 39.43 23.31
N CYS F 86 -4.90 40.00 23.28
CA CYS F 86 -5.13 41.40 23.59
C CYS F 86 -6.64 41.59 23.76
N PRO F 87 -7.06 42.66 24.44
CA PRO F 87 -8.50 42.83 24.72
C PRO F 87 -9.32 42.94 23.44
N ALA F 88 -10.59 42.52 23.54
CA ALA F 88 -11.46 42.55 22.37
C ALA F 88 -11.65 43.96 21.85
N SER F 89 -11.55 44.96 22.72
CA SER F 89 -11.67 46.36 22.35
C SER F 89 -10.39 46.95 21.77
N SER F 90 -9.26 46.18 21.73
CA SER F 90 -8.03 46.86 21.29
C SER F 90 -7.97 46.94 19.77
N PRO F 91 -7.40 48.02 19.24
CA PRO F 91 -7.09 48.05 17.79
C PRO F 91 -6.31 46.84 17.34
N ASP F 92 -5.53 46.20 18.24
CA ASP F 92 -4.76 45.02 17.90
C ASP F 92 -5.62 43.78 17.66
N ALA F 93 -6.86 43.77 18.18
CA ALA F 93 -7.82 42.69 17.95
C ALA F 93 -8.50 42.78 16.58
N ASP F 94 -7.98 43.66 15.71
CA ASP F 94 -8.52 43.91 14.38
C ASP F 94 -7.56 43.37 13.32
N PRO F 95 -7.97 42.40 12.48
CA PRO F 95 -7.04 41.83 11.49
C PRO F 95 -6.39 42.90 10.61
N ALA F 96 -7.07 44.04 10.48
CA ALA F 96 -6.50 45.16 9.73
C ALA F 96 -5.15 45.59 10.29
N SER F 97 -4.91 45.33 11.58
CA SER F 97 -3.59 45.51 12.16
C SER F 97 -2.55 44.57 11.56
N ALA F 98 -2.99 43.57 10.78
CA ALA F 98 -2.10 42.61 10.12
C ALA F 98 -2.42 42.54 8.64
N PRO F 99 -2.19 43.63 7.89
CA PRO F 99 -2.60 43.63 6.48
C PRO F 99 -1.75 42.69 5.62
N GLU F 100 -0.44 42.65 5.86
CA GLU F 100 0.43 41.73 5.13
C GLU F 100 0.02 40.28 5.40
N LEU F 101 -0.22 39.95 6.67
CA LEU F 101 -0.55 38.57 7.04
C LEU F 101 -1.93 38.17 6.53
N THR F 102 -2.93 39.04 6.70
CA THR F 102 -4.25 38.73 6.16
C THR F 102 -4.23 38.64 4.64
N ALA F 103 -3.35 39.41 3.97
CA ALA F 103 -3.09 39.19 2.56
C ALA F 103 -2.57 37.77 2.30
N GLU F 104 -1.57 37.33 3.08
CA GLU F 104 -1.03 35.99 2.87
C GLU F 104 -2.00 34.89 3.30
N ILE F 105 -2.87 35.18 4.28
CA ILE F 105 -3.91 34.23 4.70
C ILE F 105 -4.97 34.08 3.60
N ALA F 106 -5.49 35.19 3.09
CA ALA F 106 -6.47 35.14 2.00
C ALA F 106 -5.89 34.49 0.74
N LYS F 107 -4.59 34.70 0.48
CA LYS F 107 -3.92 34.09 -0.67
C LYS F 107 -3.76 32.58 -0.50
N THR F 108 -3.92 32.06 0.71
CA THR F 108 -3.74 30.63 0.96
C THR F 108 -5.02 29.91 1.40
N TRP F 109 -6.04 30.62 1.87
CA TRP F 109 -7.33 30.02 2.21
C TRP F 109 -8.51 30.66 1.50
N GLY F 110 -8.31 31.77 0.79
CA GLY F 110 -9.35 32.43 0.04
C GLY F 110 -10.07 33.54 0.77
N SER F 111 -9.95 33.60 2.10
CA SER F 111 -10.70 34.54 2.93
C SER F 111 -10.20 34.41 4.36
N LEU F 112 -10.55 35.40 5.18
CA LEU F 112 -10.31 35.27 6.61
C LEU F 112 -11.25 34.22 7.20
N ASP F 113 -12.53 34.27 6.84
CA ASP F 113 -13.50 33.32 7.35
C ASP F 113 -13.16 31.89 6.96
N LYS F 114 -12.50 31.70 5.82
CA LYS F 114 -12.13 30.36 5.40
C LYS F 114 -10.94 29.81 6.18
N PHE F 115 -10.06 30.69 6.67
CA PHE F 115 -8.92 30.26 7.48
C PHE F 115 -9.35 29.97 8.92
N LYS F 116 -10.14 30.87 9.50
CA LYS F 116 -10.80 30.60 10.77
C LYS F 116 -11.49 29.24 10.75
N GLU F 117 -12.30 28.99 9.71
CA GLU F 117 -12.98 27.71 9.56
C GLU F 117 -12.01 26.54 9.68
N ALA F 118 -10.86 26.65 8.99
CA ALA F 118 -9.88 25.57 8.96
C ALA F 118 -9.08 25.49 10.26
N MET F 119 -8.65 26.65 10.77
CA MET F 119 -7.93 26.71 12.04
C MET F 119 -8.71 26.04 13.15
N GLY F 120 -9.98 26.41 13.30
CA GLY F 120 -10.81 25.80 14.32
C GLY F 120 -11.12 24.34 14.08
N LYS F 121 -11.17 23.92 12.81
CA LYS F 121 -11.35 22.51 12.52
C LYS F 121 -10.17 21.71 13.07
N ALA F 122 -8.95 22.21 12.88
CA ALA F 122 -7.77 21.49 13.33
C ALA F 122 -7.62 21.55 14.85
N LEU F 123 -8.00 22.67 15.47
CA LEU F 123 -8.01 22.76 16.94
C LEU F 123 -8.98 21.77 17.54
N LEU F 124 -10.26 21.87 17.17
CA LEU F 124 -11.25 20.90 17.62
C LEU F 124 -10.90 19.50 17.18
N GLY F 125 -9.88 19.33 16.35
CA GLY F 125 -9.50 18.02 15.88
C GLY F 125 -8.52 17.32 16.80
N ILE F 126 -7.82 18.09 17.63
CA ILE F 126 -6.77 17.53 18.47
C ILE F 126 -7.37 16.49 19.41
N GLN F 127 -6.64 15.39 19.59
CA GLN F 127 -7.03 14.31 20.49
C GLN F 127 -6.26 14.48 21.79
N GLY F 128 -6.97 14.66 22.90
CA GLY F 128 -6.29 14.91 24.16
C GLY F 128 -5.82 16.33 24.32
N SER F 129 -4.59 16.53 24.81
CA SER F 129 -4.01 17.86 25.03
C SER F 129 -3.09 18.26 23.88
N GLY F 130 -3.20 19.51 23.46
CA GLY F 130 -2.21 20.07 22.57
C GLY F 130 -2.47 21.53 22.22
N TRP F 131 -1.68 22.01 21.26
CA TRP F 131 -1.73 23.38 20.73
C TRP F 131 -2.07 23.38 19.25
N GLY F 132 -2.69 24.47 18.81
CA GLY F 132 -2.85 24.76 17.41
C GLY F 132 -2.04 26.00 17.05
N TRP F 133 -1.41 25.98 15.89
CA TRP F 133 -0.53 27.06 15.46
C TRP F 133 -0.79 27.44 14.02
N LEU F 134 -0.77 28.75 13.75
CA LEU F 134 -0.48 29.27 12.42
C LEU F 134 1.03 29.48 12.38
N VAL F 135 1.71 28.71 11.53
CA VAL F 135 3.15 28.86 11.41
C VAL F 135 3.52 29.44 10.05
N LYS F 136 4.82 29.65 9.85
CA LYS F 136 5.41 30.26 8.67
C LYS F 136 6.39 29.20 8.16
N GLU F 137 6.03 28.51 7.07
CA GLU F 137 6.82 27.38 6.58
C GLU F 137 7.61 27.84 5.35
N GLY F 138 8.79 28.42 5.60
CA GLY F 138 9.57 29.03 4.54
C GLY F 138 8.85 30.24 3.97
N SER F 139 8.29 30.08 2.77
CA SER F 139 7.58 31.17 2.10
C SER F 139 6.12 31.31 2.55
N GLY F 140 5.41 30.19 2.70
CA GLY F 140 3.97 30.19 2.87
C GLY F 140 3.51 29.93 4.29
N LEU F 141 2.18 29.76 4.42
CA LEU F 141 1.50 29.64 5.71
C LEU F 141 0.88 28.25 5.88
N ARG F 142 0.71 27.83 7.14
CA ARG F 142 0.30 26.47 7.45
C ARG F 142 -0.31 26.39 8.86
N ILE F 143 -1.39 25.61 8.98
CA ILE F 143 -1.95 25.25 10.28
C ILE F 143 -1.33 23.92 10.69
N VAL F 144 -0.73 23.88 11.88
CA VAL F 144 -0.22 22.64 12.44
C VAL F 144 -0.81 22.46 13.85
N THR F 145 -0.74 21.22 14.37
CA THR F 145 -0.98 20.98 15.79
C THR F 145 0.23 20.30 16.40
N THR F 146 0.34 20.43 17.72
CA THR F 146 1.39 19.81 18.51
C THR F 146 0.74 19.08 19.67
N LYS F 147 1.44 18.10 20.20
CA LYS F 147 0.91 17.26 21.26
C LYS F 147 1.47 17.69 22.61
N ASP F 148 0.60 17.87 23.59
CA ASP F 148 1.00 18.20 24.98
C ASP F 148 1.71 19.54 24.95
N GLN F 149 2.97 19.63 25.38
CA GLN F 149 3.69 20.91 25.27
C GLN F 149 4.71 20.92 24.15
N ASP F 150 4.71 19.93 23.25
CA ASP F 150 5.76 19.79 22.23
C ASP F 150 5.88 21.05 21.40
N PRO F 151 7.10 21.50 21.11
CA PRO F 151 7.28 22.63 20.18
C PRO F 151 6.95 22.23 18.74
N VAL F 152 6.76 23.24 17.90
CA VAL F 152 6.59 22.96 16.48
C VAL F 152 7.93 22.51 15.90
N VAL F 153 7.86 21.74 14.80
CA VAL F 153 9.05 21.11 14.23
C VAL F 153 10.03 22.16 13.71
N GLY F 154 11.32 21.88 13.88
CA GLY F 154 12.39 22.75 13.40
C GLY F 154 12.19 23.22 11.98
N GLY F 155 12.29 24.54 11.75
CA GLY F 155 12.02 25.14 10.46
C GLY F 155 10.68 25.82 10.33
N GLU F 156 9.81 25.72 11.34
CA GLU F 156 8.51 26.40 11.37
C GLU F 156 8.54 27.53 12.38
N VAL F 157 7.87 28.63 12.03
CA VAL F 157 7.97 29.89 12.75
C VAL F 157 6.61 30.27 13.30
N PRO F 158 6.44 30.32 14.61
CA PRO F 158 5.11 30.54 15.18
C PRO F 158 4.58 31.94 14.84
N VAL F 159 3.28 32.00 14.60
CA VAL F 159 2.67 33.30 14.36
C VAL F 159 1.66 33.53 15.47
N PHE F 160 0.59 32.73 15.53
CA PHE F 160 -0.18 32.72 16.75
C PHE F 160 -0.55 31.29 17.10
N GLY F 161 -0.59 31.04 18.41
CA GLY F 161 -1.03 29.77 18.97
C GLY F 161 -2.33 29.86 19.75
N ILE F 162 -3.01 28.72 19.87
CA ILE F 162 -4.21 28.61 20.70
C ILE F 162 -4.04 27.36 21.56
N ASP F 163 -4.20 27.53 22.89
CA ASP F 163 -4.08 26.42 23.84
C ASP F 163 -5.37 25.59 23.81
N MET F 164 -5.25 24.31 23.45
CA MET F 164 -6.42 23.43 23.40
C MET F 164 -6.47 22.42 24.56
N TRP F 165 -5.56 22.54 25.53
CA TRP F 165 -5.72 21.78 26.76
C TRP F 165 -7.04 22.18 27.40
N GLU F 166 -7.68 21.21 28.06
CA GLU F 166 -8.99 21.51 28.62
C GLU F 166 -8.92 22.61 29.68
N HIS F 167 -7.77 22.77 30.34
CA HIS F 167 -7.69 23.77 31.40
C HIS F 167 -7.81 25.17 30.84
N ALA F 168 -7.55 25.35 29.54
CA ALA F 168 -7.62 26.66 28.93
C ALA F 168 -9.05 27.15 28.78
N TYR F 169 -10.06 26.30 28.95
CA TYR F 169 -11.40 26.79 28.66
C TYR F 169 -12.47 26.24 29.56
N TYR F 170 -12.14 25.18 30.32
CA TYR F 170 -13.18 24.32 30.88
C TYR F 170 -14.06 25.02 31.91
N LEU F 171 -13.47 25.85 32.79
CA LEU F 171 -14.27 26.50 33.83
C LEU F 171 -15.35 27.41 33.25
N GLN F 172 -15.11 27.96 32.07
CA GLN F 172 -16.01 28.85 31.36
C GLN F 172 -16.89 28.13 30.36
N TYR F 173 -16.30 27.26 29.55
CA TYR F 173 -17.01 26.66 28.44
C TYR F 173 -17.40 25.21 28.66
N LEU F 174 -16.86 24.57 29.70
CA LEU F 174 -17.10 23.15 30.04
C LEU F 174 -16.63 22.31 28.86
N ASN F 175 -17.40 21.30 28.47
CA ASN F 175 -17.08 20.47 27.33
C ASN F 175 -17.22 21.21 26.00
N GLY F 176 -17.72 22.45 26.01
CA GLY F 176 -17.93 23.28 24.83
C GLY F 176 -16.68 23.72 24.11
N LYS F 177 -15.86 22.74 23.72
CA LYS F 177 -14.66 22.96 22.90
C LYS F 177 -14.85 24.02 21.82
N ALA F 178 -15.96 23.90 21.06
CA ALA F 178 -16.35 24.80 19.98
C ALA F 178 -16.39 26.25 20.40
N ALA F 179 -17.37 26.60 21.25
CA ALA F 179 -17.60 27.95 21.77
C ALA F 179 -16.31 28.71 22.15
N TYR F 180 -15.38 28.00 22.81
CA TYR F 180 -14.08 28.56 23.12
C TYR F 180 -13.38 29.10 21.86
N VAL F 181 -13.34 28.29 20.80
CA VAL F 181 -12.59 28.72 19.62
C VAL F 181 -13.27 29.88 18.93
N ASP F 182 -14.60 29.82 18.83
CA ASP F 182 -15.36 30.95 18.29
C ASP F 182 -15.05 32.25 19.02
N ASN F 183 -15.18 32.26 20.35
CA ASN F 183 -14.95 33.48 21.13
C ASN F 183 -13.48 33.89 21.18
N ILE F 184 -12.54 32.95 21.04
CA ILE F 184 -11.14 33.35 21.14
C ILE F 184 -10.71 34.17 19.93
N TRP F 185 -11.47 34.11 18.83
CA TRP F 185 -11.15 34.95 17.68
C TRP F 185 -11.28 36.44 18.00
N LYS F 186 -12.06 36.81 19.02
CA LYS F 186 -12.20 38.22 19.35
C LYS F 186 -10.95 38.78 20.05
N VAL F 187 -10.07 37.94 20.58
CA VAL F 187 -9.00 38.40 21.44
C VAL F 187 -7.63 37.99 20.90
N ILE F 188 -7.53 37.69 19.61
CA ILE F 188 -6.25 37.38 18.97
C ILE F 188 -5.48 38.67 18.75
N ASN F 189 -4.21 38.68 19.12
CA ASN F 189 -3.39 39.87 18.89
C ASN F 189 -2.86 39.83 17.45
N TRP F 190 -3.66 40.39 16.55
CA TRP F 190 -3.23 40.55 15.16
C TRP F 190 -2.02 41.48 15.03
N LYS F 191 -1.88 42.46 15.94
CA LYS F 191 -0.64 43.24 15.99
C LYS F 191 0.55 42.32 16.24
N THR F 192 0.49 41.50 17.31
CA THR F 192 1.54 40.51 17.55
C THR F 192 1.66 39.57 16.37
N ALA F 193 0.52 39.12 15.84
CA ALA F 193 0.56 38.17 14.72
C ALA F 193 1.33 38.76 13.53
N GLU F 194 1.09 40.04 13.25
CA GLU F 194 1.72 40.71 12.11
C GLU F 194 3.23 40.85 12.31
N GLN F 195 3.66 41.12 13.55
CA GLN F 195 5.06 41.35 13.83
C GLN F 195 5.87 40.04 13.74
N ARG F 196 5.26 38.92 14.10
CA ARG F 196 5.93 37.64 13.96
C ARG F 196 5.90 37.12 12.53
N PHE F 197 5.00 37.65 11.71
CA PHE F 197 4.94 37.22 10.31
C PHE F 197 6.13 37.75 9.52
N LYS F 198 6.69 38.90 9.93
CA LYS F 198 7.78 39.54 9.20
C LYS F 198 9.17 38.95 9.52
N SER G 7 -32.98 -22.56 -33.75
CA SER G 7 -32.24 -23.79 -34.03
C SER G 7 -31.81 -24.53 -32.76
N LEU G 8 -32.71 -24.72 -31.79
CA LEU G 8 -32.29 -24.95 -30.40
C LEU G 8 -32.75 -26.28 -29.83
N PRO G 9 -31.82 -27.13 -29.37
CA PRO G 9 -32.18 -28.50 -29.00
C PRO G 9 -33.06 -28.55 -27.76
N ALA G 10 -33.92 -29.56 -27.72
CA ALA G 10 -34.84 -29.70 -26.60
C ALA G 10 -34.10 -30.11 -25.34
N LEU G 11 -34.65 -29.70 -24.20
CA LEU G 11 -34.16 -30.16 -22.92
C LEU G 11 -34.11 -31.67 -22.87
N PRO G 12 -33.13 -32.25 -22.16
CA PRO G 12 -33.11 -33.72 -22.01
C PRO G 12 -34.33 -34.27 -21.29
N TYR G 13 -35.19 -33.41 -20.76
CA TYR G 13 -36.27 -33.82 -19.88
C TYR G 13 -37.48 -32.95 -20.18
N ALA G 14 -38.58 -33.26 -19.48
CA ALA G 14 -39.79 -32.47 -19.58
C ALA G 14 -39.60 -31.15 -18.83
N TYR G 15 -40.55 -30.23 -18.98
CA TYR G 15 -40.43 -28.93 -18.31
C TYR G 15 -40.68 -29.04 -16.80
N ASP G 16 -41.49 -30.00 -16.35
CA ASP G 16 -41.80 -30.18 -14.93
C ASP G 16 -40.96 -31.27 -14.27
N ALA G 17 -40.10 -31.92 -15.04
CA ALA G 17 -39.17 -32.94 -14.55
C ALA G 17 -38.33 -32.49 -13.36
N LEU G 18 -38.15 -31.19 -13.16
CA LEU G 18 -37.31 -30.74 -12.06
C LEU G 18 -38.11 -30.20 -10.89
N GLU G 19 -39.45 -30.21 -10.97
CA GLU G 19 -40.28 -29.84 -9.83
C GLU G 19 -40.10 -30.83 -8.67
N PRO G 20 -40.30 -30.38 -7.43
CA PRO G 20 -40.62 -29.01 -7.02
C PRO G 20 -39.39 -28.11 -6.87
N SER G 21 -38.21 -28.60 -7.23
CA SER G 21 -36.99 -27.81 -7.06
C SER G 21 -36.99 -26.59 -7.99
N ILE G 22 -37.45 -26.76 -9.22
CA ILE G 22 -37.52 -25.70 -10.22
C ILE G 22 -38.84 -25.87 -10.96
N SER G 23 -39.64 -24.82 -11.01
CA SER G 23 -40.98 -24.96 -11.55
C SER G 23 -40.94 -25.25 -13.04
N ALA G 24 -42.02 -25.86 -13.53
CA ALA G 24 -42.19 -25.99 -14.98
C ALA G 24 -42.15 -24.62 -15.65
N GLN G 25 -42.70 -23.61 -14.97
CA GLN G 25 -42.71 -22.26 -15.53
C GLN G 25 -41.30 -21.75 -15.80
N ILE G 26 -40.47 -21.76 -14.75
CA ILE G 26 -39.10 -21.24 -14.86
C ILE G 26 -38.35 -21.98 -15.96
N MET G 27 -38.50 -23.31 -16.02
CA MET G 27 -37.72 -24.07 -16.99
C MET G 27 -38.09 -23.69 -18.43
N GLU G 28 -39.38 -23.54 -18.72
CA GLU G 28 -39.78 -23.17 -20.07
C GLU G 28 -39.26 -21.77 -20.43
N LEU G 29 -39.48 -20.79 -19.55
CA LEU G 29 -39.01 -19.44 -19.82
C LEU G 29 -37.48 -19.40 -19.96
N HIS G 30 -36.78 -19.97 -18.99
CA HIS G 30 -35.33 -20.04 -19.12
C HIS G 30 -34.91 -20.60 -20.48
N HIS G 31 -35.63 -21.60 -20.98
CA HIS G 31 -35.14 -22.29 -22.18
C HIS G 31 -35.61 -21.62 -23.47
N SER G 32 -36.90 -21.39 -23.59
CA SER G 32 -37.49 -20.86 -24.82
C SER G 32 -37.30 -19.37 -24.98
N LYS G 33 -36.91 -18.65 -23.93
CA LYS G 33 -36.74 -17.20 -24.01
C LYS G 33 -35.30 -16.78 -23.75
N HIS G 34 -34.77 -17.05 -22.56
CA HIS G 34 -33.41 -16.63 -22.25
C HIS G 34 -32.41 -17.32 -23.15
N HIS G 35 -32.34 -18.65 -23.09
CA HIS G 35 -31.39 -19.42 -23.89
C HIS G 35 -31.64 -19.19 -25.38
N GLN G 36 -32.88 -19.42 -25.84
CA GLN G 36 -33.26 -19.14 -27.23
C GLN G 36 -32.64 -17.84 -27.70
N THR G 37 -32.87 -16.74 -26.98
CA THR G 37 -32.36 -15.43 -27.38
C THR G 37 -30.85 -15.46 -27.63
N TYR G 38 -30.09 -16.09 -26.74
CA TYR G 38 -28.66 -16.15 -26.97
C TYR G 38 -28.34 -16.92 -28.24
N VAL G 39 -29.00 -18.07 -28.44
CA VAL G 39 -28.69 -18.86 -29.62
C VAL G 39 -29.12 -18.11 -30.90
N THR G 40 -30.28 -17.43 -30.87
CA THR G 40 -30.71 -16.64 -32.02
C THR G 40 -29.69 -15.55 -32.33
N ASN G 41 -29.42 -14.67 -31.39
CA ASN G 41 -28.48 -13.59 -31.65
C ASN G 41 -27.08 -14.12 -31.97
N LEU G 42 -26.74 -15.31 -31.51
CA LEU G 42 -25.49 -15.92 -31.92
C LEU G 42 -25.53 -16.30 -33.38
N ASN G 43 -26.58 -17.03 -33.77
CA ASN G 43 -26.85 -17.35 -35.17
C ASN G 43 -26.80 -16.11 -36.05
N ASN G 44 -27.51 -15.05 -35.65
CA ASN G 44 -27.52 -13.82 -36.43
C ASN G 44 -26.12 -13.25 -36.56
N ALA G 45 -25.43 -13.06 -35.44
CA ALA G 45 -24.07 -12.53 -35.49
C ALA G 45 -23.19 -13.38 -36.38
N LEU G 46 -23.38 -14.71 -36.34
CA LEU G 46 -22.52 -15.59 -37.11
C LEU G 46 -22.77 -15.45 -38.62
N LYS G 47 -24.03 -15.20 -39.01
CA LYS G 47 -24.38 -15.06 -40.41
C LYS G 47 -23.83 -13.76 -40.99
N THR G 48 -24.10 -12.64 -40.30
CA THR G 48 -23.54 -11.37 -40.75
C THR G 48 -22.03 -11.47 -40.93
N TYR G 49 -21.35 -12.18 -40.01
CA TYR G 49 -19.88 -12.24 -40.05
C TYR G 49 -19.38 -12.78 -41.38
N SER G 50 -20.00 -13.87 -41.88
CA SER G 50 -19.58 -14.39 -43.18
C SER G 50 -19.68 -13.30 -44.25
N THR G 51 -20.73 -12.48 -44.18
CA THR G 51 -20.89 -11.38 -45.13
C THR G 51 -19.80 -10.33 -44.93
N ALA G 52 -19.54 -9.94 -43.67
CA ALA G 52 -18.54 -8.91 -43.40
C ALA G 52 -17.13 -9.33 -43.82
N LEU G 53 -16.81 -10.63 -43.74
CA LEU G 53 -15.55 -11.13 -44.29
C LEU G 53 -15.43 -10.81 -45.77
N ALA G 54 -16.39 -11.29 -46.59
CA ALA G 54 -16.29 -11.07 -48.02
C ALA G 54 -16.27 -9.58 -48.37
N ALA G 55 -17.17 -8.80 -47.76
CA ALA G 55 -17.16 -7.36 -48.00
C ALA G 55 -15.90 -6.65 -47.49
N ASN G 56 -15.05 -7.32 -46.71
CA ASN G 56 -13.88 -6.70 -46.09
C ASN G 56 -14.27 -5.55 -45.18
N ASP G 57 -15.38 -5.76 -44.47
CA ASP G 57 -15.88 -4.78 -43.52
C ASP G 57 -15.25 -5.07 -42.15
N VAL G 58 -14.08 -4.49 -41.94
CA VAL G 58 -13.41 -4.66 -40.66
C VAL G 58 -14.17 -4.01 -39.50
N PRO G 59 -14.68 -2.77 -39.62
CA PRO G 59 -15.47 -2.25 -38.50
C PRO G 59 -16.59 -3.18 -38.05
N SER G 60 -17.33 -3.75 -39.01
CA SER G 60 -18.37 -4.73 -38.68
C SER G 60 -17.80 -5.94 -37.97
N GLN G 61 -16.69 -6.49 -38.51
CA GLN G 61 -16.14 -7.72 -37.97
C GLN G 61 -15.80 -7.59 -36.50
N ILE G 62 -15.42 -6.38 -36.08
CA ILE G 62 -15.08 -6.13 -34.68
C ILE G 62 -16.33 -6.24 -33.80
N ALA G 63 -17.39 -5.53 -34.18
CA ALA G 63 -18.64 -5.62 -33.43
C ALA G 63 -19.21 -7.05 -33.43
N LEU G 64 -19.09 -7.75 -34.56
CA LEU G 64 -19.60 -9.11 -34.63
C LEU G 64 -18.75 -10.06 -33.78
N GLN G 65 -17.45 -9.77 -33.63
CA GLN G 65 -16.64 -10.50 -32.68
C GLN G 65 -17.17 -10.34 -31.25
N ALA G 66 -17.59 -9.12 -30.88
CA ALA G 66 -18.21 -8.95 -29.57
C ALA G 66 -19.48 -9.78 -29.47
N ALA G 67 -20.38 -9.64 -30.44
CA ALA G 67 -21.66 -10.34 -30.38
C ALA G 67 -21.46 -11.85 -30.26
N ILE G 68 -20.51 -12.41 -31.02
CA ILE G 68 -20.29 -13.86 -31.02
C ILE G 68 -19.74 -14.33 -29.66
N LYS G 69 -18.80 -13.58 -29.08
CA LYS G 69 -18.23 -13.95 -27.79
C LYS G 69 -19.30 -13.93 -26.70
N PHE G 70 -20.05 -12.83 -26.64
CA PHE G 70 -21.05 -12.67 -25.62
C PHE G 70 -22.14 -13.73 -25.73
N ASN G 71 -22.71 -13.91 -26.93
CA ASN G 71 -23.88 -14.78 -27.03
C ASN G 71 -23.49 -16.24 -27.00
N GLY G 72 -22.35 -16.56 -27.61
CA GLY G 72 -21.83 -17.90 -27.51
C GLY G 72 -21.60 -18.33 -26.08
N ALA G 73 -21.16 -17.39 -25.22
CA ALA G 73 -21.01 -17.70 -23.80
C ALA G 73 -22.34 -18.00 -23.15
N GLY G 74 -23.37 -17.19 -23.40
CA GLY G 74 -24.66 -17.46 -22.79
C GLY G 74 -25.23 -18.79 -23.24
N HIS G 75 -25.05 -19.11 -24.51
CA HIS G 75 -25.53 -20.37 -25.06
C HIS G 75 -24.85 -21.56 -24.41
N ILE G 76 -23.53 -21.49 -24.24
CA ILE G 76 -22.78 -22.61 -23.66
C ILE G 76 -23.11 -22.75 -22.17
N ASN G 77 -23.27 -21.64 -21.45
CA ASN G 77 -23.57 -21.73 -20.03
C ASN G 77 -24.86 -22.49 -19.82
N HIS G 78 -25.93 -22.07 -20.49
CA HIS G 78 -27.19 -22.76 -20.27
C HIS G 78 -27.11 -24.21 -20.74
N SER G 79 -26.32 -24.48 -21.79
CA SER G 79 -26.20 -25.85 -22.28
C SER G 79 -25.49 -26.72 -21.25
N LEU G 80 -24.32 -26.29 -20.78
CA LEU G 80 -23.70 -26.99 -19.65
C LEU G 80 -24.70 -27.17 -18.53
N PHE G 81 -25.56 -26.17 -18.31
CA PHE G 81 -26.50 -26.21 -17.21
C PHE G 81 -27.53 -27.31 -17.40
N TRP G 82 -28.20 -27.36 -18.55
CA TRP G 82 -29.27 -28.35 -18.74
C TRP G 82 -28.77 -29.78 -18.60
N GLU G 83 -27.50 -30.02 -18.97
CA GLU G 83 -26.87 -31.32 -18.81
C GLU G 83 -26.37 -31.58 -17.38
N ASN G 84 -26.29 -30.57 -16.54
CA ASN G 84 -26.04 -30.70 -15.11
C ASN G 84 -27.26 -31.09 -14.30
N LEU G 85 -28.42 -31.26 -14.94
CA LEU G 85 -29.64 -31.45 -14.18
C LEU G 85 -30.34 -32.71 -14.67
N CYS G 86 -31.06 -33.33 -13.74
CA CYS G 86 -31.87 -34.52 -13.98
C CYS G 86 -32.97 -34.49 -12.95
N PRO G 87 -34.08 -35.20 -13.18
CA PRO G 87 -35.11 -35.31 -12.15
C PRO G 87 -34.52 -35.92 -10.87
N ALA G 88 -35.17 -35.61 -9.74
CA ALA G 88 -34.59 -35.98 -8.44
C ALA G 88 -34.56 -37.49 -8.26
N SER G 89 -35.50 -38.21 -8.90
CA SER G 89 -35.60 -39.66 -8.74
C SER G 89 -34.48 -40.40 -9.45
N SER G 90 -34.12 -39.96 -10.67
CA SER G 90 -33.04 -40.54 -11.47
C SER G 90 -31.81 -40.93 -10.67
N PRO G 91 -31.20 -42.06 -11.02
CA PRO G 91 -29.98 -42.49 -10.34
C PRO G 91 -28.85 -41.52 -10.53
N ASP G 92 -28.90 -40.72 -11.61
CA ASP G 92 -27.88 -39.72 -11.87
C ASP G 92 -27.89 -38.60 -10.83
N ALA G 93 -28.97 -38.49 -10.04
CA ALA G 93 -29.04 -37.58 -8.90
C ALA G 93 -28.22 -38.07 -7.70
N ASP G 94 -28.05 -39.39 -7.53
CA ASP G 94 -27.33 -39.90 -6.37
C ASP G 94 -25.82 -39.70 -6.53
N PRO G 95 -25.15 -39.03 -5.59
CA PRO G 95 -23.72 -38.72 -5.77
C PRO G 95 -22.79 -39.97 -5.94
N ALA G 96 -23.25 -41.19 -5.65
CA ALA G 96 -22.38 -42.33 -5.90
C ALA G 96 -22.09 -42.51 -7.40
N SER G 97 -22.96 -41.96 -8.27
CA SER G 97 -22.69 -41.92 -9.71
C SER G 97 -21.35 -41.24 -10.03
N ALA G 98 -20.88 -40.33 -9.16
CA ALA G 98 -19.57 -39.71 -9.38
C ALA G 98 -18.56 -40.11 -8.32
N PRO G 99 -18.19 -41.40 -8.22
CA PRO G 99 -17.27 -41.82 -7.17
C PRO G 99 -15.95 -41.10 -7.18
N GLU G 100 -15.33 -41.01 -8.35
CA GLU G 100 -13.98 -40.47 -8.41
C GLU G 100 -13.99 -38.99 -8.07
N LEU G 101 -15.00 -38.27 -8.55
CA LEU G 101 -15.15 -36.86 -8.24
C LEU G 101 -15.44 -36.65 -6.74
N THR G 102 -16.56 -37.19 -6.25
CA THR G 102 -16.93 -37.02 -4.84
C THR G 102 -15.76 -37.30 -3.92
N ALA G 103 -15.00 -38.37 -4.20
CA ALA G 103 -13.77 -38.63 -3.47
C ALA G 103 -12.84 -37.43 -3.48
N GLU G 104 -12.64 -36.81 -4.65
CA GLU G 104 -11.78 -35.63 -4.69
C GLU G 104 -12.46 -34.44 -4.00
N ILE G 105 -13.79 -34.41 -3.97
CA ILE G 105 -14.50 -33.39 -3.20
C ILE G 105 -14.12 -33.52 -1.73
N ALA G 106 -14.20 -34.73 -1.18
CA ALA G 106 -13.90 -34.96 0.22
C ALA G 106 -12.40 -34.89 0.53
N LYS G 107 -11.54 -35.04 -0.47
CA LYS G 107 -10.12 -34.81 -0.21
C LYS G 107 -9.83 -33.33 -0.05
N THR G 108 -10.63 -32.48 -0.72
CA THR G 108 -10.43 -31.04 -0.77
C THR G 108 -11.24 -30.29 0.28
N TRP G 109 -12.51 -30.65 0.47
CA TRP G 109 -13.36 -29.99 1.44
C TRP G 109 -13.71 -30.87 2.64
N GLY G 110 -13.32 -32.14 2.61
CA GLY G 110 -13.53 -33.00 3.75
C GLY G 110 -14.76 -33.87 3.62
N SER G 111 -15.92 -33.26 3.42
CA SER G 111 -17.16 -33.98 3.26
C SER G 111 -17.85 -33.48 2.00
N LEU G 112 -18.83 -34.25 1.54
CA LEU G 112 -19.75 -33.73 0.53
C LEU G 112 -20.44 -32.48 1.06
N ASP G 113 -20.89 -32.54 2.30
CA ASP G 113 -21.67 -31.45 2.88
C ASP G 113 -20.80 -30.25 3.19
N LYS G 114 -19.59 -30.47 3.69
CA LYS G 114 -18.69 -29.34 3.87
C LYS G 114 -18.43 -28.63 2.54
N PHE G 115 -18.71 -29.29 1.41
CA PHE G 115 -18.59 -28.69 0.09
C PHE G 115 -19.89 -28.03 -0.37
N LYS G 116 -21.03 -28.76 -0.31
CA LYS G 116 -22.31 -28.11 -0.61
C LYS G 116 -22.45 -26.80 0.16
N GLU G 117 -22.05 -26.80 1.43
CA GLU G 117 -21.99 -25.58 2.21
C GLU G 117 -21.08 -24.56 1.55
N ALA G 118 -19.83 -24.95 1.27
CA ALA G 118 -18.86 -24.01 0.69
C ALA G 118 -19.37 -23.39 -0.60
N MET G 119 -20.15 -24.16 -1.37
CA MET G 119 -20.71 -23.68 -2.63
C MET G 119 -21.82 -22.67 -2.39
N GLY G 120 -22.85 -23.09 -1.63
CA GLY G 120 -23.90 -22.24 -1.13
C GLY G 120 -23.40 -20.87 -0.71
N LYS G 121 -22.37 -20.83 0.15
CA LYS G 121 -21.79 -19.55 0.57
C LYS G 121 -21.33 -18.73 -0.64
N ALA G 122 -20.54 -19.35 -1.53
CA ALA G 122 -20.04 -18.64 -2.72
C ALA G 122 -21.17 -18.26 -3.66
N LEU G 123 -22.19 -19.12 -3.78
CA LEU G 123 -23.28 -18.84 -4.69
C LEU G 123 -24.05 -17.61 -4.25
N LEU G 124 -24.38 -17.53 -2.96
CA LEU G 124 -25.19 -16.45 -2.42
C LEU G 124 -24.37 -15.20 -2.16
N GLY G 125 -23.08 -15.26 -2.40
CA GLY G 125 -22.21 -14.11 -2.29
C GLY G 125 -22.02 -13.38 -3.57
N ILE G 126 -22.56 -13.92 -4.67
CA ILE G 126 -22.43 -13.27 -5.95
C ILE G 126 -23.21 -11.96 -5.90
N GLN G 127 -22.58 -10.90 -6.36
CA GLN G 127 -23.19 -9.59 -6.41
C GLN G 127 -23.60 -9.34 -7.86
N GLY G 128 -24.91 -9.29 -8.10
CA GLY G 128 -25.42 -9.13 -9.45
C GLY G 128 -25.90 -10.42 -10.11
N SER G 129 -25.55 -10.57 -11.38
CA SER G 129 -25.80 -11.80 -12.12
C SER G 129 -24.52 -12.61 -12.26
N GLY G 130 -24.67 -13.92 -12.26
CA GLY G 130 -23.52 -14.76 -12.47
C GLY G 130 -23.85 -16.20 -12.22
N TRP G 131 -22.78 -17.01 -12.22
CA TRP G 131 -22.85 -18.46 -12.10
C TRP G 131 -21.89 -18.92 -11.02
N GLY G 132 -22.18 -20.08 -10.47
CA GLY G 132 -21.20 -20.76 -9.63
C GLY G 132 -20.74 -22.07 -10.23
N TRP G 133 -19.45 -22.30 -10.23
CA TRP G 133 -18.89 -23.48 -10.90
C TRP G 133 -18.02 -24.26 -9.92
N LEU G 134 -18.19 -25.58 -9.96
CA LEU G 134 -17.15 -26.52 -9.52
C LEU G 134 -16.25 -26.80 -10.73
N VAL G 135 -15.02 -26.30 -10.71
CA VAL G 135 -14.13 -26.56 -11.81
C VAL G 135 -13.00 -27.50 -11.39
N LYS G 136 -12.34 -28.05 -12.41
CA LYS G 136 -11.15 -28.87 -12.27
C LYS G 136 -9.98 -27.99 -12.71
N GLU G 137 -8.96 -27.87 -11.88
CA GLU G 137 -7.76 -27.12 -12.22
C GLU G 137 -6.55 -27.98 -11.93
N GLY G 138 -5.91 -28.46 -12.99
CA GLY G 138 -4.94 -29.52 -12.81
C GLY G 138 -5.63 -30.74 -12.24
N SER G 139 -5.17 -31.18 -11.08
CA SER G 139 -5.77 -32.32 -10.41
C SER G 139 -6.82 -31.91 -9.37
N GLY G 140 -6.59 -30.82 -8.65
CA GLY G 140 -7.50 -30.40 -7.61
C GLY G 140 -8.76 -29.74 -8.16
N LEU G 141 -9.62 -29.36 -7.23
CA LEU G 141 -10.85 -28.64 -7.52
C LEU G 141 -10.85 -27.29 -6.81
N ARG G 142 -11.31 -26.27 -7.51
CA ARG G 142 -11.72 -25.02 -6.91
C ARG G 142 -13.23 -24.91 -7.01
N ILE G 143 -13.80 -24.02 -6.21
CA ILE G 143 -15.09 -23.42 -6.49
C ILE G 143 -14.80 -22.02 -6.97
N VAL G 144 -15.44 -21.61 -8.07
CA VAL G 144 -15.27 -20.28 -8.62
C VAL G 144 -16.65 -19.74 -8.96
N THR G 145 -16.73 -18.42 -9.09
CA THR G 145 -17.92 -17.80 -9.63
C THR G 145 -17.55 -16.96 -10.83
N THR G 146 -18.52 -16.74 -11.72
CA THR G 146 -18.32 -15.93 -12.92
C THR G 146 -19.42 -14.89 -12.97
N LYS G 147 -19.10 -13.68 -13.42
CA LYS G 147 -20.15 -12.67 -13.58
C LYS G 147 -20.83 -12.79 -14.93
N ASP G 148 -22.12 -12.43 -14.95
CA ASP G 148 -22.87 -12.32 -16.20
C ASP G 148 -22.79 -13.60 -17.02
N GLN G 149 -22.15 -13.59 -18.19
CA GLN G 149 -22.00 -14.84 -18.93
C GLN G 149 -20.53 -15.19 -19.18
N ASP G 150 -19.61 -14.53 -18.47
CA ASP G 150 -18.20 -14.88 -18.54
C ASP G 150 -18.04 -16.39 -18.39
N PRO G 151 -17.17 -16.99 -19.18
CA PRO G 151 -16.74 -18.36 -18.93
C PRO G 151 -15.71 -18.40 -17.81
N VAL G 152 -15.49 -19.60 -17.27
CA VAL G 152 -14.45 -19.77 -16.26
C VAL G 152 -13.11 -19.38 -16.88
N VAL G 153 -12.20 -18.91 -16.02
CA VAL G 153 -10.85 -18.57 -16.44
C VAL G 153 -10.18 -19.79 -17.12
N GLY G 154 -9.27 -19.51 -18.05
CA GLY G 154 -8.65 -20.57 -18.83
C GLY G 154 -7.88 -21.56 -17.97
N GLY G 155 -7.88 -22.81 -18.38
CA GLY G 155 -7.23 -23.83 -17.61
C GLY G 155 -8.09 -24.42 -16.52
N GLU G 156 -9.33 -23.95 -16.38
CA GLU G 156 -10.32 -24.60 -15.54
C GLU G 156 -11.30 -25.34 -16.43
N VAL G 157 -11.83 -26.43 -15.92
CA VAL G 157 -12.73 -27.28 -16.69
C VAL G 157 -14.05 -27.37 -15.94
N PRO G 158 -15.13 -26.82 -16.47
CA PRO G 158 -16.43 -26.93 -15.80
C PRO G 158 -16.74 -28.37 -15.47
N VAL G 159 -17.06 -28.63 -14.20
CA VAL G 159 -17.63 -29.92 -13.76
C VAL G 159 -19.14 -29.84 -13.66
N PHE G 160 -19.66 -28.87 -12.92
CA PHE G 160 -21.06 -28.50 -13.05
C PHE G 160 -21.26 -27.03 -12.62
N GLY G 161 -22.34 -26.43 -13.09
CA GLY G 161 -22.64 -25.04 -12.78
C GLY G 161 -24.03 -24.82 -12.22
N ILE G 162 -24.17 -23.78 -11.41
CA ILE G 162 -25.49 -23.33 -10.98
C ILE G 162 -25.69 -21.88 -11.42
N ASP G 163 -26.79 -21.65 -12.13
CA ASP G 163 -27.14 -20.34 -12.62
C ASP G 163 -27.66 -19.52 -11.44
N MET G 164 -27.06 -18.36 -11.19
CA MET G 164 -27.50 -17.50 -10.10
C MET G 164 -28.10 -16.19 -10.58
N TRP G 165 -28.26 -16.00 -11.89
CA TRP G 165 -29.11 -14.92 -12.38
C TRP G 165 -30.48 -14.98 -11.73
N GLU G 166 -31.06 -13.81 -11.46
CA GLU G 166 -32.38 -13.80 -10.84
C GLU G 166 -33.41 -14.55 -11.70
N HIS G 167 -33.29 -14.46 -13.03
CA HIS G 167 -34.30 -15.09 -13.88
C HIS G 167 -34.35 -16.59 -13.67
N ALA G 168 -33.33 -17.15 -13.04
CA ALA G 168 -33.24 -18.58 -12.87
C ALA G 168 -34.12 -19.08 -11.75
N TYR G 169 -34.55 -18.18 -10.84
CA TYR G 169 -35.36 -18.59 -9.70
C TYR G 169 -36.47 -17.62 -9.31
N TYR G 170 -36.54 -16.41 -9.86
CA TYR G 170 -37.33 -15.35 -9.19
C TYR G 170 -38.82 -15.67 -9.18
N LEU G 171 -39.34 -16.27 -10.26
CA LEU G 171 -40.78 -16.51 -10.34
C LEU G 171 -41.28 -17.50 -9.28
N GLN G 172 -40.39 -18.33 -8.74
CA GLN G 172 -40.76 -19.32 -7.74
C GLN G 172 -40.29 -18.95 -6.35
N TYR G 173 -39.05 -18.48 -6.20
CA TYR G 173 -38.50 -18.24 -4.89
C TYR G 173 -38.44 -16.76 -4.49
N LEU G 174 -38.83 -15.87 -5.40
CA LEU G 174 -38.82 -14.40 -5.20
C LEU G 174 -37.39 -14.00 -4.83
N ASN G 175 -37.18 -13.28 -3.74
CA ASN G 175 -35.82 -12.97 -3.35
C ASN G 175 -35.15 -14.11 -2.60
N GLY G 176 -35.85 -15.22 -2.37
CA GLY G 176 -35.34 -16.32 -1.57
C GLY G 176 -34.28 -17.17 -2.24
N LYS G 177 -33.12 -16.57 -2.54
CA LYS G 177 -32.15 -17.34 -3.30
C LYS G 177 -31.57 -18.47 -2.47
N ALA G 178 -31.45 -18.27 -1.16
CA ALA G 178 -30.99 -19.33 -0.27
C ALA G 178 -31.86 -20.58 -0.38
N ALA G 179 -33.19 -20.41 -0.44
CA ALA G 179 -34.08 -21.55 -0.62
C ALA G 179 -33.80 -22.24 -1.95
N TYR G 180 -33.74 -21.44 -3.02
CA TYR G 180 -33.43 -21.97 -4.35
C TYR G 180 -32.18 -22.84 -4.31
N VAL G 181 -31.14 -22.38 -3.63
CA VAL G 181 -29.88 -23.13 -3.61
C VAL G 181 -30.02 -24.43 -2.82
N ASP G 182 -30.78 -24.42 -1.71
CA ASP G 182 -30.95 -25.66 -0.95
C ASP G 182 -31.69 -26.71 -1.77
N ASN G 183 -32.60 -26.27 -2.65
CA ASN G 183 -33.43 -27.20 -3.39
C ASN G 183 -32.81 -27.73 -4.67
N ILE G 184 -31.79 -27.06 -5.25
CA ILE G 184 -31.21 -27.55 -6.49
C ILE G 184 -30.38 -28.80 -6.26
N TRP G 185 -29.79 -28.95 -5.08
CA TRP G 185 -28.96 -30.11 -4.84
C TRP G 185 -29.70 -31.39 -5.19
N LYS G 186 -31.02 -31.37 -5.08
CA LYS G 186 -31.86 -32.52 -5.33
C LYS G 186 -32.03 -32.85 -6.81
N VAL G 187 -31.52 -32.01 -7.73
CA VAL G 187 -31.69 -32.26 -9.17
C VAL G 187 -30.35 -32.15 -9.92
N ILE G 188 -29.25 -32.09 -9.19
CA ILE G 188 -27.92 -32.07 -9.77
C ILE G 188 -27.57 -33.45 -10.37
N ASN G 189 -26.95 -33.44 -11.56
CA ASN G 189 -26.64 -34.66 -12.32
C ASN G 189 -25.19 -35.02 -12.09
N TRP G 190 -24.97 -35.90 -11.11
CA TRP G 190 -23.62 -36.33 -10.78
C TRP G 190 -23.02 -37.26 -11.81
N LYS G 191 -23.83 -37.92 -12.64
CA LYS G 191 -23.28 -38.66 -13.77
C LYS G 191 -22.44 -37.73 -14.64
N THR G 192 -23.03 -36.58 -15.01
CA THR G 192 -22.36 -35.62 -15.88
C THR G 192 -21.11 -35.03 -15.21
N ALA G 193 -21.25 -34.61 -13.95
CA ALA G 193 -20.11 -34.09 -13.23
C ALA G 193 -18.96 -35.09 -13.23
N GLU G 194 -19.28 -36.38 -13.11
CA GLU G 194 -18.26 -37.40 -13.21
C GLU G 194 -17.62 -37.42 -14.60
N GLN G 195 -18.45 -37.49 -15.65
CA GLN G 195 -17.93 -37.52 -17.02
C GLN G 195 -17.02 -36.32 -17.30
N ARG G 196 -17.38 -35.14 -16.82
CA ARG G 196 -16.53 -33.98 -17.09
C ARG G 196 -15.34 -33.90 -16.14
N PHE G 197 -15.41 -34.54 -14.97
CA PHE G 197 -14.25 -34.58 -14.09
C PHE G 197 -13.16 -35.46 -14.66
N LYS G 198 -13.51 -36.52 -15.39
CA LYS G 198 -12.49 -37.35 -15.99
C LYS G 198 -11.98 -36.75 -17.30
N GLY G 199 -12.90 -36.37 -18.21
CA GLY G 199 -12.52 -35.68 -19.44
C GLY G 199 -12.48 -36.56 -20.68
N ASP G 200 -11.59 -36.21 -21.62
CA ASP G 200 -11.42 -36.95 -22.87
C ASP G 200 -9.97 -37.42 -23.10
N VAL H 3 23.47 26.95 38.50
CA VAL H 3 23.62 25.59 37.96
C VAL H 3 24.77 24.86 38.63
N GLY H 4 25.90 25.55 38.79
CA GLY H 4 27.05 25.02 39.50
C GLY H 4 28.10 24.41 38.58
N THR H 5 28.84 23.41 39.08
CA THR H 5 29.86 22.73 38.29
C THR H 5 29.61 21.23 38.33
N PHE H 6 29.33 20.68 37.15
CA PHE H 6 29.47 19.27 36.76
C PHE H 6 30.69 18.61 37.37
N SER H 7 30.48 17.52 38.11
CA SER H 7 31.59 16.80 38.74
C SER H 7 31.46 15.32 38.37
N LEU H 8 31.89 14.99 37.14
CA LEU H 8 31.68 13.68 36.52
C LEU H 8 32.29 12.54 37.31
N PRO H 9 31.47 11.66 37.88
CA PRO H 9 32.02 10.59 38.75
C PRO H 9 33.03 9.73 38.00
N ALA H 10 33.87 9.06 38.78
CA ALA H 10 34.87 8.18 38.19
C ALA H 10 34.25 6.85 37.78
N LEU H 11 34.98 6.13 36.94
CA LEU H 11 34.62 4.77 36.60
C LEU H 11 34.79 3.85 37.82
N PRO H 12 33.92 2.85 37.98
CA PRO H 12 33.96 2.01 39.18
C PRO H 12 34.96 0.87 39.08
N TYR H 13 35.96 1.07 38.22
CA TYR H 13 37.03 0.12 37.96
C TYR H 13 38.10 0.86 37.18
N ALA H 14 39.28 0.27 37.07
CA ALA H 14 40.38 0.95 36.43
C ALA H 14 40.37 0.66 34.94
N TYR H 15 40.80 1.66 34.15
CA TYR H 15 40.85 1.62 32.70
C TYR H 15 41.20 0.25 32.10
N ASP H 16 42.20 -0.44 32.67
CA ASP H 16 42.62 -1.75 32.19
C ASP H 16 41.76 -2.90 32.71
N ALA H 17 40.70 -2.62 33.49
CA ALA H 17 39.93 -3.71 34.10
C ALA H 17 39.31 -4.61 33.04
N LEU H 18 38.70 -4.03 32.01
CA LEU H 18 37.88 -4.82 31.10
C LEU H 18 38.69 -5.53 30.02
N GLU H 19 39.99 -5.25 29.92
CA GLU H 19 40.88 -6.07 29.10
C GLU H 19 40.67 -7.56 29.41
N PRO H 20 40.87 -8.45 28.44
CA PRO H 20 41.32 -8.22 27.05
C PRO H 20 40.20 -7.82 26.04
N SER H 21 38.93 -7.83 26.47
CA SER H 21 37.81 -7.42 25.64
C SER H 21 37.97 -5.99 25.12
N ILE H 22 37.77 -5.01 26.01
CA ILE H 22 37.95 -3.59 25.70
C ILE H 22 39.31 -3.13 26.18
N SER H 23 40.13 -2.65 25.25
CA SER H 23 41.49 -2.23 25.57
C SER H 23 41.49 -1.11 26.60
N ALA H 24 42.63 -0.96 27.28
CA ALA H 24 42.75 0.12 28.25
C ALA H 24 42.73 1.48 27.56
N GLN H 25 43.22 1.54 26.30
CA GLN H 25 43.22 2.80 25.57
C GLN H 25 41.80 3.28 25.28
N ILE H 26 40.88 2.35 25.04
CA ILE H 26 39.50 2.78 24.75
C ILE H 26 38.81 3.23 26.03
N MET H 27 38.90 2.42 27.09
CA MET H 27 38.21 2.73 28.33
C MET H 27 38.59 4.11 28.84
N GLU H 28 39.87 4.46 28.70
CA GLU H 28 40.33 5.79 29.09
C GLU H 28 39.66 6.88 28.26
N LEU H 29 39.74 6.76 26.92
CA LEU H 29 39.24 7.83 26.05
C LEU H 29 37.72 7.87 26.01
N HIS H 30 37.09 6.70 26.13
CA HIS H 30 35.63 6.67 26.13
C HIS H 30 35.09 7.45 27.31
N HIS H 31 35.73 7.36 28.48
CA HIS H 31 35.28 8.07 29.67
C HIS H 31 35.76 9.52 29.67
N SER H 32 37.06 9.74 29.63
CA SER H 32 37.61 11.07 29.86
C SER H 32 37.41 12.03 28.69
N LYS H 33 37.08 11.54 27.51
CA LYS H 33 36.93 12.40 26.35
C LYS H 33 35.51 12.36 25.78
N HIS H 34 35.00 11.19 25.38
CA HIS H 34 33.64 11.15 24.85
C HIS H 34 32.61 11.44 25.93
N HIS H 35 32.69 10.75 27.07
CA HIS H 35 31.68 10.93 28.11
C HIS H 35 31.79 12.31 28.76
N GLN H 36 33.01 12.71 29.11
CA GLN H 36 33.22 14.06 29.65
C GLN H 36 32.73 15.13 28.67
N THR H 37 32.88 14.92 27.36
CA THR H 37 32.50 16.00 26.47
C THR H 37 30.99 16.25 26.54
N TYR H 38 30.19 15.19 26.72
CA TYR H 38 28.76 15.38 26.97
C TYR H 38 28.53 16.18 28.25
N VAL H 39 29.22 15.80 29.33
CA VAL H 39 29.00 16.44 30.63
C VAL H 39 29.30 17.93 30.54
N THR H 40 30.49 18.30 30.04
CA THR H 40 30.86 19.71 29.97
C THR H 40 29.90 20.46 29.05
N ASN H 41 29.55 19.87 27.91
CA ASN H 41 28.68 20.57 26.97
C ASN H 41 27.28 20.76 27.54
N LEU H 42 26.73 19.74 28.21
CA LEU H 42 25.45 19.87 28.90
C LEU H 42 25.49 21.01 29.91
N ASN H 43 26.51 20.97 30.77
CA ASN H 43 26.75 22.02 31.75
C ASN H 43 26.73 23.40 31.11
N ASN H 44 27.56 23.62 30.09
CA ASN H 44 27.62 24.95 29.51
C ASN H 44 26.30 25.34 28.84
N ALA H 45 25.57 24.36 28.28
CA ALA H 45 24.25 24.66 27.74
C ALA H 45 23.26 25.01 28.84
N LEU H 46 23.36 24.34 30.00
CA LEU H 46 22.41 24.63 31.09
C LEU H 46 22.67 26.01 31.66
N LYS H 47 23.94 26.36 31.87
CA LYS H 47 24.29 27.70 32.29
C LYS H 47 23.71 28.71 31.33
N THR H 48 23.99 28.54 30.03
CA THR H 48 23.46 29.47 29.04
C THR H 48 21.94 29.51 29.08
N TYR H 49 21.31 28.34 29.22
CA TYR H 49 19.85 28.28 29.34
C TYR H 49 19.36 29.11 30.52
N SER H 50 20.01 29.00 31.69
CA SER H 50 19.67 29.86 32.83
C SER H 50 19.50 31.30 32.40
N THR H 51 20.56 31.87 31.85
CA THR H 51 20.59 33.29 31.53
C THR H 51 19.87 33.61 30.22
N ALA H 52 19.35 32.61 29.50
CA ALA H 52 18.36 32.86 28.44
C ALA H 52 16.94 32.84 28.97
N LEU H 53 16.73 32.33 30.19
CA LEU H 53 15.48 32.50 30.91
C LEU H 53 15.45 33.82 31.69
N ALA H 54 16.59 34.18 32.30
CA ALA H 54 16.68 35.45 33.03
C ALA H 54 16.25 36.62 32.17
N ALA H 55 16.73 36.67 30.93
CA ALA H 55 16.13 37.48 29.88
C ALA H 55 15.04 36.66 29.20
N ASN H 56 14.11 37.34 28.53
CA ASN H 56 13.09 36.57 27.81
C ASN H 56 13.52 36.24 26.39
N ASP H 57 14.74 35.71 26.30
CA ASP H 57 15.37 35.28 25.06
C ASP H 57 14.78 33.91 24.66
N VAL H 58 13.52 33.96 24.24
CA VAL H 58 12.85 32.74 23.81
C VAL H 58 13.42 32.20 22.49
N PRO H 59 14.04 33.00 21.60
CA PRO H 59 14.71 32.36 20.45
C PRO H 59 15.77 31.36 20.86
N SER H 60 16.56 31.66 21.89
CA SER H 60 17.66 30.76 22.21
C SER H 60 17.31 29.75 23.30
N GLN H 61 16.22 29.99 24.05
CA GLN H 61 15.64 28.91 24.85
C GLN H 61 15.31 27.71 23.97
N ILE H 62 14.80 27.98 22.77
CA ILE H 62 14.47 26.90 21.84
C ILE H 62 15.73 26.24 21.29
N ALA H 63 16.75 27.06 20.98
CA ALA H 63 17.99 26.52 20.43
C ALA H 63 18.70 25.61 21.44
N LEU H 64 18.64 25.98 22.72
CA LEU H 64 19.38 25.27 23.75
C LEU H 64 18.68 23.98 24.21
N GLN H 65 17.36 23.86 23.98
CA GLN H 65 16.66 22.62 24.31
C GLN H 65 17.30 21.42 23.62
N ALA H 66 17.50 21.51 22.30
CA ALA H 66 18.14 20.40 21.58
C ALA H 66 19.50 20.05 22.17
N ALA H 67 20.31 21.06 22.52
CA ALA H 67 21.60 20.77 23.14
C ALA H 67 21.40 20.18 24.53
N ILE H 68 20.44 20.69 25.28
CA ILE H 68 20.15 20.11 26.59
C ILE H 68 19.76 18.64 26.45
N LYS H 69 18.98 18.31 25.40
CA LYS H 69 18.50 16.94 25.20
C LYS H 69 19.62 16.00 24.74
N PHE H 70 20.40 16.42 23.72
CA PHE H 70 21.44 15.56 23.16
C PHE H 70 22.53 15.22 24.18
N ASN H 71 22.99 16.21 24.94
CA ASN H 71 24.11 15.96 25.84
C ASN H 71 23.66 15.28 27.12
N GLY H 72 22.52 15.70 27.67
CA GLY H 72 21.96 14.95 28.77
C GLY H 72 21.82 13.49 28.41
N ALA H 73 21.34 13.21 27.19
CA ALA H 73 21.15 11.84 26.73
C ALA H 73 22.48 11.11 26.60
N GLY H 74 23.47 11.75 25.99
CA GLY H 74 24.79 11.13 25.84
C GLY H 74 25.43 10.79 27.17
N HIS H 75 25.13 11.59 28.20
CA HIS H 75 25.72 11.35 29.52
C HIS H 75 25.01 10.21 30.24
N ILE H 76 23.69 10.21 30.21
CA ILE H 76 22.94 9.12 30.81
C ILE H 76 23.33 7.80 30.16
N ASN H 77 23.32 7.75 28.83
CA ASN H 77 23.62 6.51 28.13
C ASN H 77 24.97 5.96 28.54
N HIS H 78 25.99 6.82 28.56
CA HIS H 78 27.32 6.31 28.89
C HIS H 78 27.41 5.91 30.36
N SER H 79 26.78 6.70 31.23
CA SER H 79 26.69 6.37 32.65
C SER H 79 26.15 4.96 32.84
N LEU H 80 24.90 4.74 32.40
CA LEU H 80 24.34 3.40 32.39
C LEU H 80 25.30 2.38 31.79
N PHE H 81 25.90 2.69 30.63
CA PHE H 81 26.82 1.75 29.98
C PHE H 81 27.90 1.25 30.94
N TRP H 82 28.50 2.14 31.73
CA TRP H 82 29.59 1.71 32.61
C TRP H 82 29.09 0.71 33.66
N GLU H 83 27.82 0.80 34.04
CA GLU H 83 27.27 -0.13 35.02
C GLU H 83 27.07 -1.53 34.43
N ASN H 84 26.67 -1.64 33.15
CA ASN H 84 26.54 -2.93 32.46
C ASN H 84 27.84 -3.71 32.36
N LEU H 85 28.92 -3.15 32.88
CA LEU H 85 30.24 -3.71 32.63
C LEU H 85 30.96 -3.95 33.94
N CYS H 86 31.83 -4.97 33.93
CA CYS H 86 32.60 -5.42 35.07
C CYS H 86 33.60 -6.46 34.58
N PRO H 87 34.74 -6.65 35.26
CA PRO H 87 35.83 -7.45 34.66
C PRO H 87 35.40 -8.88 34.39
N ALA H 88 36.09 -9.51 33.42
CA ALA H 88 35.75 -10.87 33.01
C ALA H 88 35.88 -11.87 34.16
N SER H 89 36.84 -11.65 35.06
CA SER H 89 37.09 -12.54 36.19
C SER H 89 36.11 -12.36 37.34
N SER H 90 35.27 -11.31 37.34
CA SER H 90 34.41 -11.03 38.48
C SER H 90 33.26 -12.04 38.58
N PRO H 91 32.68 -12.18 39.79
CA PRO H 91 31.42 -12.93 39.92
C PRO H 91 30.31 -12.45 39.01
N ASP H 92 30.14 -11.13 38.91
CA ASP H 92 29.01 -10.54 38.22
C ASP H 92 29.09 -10.63 36.70
N ALA H 93 30.21 -11.14 36.17
CA ALA H 93 30.29 -11.50 34.76
C ALA H 93 29.66 -12.85 34.49
N ASP H 94 29.29 -13.57 35.53
CA ASP H 94 28.59 -14.82 35.24
C ASP H 94 27.09 -14.58 35.20
N PRO H 95 26.43 -15.14 34.18
CA PRO H 95 24.97 -14.90 34.02
C PRO H 95 24.13 -15.38 35.20
N ALA H 96 24.56 -16.43 35.90
CA ALA H 96 23.81 -16.88 37.06
C ALA H 96 23.71 -15.82 38.14
N SER H 97 24.49 -14.74 38.05
CA SER H 97 24.24 -13.60 38.92
C SER H 97 22.86 -12.98 38.68
N ALA H 98 22.14 -13.39 37.63
CA ALA H 98 20.88 -12.75 37.25
C ALA H 98 19.82 -13.81 36.93
N PRO H 99 19.51 -14.70 37.87
CA PRO H 99 18.66 -15.85 37.52
C PRO H 99 17.22 -15.49 37.22
N GLU H 100 16.66 -14.45 37.88
CA GLU H 100 15.31 -14.01 37.49
C GLU H 100 15.32 -13.45 36.07
N LEU H 101 16.45 -12.91 35.61
CA LEU H 101 16.55 -12.41 34.24
C LEU H 101 16.84 -13.54 33.26
N THR H 102 17.94 -14.29 33.49
CA THR H 102 18.29 -15.39 32.60
C THR H 102 17.16 -16.41 32.46
N ALA H 103 16.24 -16.47 33.43
CA ALA H 103 15.04 -17.27 33.26
C ALA H 103 14.15 -16.66 32.18
N GLU H 104 13.75 -15.40 32.38
CA GLU H 104 12.86 -14.74 31.42
C GLU H 104 13.47 -14.71 30.01
N ILE H 105 14.80 -14.70 29.90
CA ILE H 105 15.44 -14.66 28.59
C ILE H 105 15.23 -15.97 27.85
N ALA H 106 15.35 -17.09 28.56
CA ALA H 106 15.19 -18.39 27.92
C ALA H 106 13.78 -18.56 27.35
N LYS H 107 12.76 -18.34 28.19
CA LYS H 107 11.38 -18.44 27.71
C LYS H 107 11.17 -17.63 26.44
N THR H 108 11.86 -16.49 26.30
CA THR H 108 11.56 -15.54 25.23
C THR H 108 12.26 -15.90 23.92
N TRP H 109 13.52 -16.31 23.97
CA TRP H 109 14.28 -16.71 22.79
C TRP H 109 14.56 -18.20 22.73
N GLY H 110 14.62 -18.88 23.87
CA GLY H 110 14.90 -20.30 23.88
C GLY H 110 16.13 -20.63 24.71
N SER H 111 17.11 -19.74 24.68
CA SER H 111 18.45 -20.04 25.18
C SER H 111 19.17 -18.73 25.40
N LEU H 112 20.00 -18.68 26.45
CA LEU H 112 20.86 -17.52 26.61
C LEU H 112 21.74 -17.31 25.38
N ASP H 113 22.10 -18.38 24.67
CA ASP H 113 22.91 -18.20 23.46
C ASP H 113 22.06 -17.75 22.27
N LYS H 114 20.83 -18.24 22.16
CA LYS H 114 19.96 -17.77 21.08
C LYS H 114 19.65 -16.28 21.23
N PHE H 115 19.84 -15.73 22.43
CA PHE H 115 19.62 -14.31 22.65
C PHE H 115 20.85 -13.49 22.28
N LYS H 116 22.05 -14.02 22.58
CA LYS H 116 23.29 -13.39 22.12
C LYS H 116 23.27 -13.20 20.60
N GLU H 117 22.73 -14.18 19.88
CA GLU H 117 22.68 -14.08 18.43
C GLU H 117 21.64 -13.07 17.97
N ALA H 118 20.46 -13.08 18.59
CA ALA H 118 19.44 -12.13 18.19
C ALA H 118 19.93 -10.70 18.36
N MET H 119 20.69 -10.47 19.43
CA MET H 119 21.21 -9.14 19.75
C MET H 119 22.51 -8.84 19.02
N GLY H 120 23.39 -9.84 18.89
CA GLY H 120 24.48 -9.71 17.94
C GLY H 120 23.98 -9.26 16.59
N LYS H 121 22.86 -9.84 16.13
CA LYS H 121 22.32 -9.45 14.84
C LYS H 121 21.78 -8.02 14.86
N ALA H 122 21.03 -7.65 15.90
CA ALA H 122 20.53 -6.29 16.02
C ALA H 122 21.66 -5.28 16.17
N LEU H 123 22.66 -5.62 16.99
CA LEU H 123 23.79 -4.73 17.19
C LEU H 123 24.53 -4.48 15.88
N LEU H 124 24.87 -5.55 15.16
CA LEU H 124 25.70 -5.38 13.97
C LEU H 124 24.93 -4.76 12.82
N GLY H 125 23.61 -4.73 12.90
CA GLY H 125 22.77 -4.20 11.87
C GLY H 125 22.39 -2.76 12.05
N ILE H 126 22.88 -2.11 13.11
CA ILE H 126 22.66 -0.69 13.27
C ILE H 126 23.46 0.05 12.21
N GLN H 127 22.85 1.09 11.68
CA GLN H 127 23.45 1.89 10.62
C GLN H 127 23.98 3.18 11.22
N GLY H 128 25.26 3.46 11.00
CA GLY H 128 25.79 4.65 11.62
C GLY H 128 26.01 4.44 13.10
N SER H 129 25.69 5.47 13.89
CA SER H 129 25.97 5.46 15.30
C SER H 129 24.72 5.10 16.10
N GLY H 130 24.88 4.30 17.15
CA GLY H 130 23.77 4.05 18.03
C GLY H 130 24.09 2.99 19.05
N TRP H 131 23.04 2.57 19.77
CA TRP H 131 23.15 1.64 20.88
C TRP H 131 22.25 0.43 20.66
N GLY H 132 22.53 -0.63 21.40
CA GLY H 132 21.59 -1.74 21.49
C GLY H 132 21.23 -2.01 22.93
N TRP H 133 19.94 -2.16 23.23
CA TRP H 133 19.48 -2.41 24.59
C TRP H 133 18.65 -3.67 24.70
N LEU H 134 18.82 -4.38 25.81
CA LEU H 134 17.83 -5.35 26.28
C LEU H 134 16.90 -4.60 27.24
N VAL H 135 15.69 -4.33 26.79
CA VAL H 135 14.74 -3.56 27.60
C VAL H 135 13.67 -4.45 28.21
N LYS H 136 12.80 -3.86 29.02
CA LYS H 136 11.74 -4.55 29.77
C LYS H 136 10.40 -3.91 29.42
N GLU H 137 9.52 -4.67 28.77
CA GLU H 137 8.15 -4.24 28.48
C GLU H 137 7.18 -4.89 29.47
N GLY H 138 7.29 -4.44 30.73
CA GLY H 138 6.47 -4.95 31.80
C GLY H 138 6.98 -6.25 32.41
N SER H 139 6.60 -7.38 31.82
CA SER H 139 7.23 -8.66 32.11
C SER H 139 7.95 -9.24 30.88
N GLY H 140 7.77 -8.62 29.71
CA GLY H 140 8.45 -9.08 28.51
C GLY H 140 9.77 -8.36 28.25
N LEU H 141 10.67 -9.07 27.57
CA LEU H 141 11.96 -8.55 27.17
C LEU H 141 11.99 -8.37 25.66
N ARG H 142 12.17 -7.14 25.21
CA ARG H 142 12.48 -6.86 23.81
C ARG H 142 13.97 -6.56 23.67
N ILE H 143 14.44 -6.63 22.42
CA ILE H 143 15.73 -6.09 22.03
C ILE H 143 15.46 -4.92 21.09
N VAL H 144 15.98 -3.73 21.42
CA VAL H 144 15.77 -2.55 20.59
C VAL H 144 17.09 -1.84 20.34
N THR H 145 17.14 -1.07 19.24
CA THR H 145 18.25 -0.18 18.93
C THR H 145 17.79 1.26 19.01
N THR H 146 18.66 2.14 19.49
CA THR H 146 18.46 3.57 19.41
C THR H 146 19.57 4.19 18.56
N LYS H 147 19.28 5.32 17.92
CA LYS H 147 20.30 5.93 17.07
C LYS H 147 20.98 7.08 17.82
N ASP H 148 22.22 7.37 17.45
CA ASP H 148 23.00 8.48 18.01
C ASP H 148 22.93 8.38 19.53
N GLN H 149 22.60 9.46 20.24
CA GLN H 149 22.42 9.35 21.69
C GLN H 149 20.93 9.35 22.07
N ASP H 150 20.05 8.94 21.17
CA ASP H 150 18.63 8.84 21.50
C ASP H 150 18.44 7.86 22.67
N PRO H 151 17.52 8.14 23.58
CA PRO H 151 17.18 7.17 24.62
C PRO H 151 15.97 6.34 24.18
N VAL H 152 15.72 5.27 24.95
CA VAL H 152 14.70 4.29 24.55
C VAL H 152 13.30 4.87 24.69
N VAL H 153 12.35 4.28 23.95
CA VAL H 153 11.02 4.85 23.82
C VAL H 153 10.30 4.81 25.17
N GLY H 154 9.34 5.73 25.33
CA GLY H 154 8.55 5.79 26.55
C GLY H 154 7.85 4.48 26.85
N GLY H 155 8.09 3.93 28.03
CA GLY H 155 7.54 2.65 28.43
C GLY H 155 8.55 1.55 28.47
N GLU H 156 9.64 1.66 27.73
CA GLU H 156 10.74 0.71 27.83
C GLU H 156 11.66 1.11 28.98
N VAL H 157 12.18 0.08 29.66
CA VAL H 157 13.03 0.25 30.84
C VAL H 157 14.31 -0.52 30.57
N PRO H 158 15.46 0.13 30.68
CA PRO H 158 16.70 -0.51 30.25
C PRO H 158 17.12 -1.59 31.23
N VAL H 159 17.71 -2.65 30.68
CA VAL H 159 18.36 -3.68 31.47
C VAL H 159 19.87 -3.67 31.25
N PHE H 160 20.30 -3.76 29.99
CA PHE H 160 21.69 -3.44 29.68
C PHE H 160 21.78 -2.97 28.23
N GLY H 161 22.62 -1.97 27.99
CA GLY H 161 22.91 -1.48 26.65
C GLY H 161 24.34 -1.78 26.24
N ILE H 162 24.55 -1.89 24.93
CA ILE H 162 25.87 -2.06 24.35
C ILE H 162 26.09 -0.93 23.36
N ASP H 163 27.22 -0.22 23.51
CA ASP H 163 27.54 0.92 22.67
C ASP H 163 28.05 0.42 21.32
N MET H 164 27.40 0.83 20.23
CA MET H 164 27.83 0.44 18.89
C MET H 164 28.43 1.59 18.08
N TRP H 165 28.52 2.78 18.67
CA TRP H 165 29.36 3.84 18.14
C TRP H 165 30.75 3.30 17.84
N GLU H 166 31.42 3.86 16.84
CA GLU H 166 32.66 3.23 16.43
C GLU H 166 33.78 3.43 17.45
N HIS H 167 33.79 4.58 18.13
CA HIS H 167 34.80 4.82 19.16
C HIS H 167 34.70 3.84 20.30
N ALA H 168 33.64 3.03 20.36
CA ALA H 168 33.53 1.95 21.32
C ALA H 168 34.42 0.76 21.02
N TYR H 169 35.02 0.67 19.82
CA TYR H 169 35.77 -0.52 19.47
C TYR H 169 36.88 -0.28 18.49
N TYR H 170 36.82 0.82 17.74
CA TYR H 170 37.62 0.94 16.51
C TYR H 170 39.12 0.82 16.79
N LEU H 171 39.62 1.54 17.80
CA LEU H 171 41.07 1.50 18.11
C LEU H 171 41.58 0.09 18.31
N GLN H 172 40.76 -0.80 18.86
CA GLN H 172 41.14 -2.18 19.12
C GLN H 172 40.73 -3.12 18.00
N TYR H 173 39.50 -3.00 17.53
CA TYR H 173 38.91 -3.98 16.62
C TYR H 173 38.83 -3.51 15.18
N LEU H 174 39.29 -2.28 14.91
CA LEU H 174 39.10 -1.69 13.60
C LEU H 174 37.65 -1.93 13.17
N ASN H 175 37.43 -2.25 11.90
CA ASN H 175 36.07 -2.39 11.40
C ASN H 175 35.43 -3.72 11.80
N GLY H 176 36.11 -4.50 12.66
CA GLY H 176 35.62 -5.80 13.08
C GLY H 176 34.53 -5.70 14.13
N LYS H 177 33.36 -5.20 13.74
CA LYS H 177 32.23 -5.11 14.66
C LYS H 177 31.98 -6.44 15.34
N ALA H 178 31.94 -7.53 14.56
CA ALA H 178 31.54 -8.82 15.12
C ALA H 178 32.45 -9.23 16.26
N ALA H 179 33.77 -9.03 16.11
CA ALA H 179 34.72 -9.45 17.14
C ALA H 179 34.52 -8.66 18.42
N TYR H 180 34.30 -7.34 18.30
CA TYR H 180 33.97 -6.52 19.45
C TYR H 180 32.77 -7.10 20.21
N VAL H 181 31.70 -7.44 19.49
CA VAL H 181 30.49 -7.94 20.14
C VAL H 181 30.74 -9.31 20.76
N ASP H 182 31.26 -10.26 19.97
CA ASP H 182 31.57 -11.60 20.49
C ASP H 182 32.34 -11.54 21.80
N ASN H 183 33.35 -10.67 21.88
CA ASN H 183 34.16 -10.57 23.09
C ASN H 183 33.51 -9.73 24.18
N ILE H 184 32.56 -8.86 23.85
CA ILE H 184 31.98 -8.02 24.90
C ILE H 184 30.98 -8.76 25.76
N TRP H 185 30.56 -9.98 25.38
CA TRP H 185 29.72 -10.74 26.30
C TRP H 185 30.48 -11.09 27.56
N LYS H 186 31.79 -11.34 27.42
CA LYS H 186 32.58 -11.81 28.56
C LYS H 186 32.63 -10.81 29.71
N VAL H 187 32.36 -9.53 29.45
CA VAL H 187 32.46 -8.53 30.53
C VAL H 187 31.15 -7.78 30.75
N ILE H 188 30.02 -8.46 30.55
CA ILE H 188 28.73 -7.89 30.90
C ILE H 188 28.49 -8.05 32.40
N ASN H 189 27.97 -7.01 33.03
CA ASN H 189 27.64 -7.03 34.46
C ASN H 189 26.23 -7.57 34.61
N TRP H 190 26.11 -8.89 34.76
CA TRP H 190 24.80 -9.50 34.92
C TRP H 190 24.17 -9.14 36.26
N LYS H 191 25.00 -8.84 37.28
CA LYS H 191 24.47 -8.32 38.54
C LYS H 191 23.68 -7.03 38.30
N THR H 192 24.27 -6.07 37.59
CA THR H 192 23.54 -4.85 37.23
C THR H 192 22.32 -5.17 36.40
N ALA H 193 22.45 -6.14 35.48
CA ALA H 193 21.35 -6.53 34.60
C ALA H 193 20.09 -6.83 35.42
N GLU H 194 20.20 -7.71 36.42
CA GLU H 194 19.01 -8.12 37.16
C GLU H 194 18.52 -7.03 38.10
N GLN H 195 19.44 -6.27 38.71
CA GLN H 195 19.02 -5.24 39.66
C GLN H 195 18.08 -4.23 39.01
N ARG H 196 18.28 -3.97 37.72
CA ARG H 196 17.35 -3.13 36.98
C ARG H 196 16.12 -3.90 36.55
N PHE H 197 16.27 -5.20 36.28
CA PHE H 197 15.12 -6.05 35.99
C PHE H 197 14.09 -5.95 37.11
N LYS H 198 14.50 -6.24 38.34
CA LYS H 198 13.67 -6.10 39.53
C LYS H 198 13.45 -4.63 39.88
MN MN I . -12.85 11.11 30.55
MN MN J . 13.93 -18.63 -26.46
MN MN K . -33.01 -3.01 -7.27
MN MN L . 33.32 6.45 5.36
MN MN M . 1.83 -11.01 -37.90
MN MN N . -1.92 25.76 29.12
MN MN O . -29.87 -18.22 -17.12
MN MN P . 30.22 5.93 23.36
#